data_1H4T
#
_entry.id   1H4T
#
_cell.length_a   132.570
_cell.length_b   193.470
_cell.length_c   125.240
_cell.angle_alpha   90.00
_cell.angle_beta   90.00
_cell.angle_gamma   90.00
#
_symmetry.space_group_name_H-M   'P 21 21 2'
#
loop_
_entity.id
_entity.type
_entity.pdbx_description
1 polymer 'PROLYL-TRNA SYNTHETASE'
2 non-polymer PROLINE
3 non-polymer 'ZINC ION'
4 water water
#
_entity_poly.entity_id   1
_entity_poly.type   'polypeptide(L)'
_entity_poly.pdbx_seq_one_letter_code
;MAKEKGLTPQSQDFSEWYLEVIQKAELADYGPVRGTIVVRPYGYAIWENIQQVLDRMFKETGHQNAYFPLFIPMSFLRKE
AEHVEGFSPELAVVTHAGGEELEEPLAVRPTSETVIGYMWSKWIRSWRDLPQLLNQWGNVVRWEMRTRPFLRTSEFLWQE
GHTAHATREEAEEEVRRMLSIYARLAREYAAIPVIEGLKTEKEKFAGAVYTTTIEALMKDGKALQAGTSHYLGENFARAF
DIKFQDRDLQVKYVHTTSWGLSWRFIGAIIMTHGDDRGLVLPPRLAPIQVVIVPIYKDESRERVLEAAQGLRQALLAQGL
RVHLDDRDQHTPGYKFHEWELKGVPFRVELGPKDLEGGQAVLASRLGGKETLPLAALPEALPGKLDAFHEELYRRALAFR
EDHTRKVDTYEAFKEAVQEGFALAFHCGDKACERLIQEETTATTRCVPFEAEPEEGFCVRCGRPSAYGKRVVFAKAY
;
_entity_poly.pdbx_strand_id   A,B,C,D
#
# COMPACT_ATOMS: atom_id res chain seq x y z
N LYS A 5 12.48 -22.32 65.24
CA LYS A 5 11.17 -22.16 65.94
C LYS A 5 10.05 -22.71 65.05
N GLY A 6 9.43 -23.80 65.48
CA GLY A 6 8.35 -24.41 64.72
C GLY A 6 7.09 -23.55 64.69
N LEU A 7 6.11 -23.99 63.90
CA LEU A 7 4.85 -23.26 63.77
C LEU A 7 4.03 -23.19 65.06
N THR A 8 3.96 -22.00 65.65
CA THR A 8 3.16 -21.82 66.85
C THR A 8 1.78 -22.43 66.57
N PRO A 9 1.41 -23.50 67.28
CA PRO A 9 0.11 -24.13 67.05
C PRO A 9 -1.04 -23.14 67.12
N GLN A 10 -2.07 -23.40 66.32
CA GLN A 10 -3.24 -22.54 66.25
C GLN A 10 -3.90 -22.34 67.60
N SER A 11 -3.93 -23.39 68.41
CA SER A 11 -4.55 -23.33 69.73
C SER A 11 -3.79 -22.45 70.71
N GLN A 12 -2.52 -22.20 70.42
CA GLN A 12 -1.68 -21.40 71.29
C GLN A 12 -1.77 -19.90 70.99
N ASP A 13 -1.70 -19.55 69.71
CA ASP A 13 -1.79 -18.15 69.27
C ASP A 13 -2.02 -18.14 67.76
N PHE A 14 -3.30 -18.18 67.38
CA PHE A 14 -3.69 -18.22 65.97
C PHE A 14 -3.08 -17.11 65.12
N SER A 15 -3.01 -15.91 65.67
CA SER A 15 -2.44 -14.79 64.95
C SER A 15 -0.99 -15.04 64.63
N GLU A 16 -0.20 -15.37 65.64
CA GLU A 16 1.21 -15.63 65.42
C GLU A 16 1.36 -16.81 64.48
N TRP A 17 0.43 -17.76 64.53
CA TRP A 17 0.49 -18.92 63.64
C TRP A 17 0.38 -18.42 62.21
N TYR A 18 -0.60 -17.55 61.99
CA TYR A 18 -0.84 -16.99 60.66
C TYR A 18 0.39 -16.26 60.12
N LEU A 19 0.88 -15.26 60.83
CA LEU A 19 2.06 -14.53 60.36
C LEU A 19 3.19 -15.53 60.08
N GLU A 20 3.31 -16.52 60.94
CA GLU A 20 4.35 -17.52 60.80
C GLU A 20 4.21 -18.41 59.57
N VAL A 21 3.03 -18.98 59.36
CA VAL A 21 2.82 -19.86 58.21
C VAL A 21 3.06 -19.12 56.90
N ILE A 22 2.69 -17.85 56.87
CA ILE A 22 2.86 -17.02 55.68
C ILE A 22 4.36 -16.86 55.37
N GLN A 23 5.16 -16.63 56.41
CA GLN A 23 6.59 -16.46 56.24
C GLN A 23 7.21 -17.78 55.82
N LYS A 24 6.90 -18.84 56.56
CA LYS A 24 7.44 -20.17 56.30
C LYS A 24 7.04 -20.82 54.99
N ALA A 25 5.82 -20.57 54.52
CA ALA A 25 5.38 -21.15 53.25
C ALA A 25 5.88 -20.26 52.11
N GLU A 26 6.64 -19.23 52.47
CA GLU A 26 7.19 -18.29 51.50
C GLU A 26 6.09 -17.75 50.60
N LEU A 27 4.98 -17.38 51.23
CA LEU A 27 3.82 -16.85 50.54
C LEU A 27 4.00 -15.37 50.28
N ALA A 28 4.60 -14.68 51.26
CA ALA A 28 4.81 -13.26 51.15
C ALA A 28 5.85 -12.78 52.16
N ASP A 29 6.19 -11.50 52.09
CA ASP A 29 7.18 -10.91 52.98
C ASP A 29 6.90 -9.43 53.09
N TYR A 30 7.54 -8.76 54.03
CA TYR A 30 7.31 -7.34 54.21
C TYR A 30 8.24 -6.47 53.36
N GLY A 31 7.66 -5.49 52.67
CA GLY A 31 8.46 -4.61 51.85
C GLY A 31 9.08 -3.50 52.67
N PRO A 32 10.01 -2.72 52.09
CA PRO A 32 10.67 -1.62 52.79
C PRO A 32 9.76 -0.50 53.33
N VAL A 33 8.53 -0.42 52.82
CA VAL A 33 7.58 0.61 53.27
C VAL A 33 6.53 -0.01 54.18
N ARG A 34 6.25 0.64 55.30
CA ARG A 34 5.26 0.15 56.28
C ARG A 34 3.88 -0.08 55.69
N GLY A 35 3.26 -1.22 56.04
CA GLY A 35 1.94 -1.55 55.55
C GLY A 35 1.98 -2.12 54.15
N THR A 36 3.20 -2.42 53.73
CA THR A 36 3.46 -2.95 52.40
C THR A 36 4.02 -4.37 52.46
N ILE A 37 3.59 -5.21 51.51
CA ILE A 37 4.08 -6.58 51.44
C ILE A 37 4.38 -6.98 50.00
N VAL A 38 5.21 -8.00 49.85
CA VAL A 38 5.56 -8.51 48.53
C VAL A 38 5.01 -9.92 48.50
N VAL A 39 4.35 -10.28 47.41
CA VAL A 39 3.80 -11.62 47.27
C VAL A 39 4.82 -12.43 46.53
N ARG A 40 5.35 -13.46 47.18
CA ARG A 40 6.37 -14.33 46.59
C ARG A 40 5.78 -15.27 45.56
N PRO A 41 6.63 -15.81 44.66
CA PRO A 41 6.18 -16.73 43.60
C PRO A 41 5.07 -17.66 44.03
N TYR A 42 5.36 -18.53 45.00
CA TYR A 42 4.35 -19.48 45.45
C TYR A 42 3.03 -18.81 45.78
N GLY A 43 3.09 -17.70 46.50
CA GLY A 43 1.88 -17.00 46.87
C GLY A 43 1.20 -16.39 45.67
N TYR A 44 2.01 -15.82 44.77
CA TYR A 44 1.45 -15.20 43.57
C TYR A 44 0.78 -16.24 42.69
N ALA A 45 1.36 -17.42 42.63
CA ALA A 45 0.80 -18.52 41.83
C ALA A 45 -0.62 -18.80 42.28
N ILE A 46 -0.85 -18.69 43.58
CA ILE A 46 -2.19 -18.93 44.10
C ILE A 46 -3.10 -17.90 43.47
N TRP A 47 -2.71 -16.62 43.57
CA TRP A 47 -3.50 -15.55 43.02
C TRP A 47 -3.79 -15.77 41.54
N GLU A 48 -2.79 -16.19 40.78
CA GLU A 48 -2.99 -16.41 39.35
C GLU A 48 -4.13 -17.39 39.09
N ASN A 49 -4.13 -18.52 39.78
CA ASN A 49 -5.19 -19.51 39.59
C ASN A 49 -6.56 -18.87 39.86
N ILE A 50 -6.61 -18.03 40.90
CA ILE A 50 -7.86 -17.35 41.25
C ILE A 50 -8.26 -16.44 40.11
N GLN A 51 -7.28 -15.75 39.51
CA GLN A 51 -7.56 -14.85 38.40
C GLN A 51 -8.16 -15.64 37.24
N GLN A 52 -7.51 -16.75 36.90
CA GLN A 52 -7.93 -17.62 35.80
C GLN A 52 -9.34 -18.15 35.93
N VAL A 53 -9.68 -18.62 37.12
CA VAL A 53 -11.02 -19.16 37.36
C VAL A 53 -12.05 -18.03 37.25
N LEU A 54 -11.80 -16.93 37.97
CA LEU A 54 -12.73 -15.81 37.93
C LEU A 54 -12.83 -15.25 36.52
N ASP A 55 -11.71 -15.17 35.82
CA ASP A 55 -11.73 -14.64 34.47
C ASP A 55 -12.67 -15.46 33.58
N ARG A 56 -12.51 -16.79 33.58
CA ARG A 56 -13.39 -17.62 32.77
C ARG A 56 -14.84 -17.33 33.08
N MET A 57 -15.18 -17.26 34.36
CA MET A 57 -16.57 -17.01 34.76
C MET A 57 -17.02 -15.64 34.28
N PHE A 58 -16.18 -14.62 34.45
CA PHE A 58 -16.53 -13.28 34.03
C PHE A 58 -16.79 -13.23 32.52
N LYS A 59 -15.94 -13.92 31.76
CA LYS A 59 -16.06 -13.96 30.32
C LYS A 59 -17.32 -14.69 29.88
N GLU A 60 -17.59 -15.84 30.49
CA GLU A 60 -18.78 -16.63 30.15
C GLU A 60 -20.05 -15.83 30.39
N THR A 61 -19.96 -14.83 31.26
CA THR A 61 -21.12 -14.01 31.54
C THR A 61 -21.04 -12.66 30.80
N GLY A 62 -20.35 -12.68 29.67
CA GLY A 62 -20.20 -11.50 28.84
C GLY A 62 -19.43 -10.29 29.32
N HIS A 63 -18.49 -10.48 30.24
CA HIS A 63 -17.70 -9.35 30.73
C HIS A 63 -16.33 -9.29 30.05
N GLN A 64 -15.89 -8.07 29.77
CA GLN A 64 -14.58 -7.87 29.14
C GLN A 64 -13.65 -7.03 30.03
N ASN A 65 -12.37 -7.38 30.04
CA ASN A 65 -11.38 -6.66 30.84
C ASN A 65 -10.96 -5.37 30.13
N ALA A 66 -10.60 -4.36 30.93
CA ALA A 66 -10.14 -3.08 30.42
C ALA A 66 -9.11 -2.61 31.44
N TYR A 67 -8.63 -1.39 31.30
CA TYR A 67 -7.69 -0.89 32.29
C TYR A 67 -7.78 0.63 32.39
N PHE A 68 -8.27 1.09 33.54
CA PHE A 68 -8.43 2.51 33.77
C PHE A 68 -7.23 3.05 34.56
N PRO A 69 -7.12 4.38 34.67
CA PRO A 69 -6.01 5.01 35.39
C PRO A 69 -5.81 4.70 36.87
N LEU A 70 -4.55 4.78 37.27
CA LEU A 70 -4.13 4.56 38.65
C LEU A 70 -4.47 5.83 39.43
N PHE A 71 -4.25 6.97 38.78
CA PHE A 71 -4.50 8.25 39.38
C PHE A 71 -5.92 8.75 39.13
N ILE A 72 -6.53 9.31 40.18
CA ILE A 72 -7.88 9.82 40.11
C ILE A 72 -7.89 11.27 40.60
N PRO A 73 -8.59 12.16 39.89
CA PRO A 73 -8.64 13.57 40.30
C PRO A 73 -9.21 13.64 41.72
N MET A 74 -8.54 14.37 42.59
CA MET A 74 -8.98 14.50 43.97
C MET A 74 -10.44 14.96 44.08
N SER A 75 -10.84 15.84 43.17
CA SER A 75 -12.20 16.37 43.16
C SER A 75 -13.24 15.29 42.87
N PHE A 76 -12.81 14.13 42.41
CA PHE A 76 -13.75 13.05 42.11
C PHE A 76 -14.13 12.32 43.40
N LEU A 77 -13.27 12.43 44.42
CA LEU A 77 -13.52 11.76 45.69
C LEU A 77 -14.27 12.63 46.71
N PHE A 87 -7.19 15.62 53.09
CA PHE A 87 -7.03 14.30 52.40
C PHE A 87 -7.45 13.16 53.32
N SER A 88 -8.44 12.38 52.87
CA SER A 88 -8.92 11.23 53.64
C SER A 88 -7.76 10.32 53.99
N PRO A 89 -7.75 9.78 55.23
CA PRO A 89 -6.69 8.88 55.69
C PRO A 89 -6.44 7.72 54.73
N GLU A 90 -7.51 7.15 54.21
CA GLU A 90 -7.44 6.03 53.28
C GLU A 90 -6.51 6.31 52.08
N LEU A 91 -6.54 7.54 51.59
CA LEU A 91 -5.79 7.98 50.42
C LEU A 91 -4.27 8.15 50.49
N ALA A 92 -3.60 7.80 49.41
CA ALA A 92 -2.15 7.97 49.27
C ALA A 92 -2.07 9.01 48.16
N VAL A 93 -1.87 10.27 48.55
CA VAL A 93 -1.84 11.38 47.60
C VAL A 93 -0.48 11.77 47.01
N VAL A 94 -0.45 11.96 45.70
CA VAL A 94 0.77 12.40 45.03
C VAL A 94 0.64 13.92 44.85
N THR A 95 1.63 14.65 45.35
CA THR A 95 1.62 16.11 45.31
C THR A 95 2.68 16.67 44.36
N HIS A 96 3.63 15.81 43.98
CA HIS A 96 4.71 16.22 43.09
C HIS A 96 4.92 15.23 41.96
N ALA A 97 5.10 15.77 40.76
CA ALA A 97 5.34 14.98 39.56
C ALA A 97 5.95 15.92 38.54
N GLY A 98 6.61 15.36 37.53
CA GLY A 98 7.21 16.19 36.50
C GLY A 98 8.20 17.20 37.02
N GLY A 99 8.72 16.97 38.22
CA GLY A 99 9.70 17.87 38.80
C GLY A 99 9.17 19.21 39.28
N GLU A 100 7.90 19.25 39.61
CA GLU A 100 7.29 20.48 40.12
C GLU A 100 6.13 20.07 41.02
N GLU A 101 5.61 21.00 41.79
CA GLU A 101 4.48 20.67 42.66
C GLU A 101 3.18 20.84 41.90
N LEU A 102 2.37 19.79 41.90
CA LEU A 102 1.09 19.82 41.21
C LEU A 102 0.17 20.89 41.74
N GLU A 103 -0.54 21.55 40.84
CA GLU A 103 -1.49 22.57 41.25
C GLU A 103 -2.70 21.81 41.79
N GLU A 104 -2.89 20.59 41.30
CA GLU A 104 -3.99 19.73 41.73
C GLU A 104 -3.48 18.34 42.08
N PRO A 105 -3.24 18.08 43.37
CA PRO A 105 -2.75 16.77 43.84
C PRO A 105 -3.65 15.60 43.47
N LEU A 106 -3.03 14.55 42.96
CA LEU A 106 -3.77 13.38 42.53
C LEU A 106 -3.83 12.31 43.61
N ALA A 107 -4.89 11.52 43.55
CA ALA A 107 -5.08 10.44 44.51
C ALA A 107 -4.83 9.10 43.83
N VAL A 108 -4.15 8.21 44.55
CA VAL A 108 -3.90 6.88 44.01
C VAL A 108 -5.20 6.16 44.27
N ARG A 109 -5.81 5.65 43.20
CA ARG A 109 -7.10 4.99 43.30
C ARG A 109 -7.27 3.99 44.45
N PRO A 110 -8.31 4.18 45.27
CA PRO A 110 -8.64 3.32 46.40
C PRO A 110 -9.74 2.37 45.87
N THR A 111 -10.29 2.77 44.72
CA THR A 111 -11.35 2.05 44.01
C THR A 111 -11.69 2.83 42.72
N SER A 112 -11.98 2.11 41.64
CA SER A 112 -12.22 2.73 40.34
C SER A 112 -13.65 3.12 39.95
N GLU A 113 -14.47 3.51 40.91
CA GLU A 113 -15.86 3.91 40.65
C GLU A 113 -15.96 5.21 39.83
N THR A 114 -15.34 6.27 40.33
CA THR A 114 -15.37 7.57 39.69
C THR A 114 -14.79 7.66 38.27
N VAL A 115 -13.50 7.38 38.09
CA VAL A 115 -12.93 7.47 36.75
C VAL A 115 -13.74 6.71 35.70
N ILE A 116 -14.18 5.51 36.05
CA ILE A 116 -14.96 4.72 35.11
C ILE A 116 -16.30 5.41 34.82
N GLY A 117 -16.88 6.01 35.85
CA GLY A 117 -18.12 6.73 35.67
C GLY A 117 -17.88 7.87 34.71
N TYR A 118 -16.79 8.61 34.95
CA TYR A 118 -16.40 9.73 34.11
C TYR A 118 -16.37 9.23 32.66
N MET A 119 -15.57 8.20 32.41
CA MET A 119 -15.48 7.64 31.06
C MET A 119 -16.84 7.26 30.50
N TRP A 120 -17.66 6.61 31.33
CA TRP A 120 -19.00 6.23 30.86
C TRP A 120 -19.82 7.45 30.49
N SER A 121 -19.59 8.55 31.18
CA SER A 121 -20.34 9.76 30.90
C SER A 121 -20.23 10.13 29.43
N LYS A 122 -19.05 9.95 28.86
CA LYS A 122 -18.84 10.27 27.47
C LYS A 122 -18.94 9.10 26.49
N TRP A 123 -18.85 7.86 26.97
CA TRP A 123 -18.98 6.72 26.07
C TRP A 123 -20.43 6.34 25.86
N ILE A 124 -21.25 6.54 26.89
CA ILE A 124 -22.66 6.19 26.81
C ILE A 124 -23.53 7.34 26.33
N ARG A 125 -24.25 7.09 25.22
CA ARG A 125 -25.17 8.06 24.64
C ARG A 125 -26.59 7.50 24.51
N SER A 126 -26.70 6.28 23.99
CA SER A 126 -28.00 5.64 23.81
C SER A 126 -28.05 4.24 24.41
N TRP A 127 -29.22 3.62 24.30
CA TRP A 127 -29.43 2.27 24.82
C TRP A 127 -28.57 1.29 24.02
N ARG A 128 -28.03 1.76 22.91
CA ARG A 128 -27.19 0.93 22.06
C ARG A 128 -25.90 0.66 22.79
N ASP A 129 -25.51 1.62 23.62
CA ASP A 129 -24.28 1.55 24.40
C ASP A 129 -24.47 0.85 25.74
N LEU A 130 -25.45 -0.05 25.82
CA LEU A 130 -25.73 -0.78 27.05
C LEU A 130 -26.09 -2.22 26.70
N PRO A 131 -25.79 -3.16 27.61
CA PRO A 131 -25.14 -2.89 28.89
C PRO A 131 -23.63 -2.75 28.77
N GLN A 132 -23.03 -2.11 29.76
CA GLN A 132 -21.59 -1.92 29.82
C GLN A 132 -21.11 -2.97 30.85
N LEU A 133 -20.46 -4.04 30.37
CA LEU A 133 -19.97 -5.11 31.26
C LEU A 133 -18.44 -5.17 31.37
N LEU A 134 -17.89 -4.41 32.31
CA LEU A 134 -16.43 -4.37 32.45
C LEU A 134 -15.82 -4.88 33.74
N ASN A 135 -14.59 -5.38 33.61
CA ASN A 135 -13.83 -5.85 34.74
C ASN A 135 -12.39 -5.41 34.58
N GLN A 136 -11.76 -5.13 35.70
CA GLN A 136 -10.38 -4.71 35.70
C GLN A 136 -9.60 -5.49 36.75
N TRP A 137 -8.43 -5.95 36.36
CA TRP A 137 -7.55 -6.68 37.26
C TRP A 137 -6.44 -5.69 37.55
N GLY A 138 -6.17 -5.44 38.83
CA GLY A 138 -5.11 -4.51 39.15
C GLY A 138 -4.98 -4.23 40.64
N ASN A 139 -4.31 -3.13 40.97
CA ASN A 139 -4.10 -2.78 42.36
C ASN A 139 -4.79 -1.48 42.73
N VAL A 140 -5.01 -1.31 44.03
CA VAL A 140 -5.59 -0.11 44.59
C VAL A 140 -4.83 0.14 45.89
N VAL A 141 -5.05 1.30 46.49
CA VAL A 141 -4.38 1.62 47.73
C VAL A 141 -5.36 2.23 48.71
N ARG A 142 -5.43 1.63 49.89
CA ARG A 142 -6.27 2.11 50.98
C ARG A 142 -5.33 2.02 52.17
N TRP A 143 -4.65 3.14 52.41
CA TRP A 143 -3.67 3.25 53.47
C TRP A 143 -3.98 2.49 54.76
N GLU A 144 -2.98 1.74 55.20
CA GLU A 144 -3.11 0.94 56.41
C GLU A 144 -1.87 1.16 57.27
N MET A 145 -2.09 1.27 58.58
CA MET A 145 -1.00 1.50 59.52
C MET A 145 -0.25 0.20 59.86
N ARG A 146 -0.94 -0.73 60.51
CA ARG A 146 -0.34 -1.99 60.89
C ARG A 146 -0.47 -2.95 59.71
N THR A 147 0.60 -3.67 59.39
CA THR A 147 0.56 -4.58 58.26
C THR A 147 0.39 -6.06 58.62
N ARG A 148 -0.63 -6.68 58.01
CA ARG A 148 -0.95 -8.09 58.21
C ARG A 148 -1.23 -8.68 56.82
N PRO A 149 -0.27 -9.44 56.28
CA PRO A 149 -0.32 -10.09 54.97
C PRO A 149 -1.69 -10.59 54.52
N PHE A 150 -2.14 -10.10 53.37
CA PHE A 150 -3.43 -10.46 52.75
C PHE A 150 -4.67 -9.97 53.48
N LEU A 151 -4.50 -9.36 54.65
CA LEU A 151 -5.65 -8.86 55.42
C LEU A 151 -5.61 -7.33 55.57
N ARG A 152 -4.49 -6.80 56.04
CA ARG A 152 -4.31 -5.35 56.18
C ARG A 152 -3.01 -4.87 55.53
N THR A 153 -3.10 -4.34 54.32
CA THR A 153 -1.94 -3.82 53.60
C THR A 153 -2.35 -2.61 52.77
N SER A 154 -1.56 -1.54 52.84
CA SER A 154 -1.83 -0.30 52.12
C SER A 154 -2.15 -0.56 50.65
N GLU A 155 -1.37 -1.43 50.04
CA GLU A 155 -1.61 -1.79 48.64
C GLU A 155 -2.03 -3.24 48.57
N PHE A 156 -2.97 -3.55 47.69
CA PHE A 156 -3.38 -4.92 47.52
C PHE A 156 -3.90 -5.14 46.11
N LEU A 157 -3.75 -6.37 45.62
CA LEU A 157 -4.23 -6.70 44.29
C LEU A 157 -5.66 -7.20 44.38
N TRP A 158 -6.41 -7.02 43.31
CA TRP A 158 -7.79 -7.48 43.29
C TRP A 158 -8.35 -7.44 41.88
N GLN A 159 -9.66 -7.59 41.80
CA GLN A 159 -10.36 -7.54 40.54
C GLN A 159 -11.58 -6.69 40.90
N GLU A 160 -11.84 -5.65 40.12
CA GLU A 160 -13.02 -4.84 40.40
C GLU A 160 -13.87 -4.75 39.15
N GLY A 161 -15.09 -5.29 39.27
CA GLY A 161 -16.03 -5.28 38.16
C GLY A 161 -16.99 -4.11 38.22
N HIS A 162 -17.26 -3.53 37.07
CA HIS A 162 -18.16 -2.38 36.97
C HIS A 162 -19.07 -2.58 35.77
N THR A 163 -20.37 -2.40 35.96
CA THR A 163 -21.31 -2.54 34.86
C THR A 163 -22.37 -1.45 34.88
N ALA A 164 -22.87 -1.12 33.70
CA ALA A 164 -23.90 -0.09 33.53
C ALA A 164 -25.10 -0.70 32.79
N HIS A 165 -26.30 -0.45 33.30
CA HIS A 165 -27.53 -1.00 32.71
C HIS A 165 -28.62 0.02 32.43
N ALA A 166 -29.49 -0.32 31.47
CA ALA A 166 -30.61 0.54 31.08
C ALA A 166 -31.76 0.48 32.08
N THR A 167 -32.01 -0.71 32.62
CA THR A 167 -33.08 -0.90 33.61
C THR A 167 -32.51 -1.25 34.97
N ARG A 168 -33.32 -1.05 36.00
CA ARG A 168 -32.92 -1.36 37.37
C ARG A 168 -32.85 -2.88 37.57
N GLU A 169 -33.80 -3.59 36.98
CA GLU A 169 -33.84 -5.04 37.09
C GLU A 169 -32.54 -5.66 36.59
N GLU A 170 -32.15 -5.32 35.37
CA GLU A 170 -30.94 -5.87 34.79
C GLU A 170 -29.74 -5.68 35.73
N ALA A 171 -29.71 -4.53 36.39
CA ALA A 171 -28.63 -4.23 37.33
C ALA A 171 -28.65 -5.19 38.50
N GLU A 172 -29.79 -5.30 39.17
CA GLU A 172 -29.90 -6.17 40.33
C GLU A 172 -29.59 -7.63 40.01
N GLU A 173 -29.94 -8.08 38.81
CA GLU A 173 -29.66 -9.45 38.42
C GLU A 173 -28.14 -9.60 38.28
N GLU A 174 -27.50 -8.55 37.79
CA GLU A 174 -26.04 -8.57 37.62
C GLU A 174 -25.40 -8.74 38.98
N VAL A 175 -25.85 -7.94 39.94
CA VAL A 175 -25.35 -7.97 41.30
C VAL A 175 -25.30 -9.39 41.85
N ARG A 176 -26.45 -10.07 41.82
CA ARG A 176 -26.51 -11.43 42.34
C ARG A 176 -25.70 -12.40 41.46
N ARG A 177 -25.71 -12.17 40.16
CA ARG A 177 -24.97 -13.06 39.27
C ARG A 177 -23.52 -13.10 39.70
N MET A 178 -22.93 -11.92 39.92
CA MET A 178 -21.54 -11.86 40.33
C MET A 178 -21.27 -12.46 41.71
N LEU A 179 -22.09 -12.10 42.70
CA LEU A 179 -21.92 -12.65 44.04
C LEU A 179 -21.93 -14.18 43.97
N SER A 180 -22.82 -14.73 43.15
CA SER A 180 -22.92 -16.18 43.00
C SER A 180 -21.63 -16.77 42.44
N ILE A 181 -21.04 -16.08 41.49
CA ILE A 181 -19.79 -16.51 40.88
C ILE A 181 -18.73 -16.56 41.98
N TYR A 182 -18.72 -15.53 42.84
CA TYR A 182 -17.79 -15.46 43.95
C TYR A 182 -18.05 -16.68 44.84
N ALA A 183 -19.30 -16.80 45.28
CA ALA A 183 -19.71 -17.91 46.12
C ALA A 183 -19.30 -19.25 45.50
N ARG A 184 -19.45 -19.36 44.19
CA ARG A 184 -19.09 -20.60 43.51
C ARG A 184 -17.58 -20.79 43.67
N LEU A 185 -16.83 -19.72 43.45
CA LEU A 185 -15.37 -19.76 43.58
C LEU A 185 -15.00 -20.30 44.97
N ALA A 186 -15.57 -19.68 46.00
CA ALA A 186 -15.30 -20.10 47.36
C ALA A 186 -15.61 -21.59 47.58
N ARG A 187 -16.86 -21.99 47.33
CA ARG A 187 -17.30 -23.37 47.51
C ARG A 187 -16.60 -24.40 46.62
N GLU A 188 -16.97 -24.45 45.35
CA GLU A 188 -16.41 -25.41 44.39
C GLU A 188 -14.90 -25.37 44.16
N TYR A 189 -14.26 -24.22 44.40
CA TYR A 189 -12.81 -24.14 44.17
C TYR A 189 -11.96 -24.00 45.42
N ALA A 190 -12.41 -23.19 46.38
CA ALA A 190 -11.64 -23.02 47.61
C ALA A 190 -12.10 -23.95 48.72
N ALA A 191 -13.23 -24.63 48.49
CA ALA A 191 -13.79 -25.54 49.48
C ALA A 191 -14.01 -24.74 50.77
N ILE A 192 -14.44 -23.50 50.60
CA ILE A 192 -14.72 -22.62 51.71
C ILE A 192 -16.20 -22.32 51.73
N PRO A 193 -16.92 -22.85 52.74
CA PRO A 193 -18.36 -22.58 52.82
C PRO A 193 -18.58 -21.10 53.14
N VAL A 194 -19.59 -20.52 52.52
CA VAL A 194 -19.91 -19.11 52.72
C VAL A 194 -21.41 -18.89 52.94
N ILE A 195 -21.78 -17.65 53.26
CA ILE A 195 -23.16 -17.26 53.48
C ILE A 195 -23.49 -16.05 52.60
N GLU A 196 -24.40 -16.22 51.65
CA GLU A 196 -24.80 -15.12 50.77
C GLU A 196 -25.91 -14.32 51.43
N GLY A 197 -25.70 -13.02 51.61
CA GLY A 197 -26.73 -12.21 52.23
C GLY A 197 -26.53 -10.73 51.98
N LEU A 198 -27.28 -9.90 52.69
CA LEU A 198 -27.16 -8.45 52.55
C LEU A 198 -26.42 -7.84 53.72
N LYS A 199 -25.62 -6.82 53.43
CA LYS A 199 -24.92 -6.13 54.50
C LYS A 199 -25.98 -5.18 55.04
N THR A 200 -25.93 -4.88 56.34
CA THR A 200 -26.91 -3.95 56.89
C THR A 200 -26.58 -2.55 56.39
N GLU A 201 -27.46 -1.59 56.67
CA GLU A 201 -27.25 -0.22 56.21
C GLU A 201 -25.93 0.34 56.73
N LYS A 202 -25.60 0.04 57.98
CA LYS A 202 -24.37 0.50 58.60
C LYS A 202 -23.14 -0.15 57.99
N GLU A 203 -23.31 -1.34 57.43
CA GLU A 203 -22.18 -2.07 56.86
C GLU A 203 -22.10 -2.12 55.34
N LYS A 204 -22.87 -1.30 54.63
CA LYS A 204 -22.80 -1.33 53.17
C LYS A 204 -21.74 -0.42 52.58
N PHE A 205 -21.52 -0.60 51.28
CA PHE A 205 -20.53 0.16 50.53
C PHE A 205 -20.96 1.60 50.33
N ALA A 206 -20.10 2.53 50.73
CA ALA A 206 -20.40 3.96 50.59
C ALA A 206 -20.70 4.29 49.13
N GLY A 207 -21.92 4.76 48.88
CA GLY A 207 -22.31 5.11 47.53
C GLY A 207 -23.26 4.10 46.91
N ALA A 208 -23.43 2.95 47.57
CA ALA A 208 -24.31 1.91 47.05
C ALA A 208 -25.72 1.97 47.63
N VAL A 209 -26.67 1.37 46.92
CA VAL A 209 -28.05 1.31 47.37
C VAL A 209 -28.01 0.21 48.43
N TYR A 210 -27.53 -0.96 48.03
CA TYR A 210 -27.38 -2.08 48.94
C TYR A 210 -26.16 -2.90 48.52
N THR A 211 -25.49 -3.51 49.50
CA THR A 211 -24.30 -4.31 49.26
C THR A 211 -24.52 -5.77 49.62
N THR A 212 -24.26 -6.67 48.67
CA THR A 212 -24.40 -8.09 48.94
C THR A 212 -23.02 -8.63 49.29
N THR A 213 -22.98 -9.79 49.94
CA THR A 213 -21.71 -10.37 50.35
C THR A 213 -21.77 -11.86 50.60
N ILE A 214 -20.59 -12.45 50.81
CA ILE A 214 -20.46 -13.86 51.13
C ILE A 214 -19.52 -13.88 52.33
N GLU A 215 -20.06 -14.30 53.47
CA GLU A 215 -19.28 -14.36 54.70
C GLU A 215 -18.79 -15.78 54.99
N ALA A 216 -17.54 -15.88 55.40
CA ALA A 216 -16.93 -17.16 55.72
C ALA A 216 -16.41 -17.11 57.15
N LEU A 217 -16.28 -18.29 57.76
CA LEU A 217 -15.81 -18.40 59.13
C LEU A 217 -14.44 -19.05 59.15
N MET A 218 -13.47 -18.35 59.74
CA MET A 218 -12.12 -18.87 59.83
C MET A 218 -11.98 -19.82 61.02
N LYS A 219 -10.92 -20.62 61.02
CA LYS A 219 -10.65 -21.58 62.08
C LYS A 219 -10.45 -20.98 63.49
N ASP A 220 -10.45 -19.66 63.59
CA ASP A 220 -10.29 -19.01 64.89
C ASP A 220 -11.61 -18.42 65.35
N GLY A 221 -12.69 -18.81 64.67
CA GLY A 221 -14.01 -18.34 65.02
C GLY A 221 -14.38 -16.95 64.56
N LYS A 222 -13.48 -16.29 63.82
CA LYS A 222 -13.75 -14.94 63.31
C LYS A 222 -14.29 -14.96 61.87
N ALA A 223 -15.17 -14.00 61.55
CA ALA A 223 -15.76 -13.91 60.22
C ALA A 223 -14.83 -13.18 59.24
N LEU A 224 -15.03 -13.44 57.94
CA LEU A 224 -14.23 -12.81 56.90
C LEU A 224 -15.01 -12.71 55.60
N GLN A 225 -15.12 -11.50 55.06
CA GLN A 225 -15.83 -11.26 53.82
C GLN A 225 -15.00 -11.77 52.65
N ALA A 226 -15.54 -12.72 51.90
CA ALA A 226 -14.82 -13.29 50.77
C ALA A 226 -15.02 -12.56 49.45
N GLY A 227 -15.98 -11.63 49.42
CA GLY A 227 -16.27 -10.87 48.22
C GLY A 227 -17.57 -10.09 48.34
N THR A 228 -17.71 -9.03 47.54
CA THR A 228 -18.94 -8.21 47.57
C THR A 228 -19.40 -7.80 46.18
N SER A 229 -20.70 -7.53 46.09
CA SER A 229 -21.35 -7.10 44.86
C SER A 229 -22.34 -6.04 45.32
N HIS A 230 -22.24 -4.85 44.76
CA HIS A 230 -23.11 -3.75 45.17
C HIS A 230 -24.07 -3.30 44.07
N TYR A 231 -25.24 -2.84 44.50
CA TYR A 231 -26.22 -2.28 43.57
C TYR A 231 -26.07 -0.79 43.83
N LEU A 232 -25.54 -0.07 42.86
CA LEU A 232 -25.31 1.35 43.01
C LEU A 232 -26.49 2.17 42.51
N GLY A 233 -27.50 1.48 41.98
CA GLY A 233 -28.66 2.17 41.45
C GLY A 233 -28.20 3.18 40.42
N GLU A 234 -28.53 4.45 40.65
CA GLU A 234 -28.10 5.48 39.73
C GLU A 234 -27.40 6.62 40.45
N ASN A 235 -26.91 6.32 41.65
CA ASN A 235 -26.20 7.30 42.45
C ASN A 235 -25.00 7.84 41.70
N PHE A 236 -24.14 6.95 41.21
CA PHE A 236 -22.96 7.38 40.47
C PHE A 236 -23.34 7.99 39.12
N ALA A 237 -24.36 7.41 38.47
CA ALA A 237 -24.81 7.90 37.18
C ALA A 237 -25.20 9.37 37.28
N ARG A 238 -26.00 9.72 38.29
CA ARG A 238 -26.42 11.10 38.41
C ARG A 238 -25.25 11.98 38.86
N ALA A 239 -24.34 11.42 39.66
CA ALA A 239 -23.19 12.16 40.15
C ALA A 239 -22.16 12.48 39.08
N PHE A 240 -22.08 11.64 38.06
CA PHE A 240 -21.11 11.85 36.97
C PHE A 240 -21.82 12.08 35.63
N ASP A 241 -23.10 12.37 35.71
CA ASP A 241 -23.93 12.63 34.53
C ASP A 241 -23.75 11.52 33.50
N ILE A 242 -24.19 10.32 33.85
CA ILE A 242 -24.12 9.18 32.96
C ILE A 242 -25.54 8.82 32.55
N LYS A 243 -25.95 9.32 31.38
CA LYS A 243 -27.30 9.05 30.88
C LYS A 243 -27.29 8.58 29.43
N PHE A 244 -28.40 8.01 29.01
CA PHE A 244 -28.53 7.51 27.65
C PHE A 244 -29.92 7.83 27.12
N GLN A 245 -30.07 7.85 25.79
CA GLN A 245 -31.36 8.12 25.18
C GLN A 245 -31.96 6.75 24.94
N ASP A 246 -32.99 6.41 25.72
CA ASP A 246 -33.64 5.12 25.60
C ASP A 246 -34.31 4.93 24.25
N ARG A 247 -34.91 3.76 24.06
CA ARG A 247 -35.61 3.42 22.82
C ARG A 247 -36.83 4.30 22.63
N ASP A 248 -37.44 4.70 23.74
CA ASP A 248 -38.62 5.55 23.72
C ASP A 248 -38.24 7.02 23.56
N LEU A 249 -37.04 7.25 23.00
CA LEU A 249 -36.53 8.59 22.76
C LEU A 249 -36.28 9.44 24.00
N GLN A 250 -36.71 8.96 25.18
CA GLN A 250 -36.51 9.69 26.42
C GLN A 250 -35.11 9.46 27.00
N VAL A 251 -34.53 10.53 27.56
CA VAL A 251 -33.20 10.47 28.17
C VAL A 251 -33.30 10.07 29.63
N LYS A 252 -32.56 9.03 30.01
CA LYS A 252 -32.61 8.55 31.39
C LYS A 252 -31.23 8.21 31.92
N TYR A 253 -31.14 8.08 33.24
CA TYR A 253 -29.91 7.72 33.92
C TYR A 253 -29.73 6.22 33.86
N VAL A 254 -28.49 5.76 33.89
CA VAL A 254 -28.22 4.33 33.86
C VAL A 254 -28.15 3.82 35.30
N HIS A 255 -28.21 2.51 35.45
CA HIS A 255 -28.11 1.87 36.75
C HIS A 255 -26.80 1.07 36.73
N THR A 256 -25.93 1.35 37.70
CA THR A 256 -24.65 0.67 37.73
C THR A 256 -24.44 -0.26 38.93
N THR A 257 -23.58 -1.26 38.73
CA THR A 257 -23.24 -2.21 39.78
C THR A 257 -21.72 -2.17 39.94
N SER A 258 -21.23 -2.85 40.99
CA SER A 258 -19.81 -2.87 41.29
C SER A 258 -19.55 -4.12 42.12
N TRP A 259 -18.45 -4.82 41.84
CA TRP A 259 -18.15 -6.04 42.58
C TRP A 259 -16.64 -6.31 42.66
N GLY A 260 -16.17 -6.68 43.85
CA GLY A 260 -14.75 -6.95 44.01
C GLY A 260 -14.39 -8.16 44.83
N LEU A 261 -13.17 -8.66 44.60
CA LEU A 261 -12.62 -9.81 45.30
C LEU A 261 -11.10 -9.64 45.29
N SER A 262 -10.52 -9.36 46.46
CA SER A 262 -9.08 -9.12 46.61
C SER A 262 -8.30 -10.35 47.05
N TRP A 263 -6.98 -10.20 47.15
CA TRP A 263 -6.15 -11.31 47.59
C TRP A 263 -6.43 -11.69 49.04
N ARG A 264 -7.46 -11.07 49.61
CA ARG A 264 -7.84 -11.38 50.97
C ARG A 264 -8.41 -12.80 50.91
N PHE A 265 -8.83 -13.18 49.71
CA PHE A 265 -9.39 -14.50 49.49
C PHE A 265 -8.32 -15.52 49.82
N ILE A 266 -7.06 -15.13 49.60
CA ILE A 266 -5.94 -16.01 49.88
C ILE A 266 -5.88 -16.19 51.39
N GLY A 267 -6.01 -15.08 52.11
CA GLY A 267 -5.99 -15.14 53.56
C GLY A 267 -7.09 -16.05 54.07
N ALA A 268 -8.19 -16.11 53.32
CA ALA A 268 -9.32 -16.94 53.68
C ALA A 268 -8.89 -18.41 53.54
N ILE A 269 -8.26 -18.74 52.42
CA ILE A 269 -7.80 -20.10 52.16
C ILE A 269 -6.83 -20.55 53.24
N ILE A 270 -5.99 -19.64 53.73
CA ILE A 270 -5.01 -19.97 54.77
C ILE A 270 -5.74 -20.31 56.07
N MET A 271 -6.56 -19.37 56.55
CA MET A 271 -7.29 -19.53 57.80
C MET A 271 -8.49 -20.46 57.77
N THR A 272 -8.73 -21.10 56.62
CA THR A 272 -9.85 -22.02 56.51
C THR A 272 -9.42 -23.48 56.47
N HIS A 273 -8.22 -23.75 55.94
CA HIS A 273 -7.75 -25.12 55.85
C HIS A 273 -6.37 -25.37 56.46
N GLY A 274 -5.69 -24.29 56.86
CA GLY A 274 -4.37 -24.44 57.44
C GLY A 274 -4.40 -25.13 58.81
N ASP A 275 -3.38 -25.92 59.09
CA ASP A 275 -3.27 -26.63 60.35
C ASP A 275 -1.94 -26.30 61.02
N ASP A 276 -1.64 -26.98 62.11
CA ASP A 276 -0.40 -26.72 62.84
C ASP A 276 0.86 -27.17 62.10
N ARG A 277 0.68 -27.74 60.91
CA ARG A 277 1.80 -28.21 60.09
C ARG A 277 2.05 -27.28 58.90
N GLY A 278 1.25 -26.22 58.81
CA GLY A 278 1.37 -25.27 57.73
C GLY A 278 0.09 -25.15 56.90
N LEU A 279 0.26 -24.83 55.63
CA LEU A 279 -0.88 -24.69 54.73
C LEU A 279 -1.46 -26.01 54.24
N VAL A 280 -2.69 -25.93 53.75
CA VAL A 280 -3.40 -27.06 53.17
C VAL A 280 -4.22 -26.37 52.10
N LEU A 281 -3.78 -26.49 50.86
CA LEU A 281 -4.46 -25.83 49.76
C LEU A 281 -5.53 -26.64 49.05
N PRO A 282 -6.65 -25.98 48.69
CA PRO A 282 -7.72 -26.69 47.99
C PRO A 282 -7.19 -27.05 46.61
N PRO A 283 -7.26 -28.34 46.25
CA PRO A 283 -6.79 -28.92 44.98
C PRO A 283 -7.06 -28.12 43.71
N ARG A 284 -8.28 -27.59 43.60
CA ARG A 284 -8.71 -26.82 42.44
C ARG A 284 -8.12 -25.42 42.31
N LEU A 285 -7.39 -24.97 43.32
CA LEU A 285 -6.76 -23.65 43.28
C LEU A 285 -5.27 -23.73 43.58
N ALA A 286 -4.82 -24.91 43.97
CA ALA A 286 -3.41 -25.12 44.31
C ALA A 286 -2.49 -25.03 43.10
N PRO A 287 -1.43 -24.21 43.20
CA PRO A 287 -0.51 -24.10 42.07
C PRO A 287 0.11 -25.47 41.71
N ILE A 288 0.42 -26.25 42.73
CA ILE A 288 0.98 -27.58 42.54
C ILE A 288 0.04 -28.55 43.25
N GLN A 289 -0.58 -29.47 42.51
CA GLN A 289 -1.50 -30.45 43.09
C GLN A 289 -0.78 -31.70 43.53
N VAL A 290 0.23 -32.09 42.77
CA VAL A 290 1.02 -33.27 43.08
C VAL A 290 2.50 -32.93 42.93
N VAL A 291 3.28 -33.08 44.00
CA VAL A 291 4.71 -32.80 43.89
C VAL A 291 5.43 -34.14 43.91
N ILE A 292 6.47 -34.26 43.10
CA ILE A 292 7.25 -35.47 43.04
C ILE A 292 8.68 -35.15 43.45
N VAL A 293 9.09 -35.67 44.59
CA VAL A 293 10.45 -35.47 45.06
C VAL A 293 11.18 -36.77 44.77
N PRO A 294 12.19 -36.72 43.89
CA PRO A 294 12.98 -37.89 43.51
C PRO A 294 14.15 -38.12 44.45
N ILE A 295 14.16 -39.27 45.13
CA ILE A 295 15.26 -39.60 46.03
C ILE A 295 16.09 -40.63 45.29
N TYR A 296 17.40 -40.39 45.20
CA TYR A 296 18.27 -41.31 44.48
C TYR A 296 19.74 -41.11 44.86
N LYS A 297 20.59 -41.98 44.33
CA LYS A 297 22.03 -41.92 44.59
C LYS A 297 22.73 -41.78 43.25
N ASP A 298 24.05 -41.64 43.26
CA ASP A 298 24.80 -41.52 42.01
C ASP A 298 24.47 -42.69 41.08
N GLU A 299 24.65 -43.90 41.58
CA GLU A 299 24.40 -45.13 40.82
C GLU A 299 22.94 -45.34 40.43
N SER A 300 22.06 -44.45 40.86
CA SER A 300 20.64 -44.60 40.56
C SER A 300 19.93 -43.35 40.08
N ARG A 301 20.70 -42.28 39.84
CA ARG A 301 20.14 -41.02 39.38
C ARG A 301 19.34 -41.19 38.10
N GLU A 302 19.98 -41.70 37.05
CA GLU A 302 19.33 -41.90 35.76
C GLU A 302 18.00 -42.67 35.82
N ARG A 303 18.00 -43.82 36.48
CA ARG A 303 16.79 -44.64 36.56
C ARG A 303 15.65 -43.93 37.29
N VAL A 304 15.95 -43.36 38.46
CA VAL A 304 14.93 -42.66 39.24
C VAL A 304 14.34 -41.45 38.51
N LEU A 305 15.21 -40.60 37.96
CA LEU A 305 14.75 -39.41 37.26
C LEU A 305 13.97 -39.75 36.00
N GLU A 306 14.35 -40.83 35.33
CA GLU A 306 13.67 -41.25 34.11
C GLU A 306 12.23 -41.63 34.43
N ALA A 307 12.05 -42.35 35.53
CA ALA A 307 10.72 -42.78 35.94
C ALA A 307 9.91 -41.62 36.47
N ALA A 308 10.58 -40.75 37.24
CA ALA A 308 9.94 -39.58 37.81
C ALA A 308 9.37 -38.70 36.69
N GLN A 309 10.21 -38.38 35.70
CA GLN A 309 9.80 -37.56 34.57
C GLN A 309 8.67 -38.25 33.80
N GLY A 310 8.76 -39.58 33.70
CA GLY A 310 7.72 -40.34 33.02
C GLY A 310 6.40 -40.17 33.73
N LEU A 311 6.44 -40.18 35.06
CA LEU A 311 5.24 -40.01 35.87
C LEU A 311 4.75 -38.58 35.70
N ARG A 312 5.68 -37.63 35.69
CA ARG A 312 5.33 -36.23 35.51
C ARG A 312 4.47 -36.14 34.26
N GLN A 313 5.00 -36.63 33.14
CA GLN A 313 4.27 -36.57 31.88
C GLN A 313 2.93 -37.29 31.92
N ALA A 314 2.85 -38.39 32.66
CA ALA A 314 1.59 -39.12 32.75
C ALA A 314 0.52 -38.30 33.46
N LEU A 315 0.91 -37.62 34.53
CA LEU A 315 0.00 -36.79 35.30
C LEU A 315 -0.39 -35.52 34.53
N LEU A 316 0.56 -34.95 33.80
CA LEU A 316 0.29 -33.75 33.01
C LEU A 316 -0.79 -34.16 32.02
N ALA A 317 -0.57 -35.31 31.41
CA ALA A 317 -1.50 -35.85 30.43
C ALA A 317 -2.92 -35.91 30.98
N GLN A 318 -3.04 -36.09 32.30
CA GLN A 318 -4.34 -36.14 32.96
C GLN A 318 -4.90 -34.75 33.24
N GLY A 319 -4.15 -33.72 32.88
CA GLY A 319 -4.58 -32.36 33.10
C GLY A 319 -4.36 -31.92 34.54
N LEU A 320 -3.47 -32.61 35.24
CA LEU A 320 -3.17 -32.28 36.62
C LEU A 320 -1.96 -31.37 36.70
N ARG A 321 -1.94 -30.50 37.70
CA ARG A 321 -0.82 -29.60 37.88
C ARG A 321 0.20 -30.31 38.76
N VAL A 322 1.20 -30.91 38.11
CA VAL A 322 2.26 -31.65 38.81
C VAL A 322 3.61 -30.95 38.74
N HIS A 323 4.43 -31.16 39.76
CA HIS A 323 5.76 -30.56 39.81
C HIS A 323 6.83 -31.59 40.21
N LEU A 324 7.95 -31.60 39.48
CA LEU A 324 9.05 -32.51 39.79
C LEU A 324 10.17 -31.70 40.44
N ASP A 325 10.35 -31.89 41.75
CA ASP A 325 11.36 -31.18 42.54
C ASP A 325 12.75 -31.82 42.52
N ASP A 326 13.51 -31.58 41.45
CA ASP A 326 14.85 -32.15 41.37
C ASP A 326 15.91 -31.07 41.58
N ARG A 327 15.66 -30.20 42.56
CA ARG A 327 16.60 -29.12 42.86
C ARG A 327 17.87 -29.65 43.49
N ASP A 328 18.99 -29.13 43.03
CA ASP A 328 20.29 -29.53 43.53
C ASP A 328 20.66 -28.69 44.76
N GLN A 329 19.95 -27.58 44.94
CA GLN A 329 20.22 -26.69 46.06
C GLN A 329 19.51 -27.07 47.35
N HIS A 330 18.81 -28.20 47.36
CA HIS A 330 18.14 -28.65 48.57
C HIS A 330 18.04 -30.16 48.64
N THR A 331 18.08 -30.68 49.86
CA THR A 331 18.02 -32.11 50.10
C THR A 331 16.57 -32.59 50.17
N PRO A 332 16.38 -33.93 50.18
CA PRO A 332 15.03 -34.49 50.26
C PRO A 332 14.30 -34.08 51.53
N GLY A 333 15.03 -34.07 52.64
CA GLY A 333 14.42 -33.70 53.90
C GLY A 333 13.77 -32.34 53.78
N TYR A 334 14.60 -31.36 53.43
CA TYR A 334 14.18 -29.98 53.25
C TYR A 334 12.90 -29.91 52.42
N LYS A 335 12.95 -30.53 51.24
CA LYS A 335 11.82 -30.53 50.32
C LYS A 335 10.50 -31.05 50.89
N PHE A 336 10.49 -32.29 51.37
CA PHE A 336 9.27 -32.87 51.92
C PHE A 336 8.65 -31.93 52.94
N HIS A 337 9.50 -31.34 53.77
CA HIS A 337 9.02 -30.41 54.78
C HIS A 337 8.45 -29.18 54.08
N GLU A 338 9.18 -28.68 53.08
CA GLU A 338 8.74 -27.51 52.33
C GLU A 338 7.34 -27.69 51.75
N TRP A 339 7.16 -28.75 50.96
CA TRP A 339 5.86 -28.98 50.34
C TRP A 339 4.74 -29.23 51.34
N GLU A 340 5.08 -29.66 52.55
CA GLU A 340 4.07 -29.88 53.57
C GLU A 340 3.64 -28.50 54.06
N LEU A 341 4.64 -27.67 54.37
CA LEU A 341 4.41 -26.30 54.81
C LEU A 341 3.60 -25.57 53.76
N LYS A 342 4.02 -25.68 52.50
CA LYS A 342 3.33 -25.01 51.39
C LYS A 342 1.94 -25.59 51.10
N GLY A 343 1.63 -26.73 51.71
CA GLY A 343 0.31 -27.33 51.55
C GLY A 343 -0.06 -28.08 50.29
N VAL A 344 0.91 -28.60 49.54
CA VAL A 344 0.62 -29.38 48.33
C VAL A 344 -0.27 -30.57 48.71
N PRO A 345 -1.40 -30.74 48.00
CA PRO A 345 -2.33 -31.84 48.27
C PRO A 345 -1.72 -33.25 48.33
N PHE A 346 -0.92 -33.60 47.32
CA PHE A 346 -0.31 -34.92 47.32
C PHE A 346 1.17 -34.89 47.03
N ARG A 347 1.90 -35.77 47.73
CA ARG A 347 3.34 -35.88 47.61
C ARG A 347 3.71 -37.29 47.16
N VAL A 348 4.63 -37.39 46.21
CA VAL A 348 5.07 -38.67 45.68
C VAL A 348 6.56 -38.82 45.89
N GLU A 349 6.92 -39.78 46.74
CA GLU A 349 8.31 -40.07 47.08
C GLU A 349 8.81 -41.23 46.21
N LEU A 350 9.61 -40.90 45.20
CA LEU A 350 10.11 -41.94 44.30
C LEU A 350 11.59 -42.23 44.55
N GLY A 351 11.85 -43.43 45.10
CA GLY A 351 13.20 -43.85 45.40
C GLY A 351 13.59 -45.09 44.62
N PRO A 352 14.89 -45.43 44.58
CA PRO A 352 15.43 -46.60 43.87
C PRO A 352 14.81 -47.95 44.25
N LYS A 353 14.79 -48.27 45.54
CA LYS A 353 14.24 -49.55 45.99
C LYS A 353 12.81 -49.75 45.48
N ASP A 354 11.95 -48.77 45.73
CA ASP A 354 10.57 -48.87 45.30
C ASP A 354 10.49 -48.96 43.78
N LEU A 355 11.33 -48.22 43.08
CA LEU A 355 11.31 -48.23 41.62
C LEU A 355 11.59 -49.63 41.04
N GLU A 356 12.45 -50.39 41.70
CA GLU A 356 12.78 -51.74 41.25
C GLU A 356 11.50 -52.57 41.13
N GLY A 357 10.58 -52.33 42.04
CA GLY A 357 9.32 -53.04 42.02
C GLY A 357 8.24 -52.18 41.41
N GLY A 358 8.66 -51.14 40.70
CA GLY A 358 7.74 -50.24 40.06
C GLY A 358 6.78 -49.59 41.02
N GLN A 359 7.30 -48.97 42.08
CA GLN A 359 6.47 -48.32 43.07
C GLN A 359 7.04 -47.00 43.61
N ALA A 360 6.22 -46.30 44.37
CA ALA A 360 6.61 -45.04 44.99
C ALA A 360 5.60 -44.75 46.09
N VAL A 361 5.97 -43.87 47.01
CA VAL A 361 5.09 -43.53 48.11
C VAL A 361 4.24 -42.31 47.77
N LEU A 362 2.93 -42.47 47.94
CA LEU A 362 1.99 -41.39 47.69
C LEU A 362 1.45 -40.93 49.03
N ALA A 363 1.90 -39.77 49.47
CA ALA A 363 1.47 -39.20 50.75
C ALA A 363 0.44 -38.09 50.56
N SER A 364 -0.56 -38.08 51.42
CA SER A 364 -1.62 -37.08 51.39
C SER A 364 -1.34 -36.02 52.47
N ARG A 365 -1.57 -34.76 52.13
CA ARG A 365 -1.34 -33.65 53.06
C ARG A 365 -2.32 -33.74 54.23
N LEU A 366 -3.48 -34.33 53.97
CA LEU A 366 -4.48 -34.49 55.01
C LEU A 366 -4.10 -35.61 55.97
N GLY A 367 -3.02 -36.32 55.64
CA GLY A 367 -2.57 -37.43 56.46
C GLY A 367 -2.70 -38.72 55.68
N GLY A 368 -1.63 -39.51 55.65
CA GLY A 368 -1.66 -40.76 54.92
C GLY A 368 -0.36 -41.00 54.17
N LYS A 369 -0.17 -42.24 53.75
CA LYS A 369 0.99 -42.69 52.99
C LYS A 369 0.61 -44.08 52.50
N GLU A 370 1.19 -44.48 51.37
CA GLU A 370 0.92 -45.81 50.82
C GLU A 370 1.76 -46.04 49.58
N THR A 371 2.56 -47.10 49.61
CA THR A 371 3.41 -47.44 48.48
C THR A 371 2.47 -47.97 47.41
N LEU A 372 2.58 -47.40 46.20
CA LEU A 372 1.73 -47.82 45.10
C LEU A 372 2.53 -47.91 43.81
N PRO A 373 2.00 -48.66 42.83
CA PRO A 373 2.67 -48.83 41.54
C PRO A 373 2.44 -47.60 40.66
N LEU A 374 3.53 -47.03 40.18
CA LEU A 374 3.53 -45.85 39.34
C LEU A 374 2.43 -45.85 38.27
N ALA A 375 2.10 -47.03 37.75
CA ALA A 375 1.10 -47.16 36.70
C ALA A 375 -0.33 -46.79 37.09
N ALA A 376 -0.66 -46.95 38.36
CA ALA A 376 -2.01 -46.66 38.84
C ALA A 376 -2.23 -45.18 39.20
N LEU A 377 -1.15 -44.50 39.55
CA LEU A 377 -1.21 -43.08 39.94
C LEU A 377 -1.97 -42.17 38.97
N PRO A 378 -1.58 -42.16 37.68
CA PRO A 378 -2.24 -41.31 36.69
C PRO A 378 -3.76 -41.43 36.73
N GLU A 379 -4.25 -42.66 36.83
CA GLU A 379 -5.68 -42.90 36.83
C GLU A 379 -6.39 -42.68 38.18
N ALA A 380 -5.63 -42.78 39.28
CA ALA A 380 -6.22 -42.61 40.61
C ALA A 380 -6.24 -41.16 41.11
N LEU A 381 -5.13 -40.45 40.94
CA LEU A 381 -5.02 -39.08 41.43
C LEU A 381 -6.19 -38.14 41.13
N PRO A 382 -6.65 -38.06 39.88
CA PRO A 382 -7.77 -37.15 39.63
C PRO A 382 -8.86 -37.37 40.69
N GLY A 383 -9.32 -38.61 40.79
CA GLY A 383 -10.36 -38.94 41.74
C GLY A 383 -9.98 -38.55 43.16
N LYS A 384 -8.77 -38.94 43.57
CA LYS A 384 -8.29 -38.64 44.92
C LYS A 384 -8.34 -37.14 45.22
N LEU A 385 -7.90 -36.32 44.25
CA LEU A 385 -7.92 -34.86 44.44
C LEU A 385 -9.36 -34.45 44.74
N ASP A 386 -10.31 -34.93 43.93
CA ASP A 386 -11.72 -34.59 44.12
C ASP A 386 -12.19 -34.95 45.52
N ALA A 387 -11.71 -36.09 46.02
CA ALA A 387 -12.08 -36.52 47.37
C ALA A 387 -11.48 -35.52 48.35
N PHE A 388 -10.20 -35.23 48.15
CA PHE A 388 -9.47 -34.28 48.98
C PHE A 388 -10.34 -33.03 49.14
N HIS A 389 -10.74 -32.45 48.00
CA HIS A 389 -11.58 -31.26 47.99
C HIS A 389 -12.81 -31.47 48.85
N GLU A 390 -13.56 -32.53 48.54
CA GLU A 390 -14.78 -32.84 49.26
C GLU A 390 -14.57 -32.92 50.77
N GLU A 391 -13.45 -33.53 51.16
CA GLU A 391 -13.11 -33.67 52.57
C GLU A 391 -12.90 -32.29 53.20
N LEU A 392 -12.08 -31.46 52.56
CA LEU A 392 -11.80 -30.12 53.06
C LEU A 392 -13.10 -29.37 53.31
N TYR A 393 -13.97 -29.41 52.30
CA TYR A 393 -15.25 -28.73 52.38
C TYR A 393 -16.07 -29.28 53.55
N ARG A 394 -16.14 -30.61 53.61
CA ARG A 394 -16.89 -31.32 54.63
C ARG A 394 -16.53 -30.83 56.03
N ARG A 395 -15.24 -30.90 56.35
CA ARG A 395 -14.77 -30.47 57.67
C ARG A 395 -15.14 -29.02 57.89
N ALA A 396 -14.82 -28.19 56.90
CA ALA A 396 -15.11 -26.77 56.96
C ALA A 396 -16.59 -26.55 57.29
N LEU A 397 -17.45 -27.36 56.68
CA LEU A 397 -18.88 -27.26 56.94
C LEU A 397 -19.09 -27.62 58.40
N ALA A 398 -18.56 -28.77 58.78
CA ALA A 398 -18.65 -29.25 60.16
C ALA A 398 -18.19 -28.19 61.15
N PHE A 399 -17.04 -27.58 60.89
CA PHE A 399 -16.54 -26.56 61.80
C PHE A 399 -17.56 -25.45 62.00
N ARG A 400 -18.10 -24.95 60.90
CA ARG A 400 -19.08 -23.88 60.99
C ARG A 400 -20.29 -24.32 61.80
N GLU A 401 -20.82 -25.50 61.50
CA GLU A 401 -21.97 -26.05 62.22
C GLU A 401 -21.70 -25.97 63.71
N ASP A 402 -20.53 -26.45 64.11
CA ASP A 402 -20.10 -26.46 65.51
C ASP A 402 -19.77 -25.07 66.05
N HIS A 403 -19.87 -24.03 65.23
CA HIS A 403 -19.53 -22.70 65.71
C HIS A 403 -20.53 -21.62 65.34
N THR A 404 -21.78 -22.05 65.16
CA THR A 404 -22.87 -21.14 64.84
C THR A 404 -23.86 -21.40 65.97
N ARG A 405 -24.47 -20.36 66.50
CA ARG A 405 -25.40 -20.56 67.59
C ARG A 405 -26.51 -19.52 67.70
N LYS A 406 -27.75 -19.99 67.70
CA LYS A 406 -28.90 -19.10 67.83
C LYS A 406 -28.89 -18.55 69.25
N VAL A 407 -29.07 -17.25 69.39
CA VAL A 407 -29.09 -16.65 70.72
C VAL A 407 -30.27 -15.71 70.87
N ASP A 408 -30.88 -15.74 72.05
CA ASP A 408 -32.03 -14.89 72.34
C ASP A 408 -31.73 -13.86 73.41
N THR A 409 -30.57 -14.01 74.06
CA THR A 409 -30.16 -13.09 75.11
C THR A 409 -28.79 -12.52 74.78
N TYR A 410 -28.56 -11.28 75.20
CA TYR A 410 -27.29 -10.64 74.92
C TYR A 410 -26.15 -11.39 75.63
N GLU A 411 -26.48 -12.07 76.73
CA GLU A 411 -25.48 -12.83 77.47
C GLU A 411 -25.02 -13.99 76.61
N ALA A 412 -25.98 -14.71 76.03
CA ALA A 412 -25.67 -15.85 75.18
C ALA A 412 -24.93 -15.31 73.95
N PHE A 413 -25.36 -14.14 73.49
CA PHE A 413 -24.76 -13.49 72.34
C PHE A 413 -23.26 -13.32 72.60
N LYS A 414 -22.94 -12.71 73.73
CA LYS A 414 -21.54 -12.49 74.11
C LYS A 414 -20.73 -13.78 74.05
N GLU A 415 -21.34 -14.88 74.47
CA GLU A 415 -20.66 -16.16 74.47
C GLU A 415 -20.45 -16.68 73.05
N ALA A 416 -21.52 -16.64 72.26
CA ALA A 416 -21.47 -17.11 70.89
C ALA A 416 -20.41 -16.41 70.05
N VAL A 417 -20.39 -15.08 70.11
CA VAL A 417 -19.42 -14.31 69.33
C VAL A 417 -17.98 -14.57 69.76
N GLN A 418 -17.82 -15.37 70.80
CA GLN A 418 -16.50 -15.71 71.32
C GLN A 418 -16.03 -17.00 70.67
N GLU A 419 -16.97 -17.69 70.02
CA GLU A 419 -16.69 -18.95 69.36
C GLU A 419 -16.91 -18.90 67.86
N GLY A 420 -17.75 -17.98 67.40
CA GLY A 420 -18.03 -17.87 65.98
C GLY A 420 -19.31 -17.11 65.71
N PHE A 421 -20.10 -17.61 64.78
CA PHE A 421 -21.37 -16.99 64.39
C PHE A 421 -22.44 -16.97 65.48
N ALA A 422 -23.15 -15.85 65.54
CA ALA A 422 -24.23 -15.67 66.50
C ALA A 422 -25.47 -15.20 65.72
N LEU A 423 -26.45 -16.08 65.58
CA LEU A 423 -27.69 -15.77 64.88
C LEU A 423 -28.64 -15.04 65.80
N ALA A 424 -28.59 -13.70 65.80
CA ALA A 424 -29.43 -12.92 66.68
C ALA A 424 -30.43 -11.99 65.99
N PHE A 425 -31.49 -11.63 66.71
CA PHE A 425 -32.52 -10.73 66.21
C PHE A 425 -32.04 -9.32 66.42
N HIS A 426 -32.32 -8.45 65.45
CA HIS A 426 -31.90 -7.06 65.61
C HIS A 426 -32.97 -6.09 65.15
N CYS A 427 -33.15 -5.03 65.94
CA CYS A 427 -34.13 -4.00 65.65
C CYS A 427 -33.85 -3.38 64.28
N GLY A 428 -32.57 -3.23 63.95
CA GLY A 428 -32.18 -2.64 62.68
C GLY A 428 -31.74 -1.20 62.84
N ASP A 429 -31.69 -0.72 64.08
CA ASP A 429 -31.25 0.64 64.32
C ASP A 429 -29.73 0.65 64.21
N LYS A 430 -29.19 1.61 63.46
CA LYS A 430 -27.75 1.72 63.29
C LYS A 430 -27.10 1.99 64.64
N ALA A 431 -27.75 2.83 65.43
CA ALA A 431 -27.24 3.18 66.75
C ALA A 431 -27.10 1.95 67.62
N CYS A 432 -28.13 1.11 67.64
CA CYS A 432 -28.10 -0.09 68.43
C CYS A 432 -26.97 -0.99 67.95
N GLU A 433 -26.97 -1.27 66.66
CA GLU A 433 -25.95 -2.11 66.03
C GLU A 433 -24.54 -1.64 66.35
N ARG A 434 -24.35 -0.32 66.37
CA ARG A 434 -23.05 0.27 66.65
C ARG A 434 -22.68 -0.02 68.11
N LEU A 435 -23.65 0.16 68.99
CA LEU A 435 -23.48 -0.08 70.42
C LEU A 435 -22.97 -1.51 70.66
N ILE A 436 -23.60 -2.46 69.98
CA ILE A 436 -23.25 -3.87 70.10
C ILE A 436 -21.76 -4.09 69.82
N GLN A 437 -21.28 -3.50 68.73
CA GLN A 437 -19.88 -3.61 68.35
C GLN A 437 -19.01 -2.92 69.40
N GLU A 438 -19.42 -1.71 69.80
CA GLU A 438 -18.66 -0.99 70.81
C GLU A 438 -18.49 -1.86 72.04
N GLU A 439 -19.54 -2.56 72.42
CA GLU A 439 -19.51 -3.41 73.60
C GLU A 439 -18.82 -4.76 73.40
N THR A 440 -19.21 -5.48 72.36
CA THR A 440 -18.65 -6.80 72.10
C THR A 440 -17.60 -6.87 71.00
N THR A 441 -17.46 -5.78 70.24
CA THR A 441 -16.54 -5.69 69.10
C THR A 441 -17.04 -6.57 67.95
N ALA A 442 -18.21 -7.17 68.14
CA ALA A 442 -18.82 -8.03 67.14
C ALA A 442 -19.57 -7.15 66.15
N THR A 443 -19.71 -7.63 64.92
CA THR A 443 -20.41 -6.89 63.88
C THR A 443 -21.41 -7.77 63.16
N THR A 444 -22.35 -7.13 62.46
CA THR A 444 -23.31 -7.86 61.68
C THR A 444 -22.53 -8.25 60.44
N ARG A 445 -22.63 -9.51 60.04
CA ARG A 445 -21.92 -9.98 58.87
C ARG A 445 -22.84 -9.88 57.66
N CYS A 446 -24.11 -10.24 57.86
CA CYS A 446 -25.10 -10.15 56.79
C CYS A 446 -26.45 -10.71 57.21
N VAL A 447 -27.48 -10.28 56.49
CA VAL A 447 -28.85 -10.75 56.72
C VAL A 447 -29.01 -11.68 55.53
N PRO A 448 -28.72 -12.99 55.73
CA PRO A 448 -28.81 -14.03 54.70
C PRO A 448 -30.07 -14.04 53.84
N PHE A 449 -29.88 -14.29 52.56
CA PHE A 449 -30.98 -14.35 51.60
C PHE A 449 -31.91 -15.48 52.02
N GLU A 450 -31.36 -16.68 52.15
CA GLU A 450 -32.13 -17.85 52.53
C GLU A 450 -31.91 -18.27 53.97
N ALA A 451 -32.89 -17.99 54.81
CA ALA A 451 -32.84 -18.33 56.22
C ALA A 451 -34.26 -18.50 56.73
N GLU A 452 -34.42 -19.34 57.76
CA GLU A 452 -35.73 -19.58 58.34
C GLU A 452 -36.32 -18.26 58.79
N PRO A 453 -37.52 -17.91 58.31
CA PRO A 453 -38.18 -16.66 58.69
C PRO A 453 -38.51 -16.65 60.17
N GLU A 454 -38.09 -15.59 60.85
CA GLU A 454 -38.32 -15.47 62.27
C GLU A 454 -38.57 -14.04 62.72
N GLU A 455 -39.51 -13.87 63.64
CA GLU A 455 -39.84 -12.57 64.19
C GLU A 455 -39.46 -12.65 65.67
N GLY A 456 -38.97 -11.55 66.22
CA GLY A 456 -38.58 -11.58 67.61
C GLY A 456 -38.24 -10.21 68.18
N PHE A 457 -37.27 -10.19 69.07
CA PHE A 457 -36.87 -8.94 69.68
C PHE A 457 -35.36 -8.81 69.73
N CYS A 458 -34.88 -7.63 69.32
CA CYS A 458 -33.46 -7.33 69.29
C CYS A 458 -32.70 -7.84 70.50
N VAL A 459 -31.70 -8.66 70.23
CA VAL A 459 -30.87 -9.27 71.27
C VAL A 459 -30.22 -8.24 72.19
N ARG A 460 -30.22 -6.98 71.77
CA ARG A 460 -29.59 -5.95 72.58
C ARG A 460 -30.52 -4.91 73.18
N CYS A 461 -31.42 -4.34 72.39
CA CYS A 461 -32.32 -3.32 72.91
C CYS A 461 -33.73 -3.80 73.23
N GLY A 462 -34.05 -5.03 72.83
CA GLY A 462 -35.37 -5.58 73.11
C GLY A 462 -36.51 -5.14 72.21
N ARG A 463 -36.27 -4.14 71.36
CA ARG A 463 -37.31 -3.67 70.45
C ARG A 463 -37.59 -4.73 69.38
N PRO A 464 -38.78 -4.70 68.76
CA PRO A 464 -39.15 -5.68 67.74
C PRO A 464 -38.04 -5.90 66.71
N SER A 465 -37.94 -7.12 66.21
CA SER A 465 -36.91 -7.45 65.23
C SER A 465 -37.23 -6.99 63.82
N ALA A 466 -36.18 -6.73 63.03
CA ALA A 466 -36.32 -6.32 61.65
C ALA A 466 -35.77 -7.44 60.77
N TYR A 467 -35.83 -7.23 59.46
CA TYR A 467 -35.32 -8.18 58.46
C TYR A 467 -36.09 -9.50 58.39
N GLY A 468 -37.11 -9.64 59.23
CA GLY A 468 -37.91 -10.85 59.22
C GLY A 468 -37.15 -12.15 59.41
N LYS A 469 -35.94 -12.07 59.94
CA LYS A 469 -35.11 -13.25 60.18
C LYS A 469 -33.95 -12.89 61.08
N ARG A 470 -33.21 -13.90 61.54
CA ARG A 470 -32.06 -13.67 62.41
C ARG A 470 -30.88 -13.17 61.59
N VAL A 471 -30.19 -12.16 62.12
CA VAL A 471 -29.02 -11.55 61.49
C VAL A 471 -27.74 -12.22 61.96
N VAL A 472 -26.86 -12.55 61.02
CA VAL A 472 -25.59 -13.19 61.36
C VAL A 472 -24.62 -12.19 62.01
N PHE A 473 -24.18 -12.50 63.22
CA PHE A 473 -23.21 -11.66 63.93
C PHE A 473 -21.93 -12.45 64.12
N ALA A 474 -20.85 -11.74 64.44
CA ALA A 474 -19.55 -12.36 64.66
C ALA A 474 -18.44 -11.33 64.75
N LYS A 475 -17.30 -11.74 65.30
CA LYS A 475 -16.14 -10.88 65.37
C LYS A 475 -15.43 -11.11 64.05
N ALA A 476 -15.27 -10.06 63.26
CA ALA A 476 -14.68 -10.23 61.95
C ALA A 476 -13.32 -9.62 61.70
N TYR A 477 -12.69 -10.12 60.64
CA TYR A 477 -11.41 -9.66 60.17
C TYR A 477 -11.68 -8.44 59.28
N LYS B 5 -15.94 11.00 6.65
CA LYS B 5 -14.55 11.49 6.53
C LYS B 5 -13.62 10.47 7.21
N GLY B 6 -12.65 9.99 6.46
CA GLY B 6 -11.74 9.00 7.00
C GLY B 6 -10.66 9.51 7.94
N LEU B 7 -9.66 8.66 8.15
CA LEU B 7 -8.53 8.96 9.01
C LEU B 7 -7.54 9.81 8.25
N THR B 8 -6.81 10.66 8.95
CA THR B 8 -5.78 11.48 8.33
C THR B 8 -4.75 10.48 7.80
N PRO B 9 -4.63 10.35 6.47
CA PRO B 9 -3.65 9.39 5.95
C PRO B 9 -2.25 9.52 6.52
N GLN B 10 -1.62 8.35 6.68
CA GLN B 10 -0.27 8.24 7.21
C GLN B 10 0.69 9.25 6.59
N SER B 11 0.68 9.35 5.25
CA SER B 11 1.57 10.25 4.55
C SER B 11 1.24 11.73 4.74
N GLN B 12 0.02 12.03 5.20
CA GLN B 12 -0.42 13.39 5.43
C GLN B 12 0.22 13.91 6.72
N ASP B 13 -0.16 13.30 7.83
CA ASP B 13 0.33 13.62 9.17
C ASP B 13 0.30 12.31 9.96
N PHE B 14 1.39 11.54 9.87
CA PHE B 14 1.50 10.25 10.53
C PHE B 14 1.04 10.30 11.97
N SER B 15 1.51 11.31 12.68
CA SER B 15 1.17 11.50 14.08
C SER B 15 -0.32 11.60 14.33
N GLU B 16 -1.00 12.46 13.56
CA GLU B 16 -2.43 12.61 13.72
C GLU B 16 -3.15 11.34 13.30
N TRP B 17 -2.57 10.60 12.37
CA TRP B 17 -3.15 9.34 11.92
C TRP B 17 -3.18 8.41 13.12
N TYR B 18 -2.00 8.18 13.68
CA TYR B 18 -1.84 7.31 14.84
C TYR B 18 -2.88 7.56 15.93
N LEU B 19 -3.01 8.81 16.35
CA LEU B 19 -3.98 9.14 17.38
C LEU B 19 -5.38 8.77 16.96
N GLU B 20 -5.73 9.10 15.72
CA GLU B 20 -7.06 8.82 15.22
C GLU B 20 -7.39 7.35 15.14
N VAL B 21 -6.46 6.56 14.62
CA VAL B 21 -6.72 5.13 14.48
C VAL B 21 -6.99 4.55 15.86
N ILE B 22 -6.21 4.98 16.84
CA ILE B 22 -6.38 4.50 18.22
C ILE B 22 -7.78 4.82 18.76
N GLN B 23 -8.26 6.03 18.48
CA GLN B 23 -9.58 6.46 18.94
C GLN B 23 -10.68 5.69 18.21
N LYS B 24 -10.59 5.69 16.88
CA LYS B 24 -11.59 5.00 16.07
C LYS B 24 -11.60 3.50 16.24
N ALA B 25 -10.43 2.89 16.38
CA ALA B 25 -10.35 1.45 16.55
C ALA B 25 -10.71 1.08 17.99
N GLU B 26 -11.01 2.10 18.79
CA GLU B 26 -11.39 1.94 20.19
C GLU B 26 -10.35 1.22 21.05
N LEU B 27 -9.08 1.41 20.69
CA LEU B 27 -7.99 0.80 21.43
C LEU B 27 -7.86 1.48 22.79
N ALA B 28 -8.13 2.79 22.83
CA ALA B 28 -8.05 3.52 24.08
C ALA B 28 -8.68 4.90 23.97
N ASP B 29 -8.88 5.53 25.12
CA ASP B 29 -9.44 6.87 25.20
C ASP B 29 -8.55 7.62 26.19
N TYR B 30 -8.88 8.87 26.48
CA TYR B 30 -8.05 9.62 27.43
C TYR B 30 -8.73 9.76 28.79
N GLY B 31 -7.96 9.54 29.84
CA GLY B 31 -8.51 9.63 31.17
C GLY B 31 -8.64 11.07 31.63
N PRO B 32 -9.32 11.30 32.78
CA PRO B 32 -9.52 12.63 33.35
C PRO B 32 -8.25 13.33 33.85
N VAL B 33 -7.15 12.58 33.97
CA VAL B 33 -5.90 13.18 34.41
C VAL B 33 -4.95 13.29 33.23
N ARG B 34 -4.46 14.50 32.97
CA ARG B 34 -3.56 14.72 31.85
C ARG B 34 -2.40 13.74 31.81
N GLY B 35 -2.21 13.14 30.64
CA GLY B 35 -1.11 12.18 30.49
C GLY B 35 -1.49 10.75 30.78
N THR B 36 -2.71 10.53 31.27
CA THR B 36 -3.15 9.18 31.58
C THR B 36 -4.24 8.70 30.61
N ILE B 37 -4.18 7.42 30.25
CA ILE B 37 -5.15 6.86 29.30
C ILE B 37 -5.92 5.65 29.87
N VAL B 38 -7.02 5.30 29.21
CA VAL B 38 -7.78 4.15 29.64
C VAL B 38 -7.77 3.21 28.43
N VAL B 39 -7.33 1.97 28.65
CA VAL B 39 -7.25 1.00 27.58
C VAL B 39 -8.60 0.31 27.45
N ARG B 40 -9.28 0.56 26.34
CA ARG B 40 -10.58 -0.03 26.08
C ARG B 40 -10.41 -1.51 25.77
N PRO B 41 -11.44 -2.30 26.05
CA PRO B 41 -11.48 -3.75 25.84
C PRO B 41 -10.68 -4.26 24.65
N TYR B 42 -11.04 -3.80 23.46
CA TYR B 42 -10.37 -4.25 22.25
C TYR B 42 -8.86 -4.11 22.38
N GLY B 43 -8.42 -2.98 22.93
CA GLY B 43 -7.00 -2.74 23.11
C GLY B 43 -6.45 -3.65 24.20
N TYR B 44 -7.16 -3.75 25.32
CA TYR B 44 -6.68 -4.61 26.40
C TYR B 44 -6.49 -6.06 25.90
N ALA B 45 -7.39 -6.48 25.00
CA ALA B 45 -7.34 -7.82 24.45
C ALA B 45 -6.00 -8.09 23.80
N ILE B 46 -5.49 -7.10 23.07
CA ILE B 46 -4.20 -7.26 22.42
C ILE B 46 -3.13 -7.47 23.51
N TRP B 47 -3.17 -6.64 24.54
CA TRP B 47 -2.20 -6.74 25.63
C TRP B 47 -2.25 -8.15 26.20
N GLU B 48 -3.44 -8.60 26.61
CA GLU B 48 -3.58 -9.94 27.17
C GLU B 48 -2.96 -11.03 26.30
N ASN B 49 -3.08 -10.90 24.98
CA ASN B 49 -2.50 -11.90 24.09
C ASN B 49 -0.98 -11.86 24.15
N ILE B 50 -0.42 -10.66 24.32
CA ILE B 50 1.02 -10.48 24.41
C ILE B 50 1.50 -11.03 25.77
N GLN B 51 0.69 -10.83 26.81
CA GLN B 51 1.03 -11.33 28.15
C GLN B 51 1.15 -12.84 28.06
N GLN B 52 0.11 -13.47 27.54
CA GLN B 52 0.04 -14.91 27.40
C GLN B 52 1.23 -15.55 26.68
N VAL B 53 1.56 -15.06 25.50
CA VAL B 53 2.68 -15.60 24.76
C VAL B 53 3.97 -15.40 25.56
N LEU B 54 4.21 -14.19 26.05
CA LEU B 54 5.42 -13.92 26.83
C LEU B 54 5.50 -14.81 28.05
N ASP B 55 4.41 -14.91 28.80
CA ASP B 55 4.35 -15.74 30.00
C ASP B 55 4.80 -17.19 29.72
N ARG B 56 4.28 -17.78 28.66
CA ARG B 56 4.64 -19.13 28.28
C ARG B 56 6.16 -19.22 28.15
N MET B 57 6.71 -18.33 27.34
CA MET B 57 8.15 -18.31 27.12
C MET B 57 8.94 -18.10 28.40
N PHE B 58 8.44 -17.24 29.27
CA PHE B 58 9.11 -16.98 30.55
C PHE B 58 9.09 -18.24 31.38
N LYS B 59 7.91 -18.85 31.48
CA LYS B 59 7.73 -20.06 32.25
C LYS B 59 8.59 -21.21 31.73
N GLU B 60 8.63 -21.40 30.42
CA GLU B 60 9.42 -22.46 29.83
C GLU B 60 10.91 -22.26 30.10
N THR B 61 11.27 -21.07 30.53
CA THR B 61 12.68 -20.78 30.81
C THR B 61 12.90 -20.68 32.31
N GLY B 62 11.99 -21.32 33.05
CA GLY B 62 12.07 -21.38 34.50
C GLY B 62 11.90 -20.11 35.29
N HIS B 63 11.06 -19.21 34.82
CA HIS B 63 10.84 -17.97 35.53
C HIS B 63 9.51 -18.08 36.25
N GLN B 64 9.35 -17.31 37.32
CA GLN B 64 8.10 -17.31 38.07
C GLN B 64 7.66 -15.89 38.37
N ASN B 65 6.37 -15.62 38.21
CA ASN B 65 5.85 -14.29 38.50
C ASN B 65 5.76 -14.09 40.01
N ALA B 66 5.62 -12.84 40.41
CA ALA B 66 5.50 -12.45 41.81
C ALA B 66 5.03 -11.00 41.79
N TYR B 67 4.97 -10.37 42.95
CA TYR B 67 4.52 -9.00 42.97
C TYR B 67 5.15 -8.16 44.07
N PHE B 68 5.91 -7.15 43.66
CA PHE B 68 6.55 -6.27 44.62
C PHE B 68 5.75 -4.96 44.71
N PRO B 69 5.94 -4.19 45.80
CA PRO B 69 5.26 -2.93 46.08
C PRO B 69 5.25 -1.87 45.01
N LEU B 70 4.21 -1.05 45.02
CA LEU B 70 4.03 0.05 44.09
C LEU B 70 4.90 1.22 44.54
N PHE B 71 4.92 1.45 45.85
CA PHE B 71 5.71 2.54 46.41
C PHE B 71 7.13 2.08 46.71
N ILE B 72 8.06 3.02 46.53
CA ILE B 72 9.47 2.78 46.76
C ILE B 72 10.00 3.93 47.61
N PRO B 73 10.83 3.61 48.61
CA PRO B 73 11.41 4.64 49.47
C PRO B 73 12.34 5.56 48.65
N MET B 74 12.12 6.87 48.73
CA MET B 74 12.97 7.81 47.99
C MET B 74 14.45 7.54 48.24
N SER B 75 14.78 7.07 49.43
CA SER B 75 16.16 6.74 49.79
C SER B 75 16.78 5.84 48.72
N PHE B 76 15.96 4.93 48.18
CA PHE B 76 16.37 3.98 47.15
C PHE B 76 16.74 4.64 45.80
N LEU B 77 16.16 5.79 45.52
CA LEU B 77 16.45 6.47 44.27
C LEU B 77 17.26 7.73 44.55
N PHE B 87 13.36 16.25 43.64
CA PHE B 87 12.71 15.03 43.06
C PHE B 87 12.92 14.97 41.55
N SER B 88 13.39 13.84 41.05
CA SER B 88 13.57 13.68 39.62
C SER B 88 12.24 13.82 38.88
N PRO B 89 12.23 14.58 37.78
CA PRO B 89 11.08 14.85 36.91
C PRO B 89 10.16 13.67 36.58
N GLU B 90 10.74 12.55 36.17
CA GLU B 90 9.98 11.35 35.79
C GLU B 90 9.10 10.78 36.92
N LEU B 91 9.49 11.04 38.16
CA LEU B 91 8.79 10.53 39.32
C LEU B 91 7.50 11.21 39.79
N ALA B 92 6.50 10.40 40.11
CA ALA B 92 5.24 10.86 40.67
C ALA B 92 5.46 10.58 42.15
N VAL B 93 5.53 11.64 42.95
CA VAL B 93 5.80 11.50 44.39
C VAL B 93 4.62 11.68 45.34
N VAL B 94 4.47 10.74 46.26
CA VAL B 94 3.42 10.79 47.26
C VAL B 94 4.07 11.27 48.57
N THR B 95 3.63 12.45 49.03
CA THR B 95 4.16 13.08 50.23
C THR B 95 3.17 13.04 51.39
N HIS B 96 1.92 12.72 51.08
CA HIS B 96 0.86 12.65 52.07
C HIS B 96 0.09 11.33 51.97
N ALA B 97 0.00 10.62 53.09
CA ALA B 97 -0.72 9.35 53.12
C ALA B 97 -1.25 9.14 54.53
N GLY B 98 -2.38 8.45 54.66
CA GLY B 98 -2.94 8.21 55.97
C GLY B 98 -3.31 9.52 56.66
N GLY B 99 -3.72 10.50 55.86
CA GLY B 99 -4.10 11.80 56.39
C GLY B 99 -2.95 12.68 56.83
N GLU B 100 -1.85 12.07 57.27
CA GLU B 100 -0.68 12.82 57.72
C GLU B 100 0.38 12.94 56.63
N GLU B 101 1.30 13.90 56.81
CA GLU B 101 2.37 14.10 55.87
C GLU B 101 3.47 13.09 56.21
N LEU B 102 4.01 12.42 55.19
CA LEU B 102 5.03 11.41 55.41
C LEU B 102 6.42 11.97 55.76
N GLU B 103 7.13 11.29 56.65
CA GLU B 103 8.48 11.73 57.04
C GLU B 103 9.34 11.68 55.79
N GLU B 104 9.36 10.50 55.15
CA GLU B 104 10.14 10.33 53.94
C GLU B 104 9.13 10.12 52.81
N PRO B 105 9.22 10.94 51.76
CA PRO B 105 8.27 10.78 50.66
C PRO B 105 8.51 9.47 49.92
N LEU B 106 7.46 8.98 49.29
CA LEU B 106 7.52 7.74 48.54
C LEU B 106 7.37 7.98 47.04
N ALA B 107 8.13 7.25 46.25
CA ALA B 107 8.05 7.39 44.80
C ALA B 107 7.19 6.27 44.24
N VAL B 108 6.33 6.58 43.30
CA VAL B 108 5.54 5.53 42.68
C VAL B 108 6.58 4.90 41.75
N ARG B 109 6.74 3.59 41.84
CA ARG B 109 7.73 2.87 41.04
C ARG B 109 7.79 3.15 39.54
N PRO B 110 8.95 3.61 39.06
CA PRO B 110 9.14 3.90 37.64
C PRO B 110 9.79 2.63 37.07
N THR B 111 10.25 1.78 38.00
CA THR B 111 10.92 0.52 37.72
C THR B 111 11.17 -0.11 39.10
N SER B 112 11.26 -1.44 39.19
CA SER B 112 11.39 -2.08 40.49
C SER B 112 12.72 -2.70 40.98
N GLU B 113 13.83 -2.49 40.27
CA GLU B 113 15.11 -3.09 40.69
C GLU B 113 15.57 -2.81 42.12
N THR B 114 15.36 -1.60 42.60
CA THR B 114 15.80 -1.27 43.96
C THR B 114 15.04 -2.07 45.02
N VAL B 115 13.72 -2.00 44.99
CA VAL B 115 12.89 -2.73 45.96
C VAL B 115 13.19 -4.22 45.91
N ILE B 116 13.23 -4.77 44.71
CA ILE B 116 13.51 -6.17 44.56
C ILE B 116 14.89 -6.47 45.16
N GLY B 117 15.88 -5.66 44.79
CA GLY B 117 17.22 -5.84 45.32
C GLY B 117 17.21 -5.85 46.83
N TYR B 118 16.46 -4.91 47.41
CA TYR B 118 16.34 -4.82 48.85
C TYR B 118 15.83 -6.15 49.40
N MET B 119 14.81 -6.72 48.77
CA MET B 119 14.25 -7.98 49.21
C MET B 119 15.22 -9.15 49.01
N TRP B 120 15.97 -9.13 47.91
CA TRP B 120 16.93 -10.19 47.64
C TRP B 120 18.04 -10.18 48.68
N SER B 121 18.30 -9.00 49.25
CA SER B 121 19.36 -8.89 50.24
C SER B 121 19.05 -9.78 51.44
N LYS B 122 17.76 -9.97 51.73
CA LYS B 122 17.39 -10.83 52.85
C LYS B 122 17.05 -12.26 52.47
N TRP B 123 16.52 -12.47 51.27
CA TRP B 123 16.18 -13.81 50.84
C TRP B 123 17.43 -14.61 50.49
N ILE B 124 18.38 -13.96 49.82
CA ILE B 124 19.60 -14.62 49.40
C ILE B 124 20.69 -14.75 50.47
N ARG B 125 21.08 -15.98 50.75
CA ARG B 125 22.11 -16.28 51.74
C ARG B 125 23.23 -17.14 51.19
N SER B 126 22.88 -18.07 50.30
CA SER B 126 23.85 -18.99 49.71
C SER B 126 23.44 -19.42 48.31
N TRP B 127 24.32 -20.17 47.66
CA TRP B 127 24.08 -20.67 46.33
C TRP B 127 22.78 -21.44 46.27
N ARG B 128 22.26 -21.85 47.42
CA ARG B 128 21.02 -22.60 47.45
C ARG B 128 19.82 -21.73 47.10
N ASP B 129 20.01 -20.42 47.20
CA ASP B 129 18.94 -19.47 46.90
C ASP B 129 19.10 -18.92 45.47
N LEU B 130 19.91 -19.61 44.67
CA LEU B 130 20.15 -19.19 43.30
C LEU B 130 19.93 -20.30 42.26
N PRO B 131 19.60 -19.92 41.02
CA PRO B 131 19.42 -18.52 40.64
C PRO B 131 18.02 -18.04 41.00
N GLN B 132 17.86 -16.74 40.97
CA GLN B 132 16.59 -16.11 41.28
C GLN B 132 16.04 -15.70 39.90
N LEU B 133 14.97 -16.35 39.46
CA LEU B 133 14.36 -16.03 38.16
C LEU B 133 12.93 -15.49 38.32
N LEU B 134 12.82 -14.17 38.49
CA LEU B 134 11.53 -13.52 38.69
C LEU B 134 11.00 -12.66 37.55
N ASN B 135 9.68 -12.46 37.55
CA ASN B 135 9.00 -11.63 36.57
C ASN B 135 7.79 -10.95 37.21
N GLN B 136 7.54 -9.71 36.81
CA GLN B 136 6.38 -9.01 37.37
C GLN B 136 5.56 -8.31 36.30
N TRP B 137 4.28 -8.66 36.24
CA TRP B 137 3.34 -8.03 35.31
C TRP B 137 2.66 -6.94 36.14
N GLY B 138 2.66 -5.71 35.63
CA GLY B 138 2.04 -4.62 36.36
C GLY B 138 2.31 -3.27 35.73
N ASN B 139 2.02 -2.21 36.49
CA ASN B 139 2.21 -0.84 36.02
C ASN B 139 3.41 -0.18 36.66
N VAL B 140 3.73 1.01 36.15
CA VAL B 140 4.84 1.83 36.64
C VAL B 140 4.51 3.26 36.22
N VAL B 141 5.28 4.23 36.70
CA VAL B 141 5.01 5.61 36.34
C VAL B 141 6.22 6.48 36.08
N ARG B 142 6.37 6.90 34.83
CA ARG B 142 7.44 7.78 34.41
C ARG B 142 6.65 8.92 33.80
N TRP B 143 6.57 10.02 34.55
CA TRP B 143 5.80 11.19 34.16
C TRP B 143 5.94 11.65 32.72
N GLU B 144 4.79 11.91 32.11
CA GLU B 144 4.71 12.32 30.72
C GLU B 144 3.65 13.41 30.62
N MET B 145 3.93 14.44 29.81
CA MET B 145 2.99 15.53 29.62
C MET B 145 2.20 15.34 28.33
N ARG B 146 2.91 15.17 27.22
CA ARG B 146 2.28 14.96 25.91
C ARG B 146 1.70 13.54 25.86
N THR B 147 0.39 13.40 26.00
CA THR B 147 -0.25 12.08 25.97
C THR B 147 -0.40 11.44 24.59
N ARG B 148 0.25 10.30 24.40
CA ARG B 148 0.17 9.59 23.14
C ARG B 148 -0.04 8.12 23.50
N PRO B 149 -1.29 7.65 23.44
CA PRO B 149 -1.61 6.26 23.77
C PRO B 149 -0.58 5.23 23.30
N PHE B 150 -0.10 4.44 24.26
CA PHE B 150 0.88 3.38 24.04
C PHE B 150 2.31 3.82 23.73
N LEU B 151 2.53 5.12 23.58
CA LEU B 151 3.88 5.64 23.29
C LEU B 151 4.37 6.59 24.36
N ARG B 152 3.47 7.45 24.82
CA ARG B 152 3.82 8.42 25.85
C ARG B 152 2.68 8.55 26.83
N THR B 153 2.86 7.99 28.02
CA THR B 153 1.85 8.06 29.06
C THR B 153 2.55 8.02 30.40
N SER B 154 2.06 8.82 31.34
CA SER B 154 2.65 8.86 32.67
C SER B 154 2.64 7.46 33.22
N GLU B 155 1.49 6.80 33.12
CA GLU B 155 1.38 5.44 33.59
C GLU B 155 1.25 4.51 32.41
N PHE B 156 1.80 3.31 32.55
CA PHE B 156 1.74 2.31 31.49
C PHE B 156 1.95 0.93 32.06
N LEU B 157 1.38 -0.07 31.39
CA LEU B 157 1.54 -1.44 31.83
C LEU B 157 2.74 -2.09 31.14
N TRP B 158 3.28 -3.13 31.77
CA TRP B 158 4.41 -3.80 31.17
C TRP B 158 4.72 -5.07 31.94
N GLN B 159 5.90 -5.60 31.66
CA GLN B 159 6.38 -6.80 32.31
C GLN B 159 7.84 -6.48 32.61
N GLU B 160 8.25 -6.64 33.86
CA GLU B 160 9.64 -6.40 34.22
C GLU B 160 10.23 -7.62 34.91
N GLY B 161 11.17 -8.25 34.24
CA GLY B 161 11.80 -9.43 34.77
C GLY B 161 13.10 -9.07 35.45
N HIS B 162 13.33 -9.71 36.60
CA HIS B 162 14.53 -9.46 37.39
C HIS B 162 15.13 -10.79 37.81
N THR B 163 16.42 -10.97 37.56
CA THR B 163 17.08 -12.21 37.96
C THR B 163 18.42 -12.00 38.67
N ALA B 164 18.78 -12.98 39.49
CA ALA B 164 20.04 -12.96 40.25
C ALA B 164 20.75 -14.30 40.01
N HIS B 165 22.06 -14.24 39.79
CA HIS B 165 22.82 -15.45 39.52
C HIS B 165 24.11 -15.52 40.31
N ALA B 166 24.71 -16.71 40.38
CA ALA B 166 25.95 -16.91 41.11
C ALA B 166 27.15 -16.45 40.28
N THR B 167 27.14 -16.80 39.00
CA THR B 167 28.24 -16.44 38.11
C THR B 167 27.88 -15.36 37.09
N ARG B 168 28.91 -14.74 36.54
CA ARG B 168 28.73 -13.70 35.54
C ARG B 168 28.21 -14.32 34.24
N GLU B 169 28.76 -15.48 33.88
CA GLU B 169 28.37 -16.17 32.66
C GLU B 169 26.90 -16.53 32.64
N GLU B 170 26.39 -16.96 33.77
CA GLU B 170 24.98 -17.35 33.84
C GLU B 170 24.09 -16.11 33.61
N ALA B 171 24.49 -14.98 34.18
CA ALA B 171 23.70 -13.77 34.02
C ALA B 171 23.64 -13.31 32.57
N GLU B 172 24.80 -13.19 31.93
CA GLU B 172 24.87 -12.77 30.55
C GLU B 172 24.06 -13.67 29.62
N GLU B 173 23.99 -14.96 29.94
CA GLU B 173 23.22 -15.87 29.11
C GLU B 173 21.74 -15.56 29.30
N GLU B 174 21.39 -15.17 30.52
CA GLU B 174 20.01 -14.83 30.83
C GLU B 174 19.58 -13.60 30.02
N VAL B 175 20.47 -12.62 29.90
CA VAL B 175 20.17 -11.39 29.16
C VAL B 175 19.81 -11.71 27.72
N ARG B 176 20.72 -12.40 27.04
CA ARG B 176 20.49 -12.77 25.65
C ARG B 176 19.30 -13.72 25.51
N ARG B 177 19.09 -14.58 26.50
CA ARG B 177 17.96 -15.51 26.41
C ARG B 177 16.66 -14.73 26.35
N MET B 178 16.53 -13.76 27.25
CA MET B 178 15.31 -12.96 27.31
C MET B 178 15.14 -12.06 26.09
N LEU B 179 16.23 -11.43 25.64
CA LEU B 179 16.16 -10.58 24.46
C LEU B 179 15.62 -11.39 23.30
N SER B 180 16.19 -12.58 23.11
CA SER B 180 15.77 -13.47 22.03
C SER B 180 14.28 -13.78 22.11
N ILE B 181 13.76 -13.91 23.34
CA ILE B 181 12.34 -14.19 23.52
C ILE B 181 11.52 -13.01 23.01
N TYR B 182 12.04 -11.79 23.21
CA TYR B 182 11.38 -10.58 22.73
C TYR B 182 11.43 -10.57 21.19
N ALA B 183 12.59 -10.88 20.62
CA ALA B 183 12.76 -10.92 19.16
C ALA B 183 11.79 -11.94 18.57
N ARG B 184 11.67 -13.07 19.24
CA ARG B 184 10.78 -14.11 18.77
C ARG B 184 9.32 -13.63 18.83
N LEU B 185 8.96 -12.92 19.89
CA LEU B 185 7.59 -12.40 19.99
C LEU B 185 7.39 -11.44 18.82
N ALA B 186 8.38 -10.56 18.63
CA ALA B 186 8.34 -9.57 17.56
C ALA B 186 8.14 -10.20 16.20
N ARG B 187 9.08 -11.05 15.81
CA ARG B 187 9.05 -11.71 14.51
C ARG B 187 7.95 -12.74 14.30
N GLU B 188 8.00 -13.83 15.06
CA GLU B 188 7.02 -14.91 14.94
C GLU B 188 5.57 -14.57 15.32
N TYR B 189 5.39 -13.60 16.22
CA TYR B 189 4.02 -13.26 16.62
C TYR B 189 3.49 -11.91 16.16
N ALA B 190 4.35 -10.90 16.09
CA ALA B 190 3.91 -9.58 15.68
C ALA B 190 4.24 -9.24 14.23
N ALA B 191 4.99 -10.12 13.57
CA ALA B 191 5.39 -9.93 12.18
C ALA B 191 6.14 -8.60 12.03
N ILE B 192 6.86 -8.23 13.08
CA ILE B 192 7.62 -7.00 13.10
C ILE B 192 9.11 -7.35 13.04
N PRO B 193 9.80 -6.98 11.95
CA PRO B 193 11.22 -7.32 11.94
C PRO B 193 11.97 -6.38 12.89
N VAL B 194 12.98 -6.91 13.57
CA VAL B 194 13.77 -6.14 14.52
C VAL B 194 15.29 -6.36 14.33
N ILE B 195 16.09 -5.60 15.07
CA ILE B 195 17.55 -5.74 15.03
C ILE B 195 18.07 -5.91 16.46
N GLU B 196 18.75 -7.02 16.71
CA GLU B 196 19.28 -7.27 18.05
C GLU B 196 20.68 -6.70 18.22
N GLY B 197 20.93 -6.02 19.34
CA GLY B 197 22.25 -5.46 19.54
C GLY B 197 22.43 -4.73 20.86
N LEU B 198 23.60 -4.11 21.02
CA LEU B 198 23.93 -3.35 22.22
C LEU B 198 23.65 -1.88 22.07
N LYS B 199 23.12 -1.28 23.13
CA LYS B 199 22.87 0.15 23.15
C LYS B 199 24.27 0.72 23.38
N THR B 200 24.52 1.95 22.96
CA THR B 200 25.83 2.55 23.20
C THR B 200 25.86 2.99 24.66
N GLU B 201 27.04 3.34 25.14
CA GLU B 201 27.21 3.76 26.52
C GLU B 201 26.23 4.88 26.88
N LYS B 202 26.04 5.82 25.97
CA LYS B 202 25.13 6.95 26.18
C LYS B 202 23.68 6.51 26.21
N GLU B 203 23.38 5.45 25.49
CA GLU B 203 22.02 4.95 25.39
C GLU B 203 21.60 3.85 26.35
N LYS B 204 22.52 3.30 27.13
CA LYS B 204 22.16 2.21 28.03
C LYS B 204 21.34 2.61 29.24
N PHE B 205 20.81 1.58 29.90
CA PHE B 205 19.99 1.70 31.10
C PHE B 205 20.85 2.13 32.27
N ALA B 206 20.38 3.10 33.03
CA ALA B 206 21.13 3.58 34.19
C ALA B 206 21.34 2.43 35.18
N GLY B 207 22.59 2.16 35.54
CA GLY B 207 22.87 1.09 36.47
C GLY B 207 23.37 -0.19 35.83
N ALA B 208 23.06 -0.39 34.55
CA ALA B 208 23.49 -1.60 33.84
C ALA B 208 24.91 -1.44 33.32
N VAL B 209 25.65 -2.54 33.19
CA VAL B 209 26.99 -2.41 32.65
C VAL B 209 26.76 -2.29 31.15
N TYR B 210 25.78 -3.04 30.64
CA TYR B 210 25.43 -2.96 29.23
C TYR B 210 23.95 -3.30 28.98
N THR B 211 23.39 -2.73 27.92
CA THR B 211 21.98 -2.94 27.58
C THR B 211 21.83 -3.51 26.17
N THR B 212 21.09 -4.60 26.05
CA THR B 212 20.83 -5.19 24.74
C THR B 212 19.45 -4.69 24.35
N THR B 213 19.15 -4.72 23.05
CA THR B 213 17.85 -4.24 22.58
C THR B 213 17.46 -4.78 21.22
N ILE B 214 16.19 -4.63 20.89
CA ILE B 214 15.64 -5.01 19.60
C ILE B 214 15.02 -3.72 19.10
N GLU B 215 15.50 -3.22 17.96
CA GLU B 215 15.01 -1.99 17.38
C GLU B 215 14.21 -2.28 16.12
N ALA B 216 13.01 -1.72 16.03
CA ALA B 216 12.12 -1.90 14.89
C ALA B 216 11.96 -0.58 14.15
N LEU B 217 11.57 -0.66 12.87
CA LEU B 217 11.35 0.53 12.05
C LEU B 217 9.88 0.71 11.72
N MET B 218 9.31 1.81 12.18
CA MET B 218 7.90 2.13 11.93
C MET B 218 7.69 2.66 10.51
N LYS B 219 6.44 2.61 10.04
CA LYS B 219 6.07 3.06 8.69
C LYS B 219 6.39 4.52 8.37
N ASP B 220 6.69 5.30 9.39
CA ASP B 220 7.03 6.70 9.18
C ASP B 220 8.55 6.89 9.17
N GLY B 221 9.28 5.79 9.08
CA GLY B 221 10.73 5.84 9.06
C GLY B 221 11.44 6.00 10.39
N LYS B 222 10.68 6.11 11.48
CA LYS B 222 11.31 6.25 12.79
C LYS B 222 11.52 4.90 13.48
N ALA B 223 12.58 4.80 14.26
CA ALA B 223 12.90 3.57 14.99
C ALA B 223 12.16 3.52 16.33
N LEU B 224 11.89 2.30 16.80
CA LEU B 224 11.21 2.11 18.08
C LEU B 224 11.78 0.89 18.77
N GLN B 225 12.25 1.07 20.02
CA GLN B 225 12.79 -0.04 20.81
C GLN B 225 11.60 -0.89 21.25
N ALA B 226 11.57 -2.15 20.80
CA ALA B 226 10.47 -3.03 21.11
C ALA B 226 10.60 -3.82 22.40
N GLY B 227 11.81 -3.88 22.93
CA GLY B 227 12.03 -4.63 24.15
C GLY B 227 13.47 -4.45 24.57
N THR B 228 13.78 -4.81 25.80
CA THR B 228 15.13 -4.64 26.27
C THR B 228 15.56 -5.60 27.40
N SER B 229 16.85 -5.94 27.42
CA SER B 229 17.43 -6.86 28.42
C SER B 229 18.82 -6.35 28.84
N HIS B 230 18.99 -6.05 30.12
CA HIS B 230 20.26 -5.51 30.62
C HIS B 230 21.09 -6.43 31.53
N TYR B 231 22.41 -6.27 31.47
CA TYR B 231 23.32 -7.00 32.32
C TYR B 231 23.71 -5.96 33.35
N LEU B 232 23.21 -6.13 34.57
CA LEU B 232 23.47 -5.19 35.65
C LEU B 232 24.71 -5.57 36.45
N GLY B 233 25.40 -6.62 36.01
CA GLY B 233 26.60 -7.07 36.71
C GLY B 233 26.32 -7.15 38.21
N GLU B 234 27.22 -6.65 39.03
CA GLU B 234 26.97 -6.68 40.46
C GLU B 234 26.80 -5.25 40.99
N ASN B 235 26.25 -4.39 40.15
CA ASN B 235 26.01 -3.00 40.51
C ASN B 235 24.93 -2.88 41.58
N PHE B 236 23.77 -3.46 41.34
CA PHE B 236 22.69 -3.39 42.32
C PHE B 236 22.98 -4.27 43.52
N ALA B 237 23.72 -5.35 43.29
CA ALA B 237 24.11 -6.25 44.38
C ALA B 237 24.95 -5.47 45.39
N ARG B 238 25.91 -4.70 44.88
CA ARG B 238 26.78 -3.91 45.75
C ARG B 238 26.02 -2.78 46.42
N ALA B 239 25.13 -2.14 45.67
CA ALA B 239 24.37 -1.03 46.21
C ALA B 239 23.42 -1.50 47.30
N PHE B 240 22.76 -2.63 47.08
CA PHE B 240 21.80 -3.14 48.03
C PHE B 240 22.32 -4.27 48.91
N ASP B 241 23.63 -4.46 48.91
CA ASP B 241 24.27 -5.48 49.73
C ASP B 241 23.62 -6.83 49.53
N ILE B 242 23.71 -7.34 48.31
CA ILE B 242 23.14 -8.64 47.95
C ILE B 242 24.28 -9.60 47.73
N LYS B 243 24.60 -10.39 48.74
CA LYS B 243 25.68 -11.36 48.62
C LYS B 243 25.25 -12.72 49.09
N PHE B 244 25.99 -13.74 48.68
CA PHE B 244 25.67 -15.10 49.06
C PHE B 244 26.95 -15.86 49.39
N GLN B 245 26.80 -16.97 50.12
CA GLN B 245 27.94 -17.81 50.43
C GLN B 245 27.93 -18.91 49.36
N ASP B 246 29.02 -19.03 48.63
CA ASP B 246 29.13 -20.01 47.56
C ASP B 246 29.54 -21.39 48.09
N ARG B 247 29.42 -22.39 47.24
CA ARG B 247 29.79 -23.74 47.62
C ARG B 247 31.20 -23.76 48.19
N ASP B 248 32.06 -22.86 47.72
CA ASP B 248 33.43 -22.81 48.21
C ASP B 248 33.55 -22.08 49.54
N LEU B 249 32.40 -21.89 50.19
CA LEU B 249 32.33 -21.21 51.48
C LEU B 249 32.71 -19.73 51.44
N GLN B 250 33.06 -19.26 50.25
CA GLN B 250 33.45 -17.86 50.06
C GLN B 250 32.19 -17.02 49.82
N VAL B 251 32.10 -15.84 50.44
CA VAL B 251 30.94 -14.97 50.26
C VAL B 251 31.16 -14.03 49.08
N LYS B 252 30.23 -14.06 48.12
CA LYS B 252 30.35 -13.24 46.92
C LYS B 252 29.09 -12.44 46.60
N TYR B 253 29.23 -11.47 45.69
CA TYR B 253 28.10 -10.66 45.25
C TYR B 253 27.41 -11.39 44.09
N VAL B 254 26.09 -11.28 44.02
CA VAL B 254 25.38 -11.91 42.92
C VAL B 254 25.50 -11.02 41.67
N HIS B 255 25.10 -11.57 40.54
CA HIS B 255 25.11 -10.86 39.27
C HIS B 255 23.65 -10.85 38.84
N THR B 256 23.07 -9.67 38.69
CA THR B 256 21.68 -9.59 38.32
C THR B 256 21.44 -9.10 36.91
N THR B 257 20.23 -9.33 36.42
CA THR B 257 19.82 -8.90 35.09
C THR B 257 18.42 -8.29 35.21
N SER B 258 18.03 -7.57 34.18
CA SER B 258 16.75 -6.89 34.15
C SER B 258 16.28 -6.89 32.69
N TRP B 259 15.00 -7.15 32.47
CA TRP B 259 14.44 -7.15 31.12
C TRP B 259 12.96 -6.74 31.10
N GLY B 260 12.61 -5.87 30.17
CA GLY B 260 11.24 -5.41 30.10
C GLY B 260 10.70 -5.17 28.71
N LEU B 261 9.38 -5.15 28.61
CA LEU B 261 8.66 -4.90 27.38
C LEU B 261 7.29 -4.36 27.83
N SER B 262 6.98 -3.14 27.44
CA SER B 262 5.72 -2.49 27.83
C SER B 262 4.67 -2.53 26.72
N TRP B 263 3.53 -1.89 26.96
CA TRP B 263 2.49 -1.88 25.93
C TRP B 263 2.90 -0.95 24.80
N ARG B 264 4.16 -0.56 24.78
CA ARG B 264 4.65 0.28 23.72
C ARG B 264 4.71 -0.64 22.51
N PHE B 265 4.74 -1.94 22.80
CA PHE B 265 4.81 -2.97 21.77
C PHE B 265 3.55 -2.89 20.92
N ILE B 266 2.45 -2.45 21.53
CA ILE B 266 1.18 -2.30 20.79
C ILE B 266 1.35 -1.16 19.79
N GLY B 267 1.94 -0.05 20.22
CA GLY B 267 2.17 1.05 19.30
C GLY B 267 3.02 0.58 18.14
N ALA B 268 3.93 -0.34 18.41
CA ALA B 268 4.80 -0.88 17.39
C ALA B 268 3.95 -1.62 16.37
N ILE B 269 3.02 -2.43 16.86
CA ILE B 269 2.13 -3.19 16.01
C ILE B 269 1.31 -2.25 15.11
N ILE B 270 0.80 -1.18 15.70
CA ILE B 270 0.01 -0.21 14.97
C ILE B 270 0.78 0.52 13.86
N MET B 271 1.93 1.09 14.23
CA MET B 271 2.73 1.85 13.28
C MET B 271 3.54 1.00 12.33
N THR B 272 3.46 -0.32 12.49
CA THR B 272 4.22 -1.18 11.61
C THR B 272 3.34 -1.78 10.53
N HIS B 273 2.14 -2.22 10.90
CA HIS B 273 1.23 -2.84 9.94
C HIS B 273 0.01 -2.02 9.53
N GLY B 274 -0.33 -1.00 10.30
CA GLY B 274 -1.49 -0.20 9.97
C GLY B 274 -1.40 0.53 8.63
N ASP B 275 -2.56 0.91 8.09
CA ASP B 275 -2.63 1.62 6.82
C ASP B 275 -3.72 2.71 6.90
N ASP B 276 -3.94 3.42 5.79
CA ASP B 276 -4.94 4.49 5.78
C ASP B 276 -6.35 4.02 6.14
N ARG B 277 -6.58 2.71 6.02
CA ARG B 277 -7.87 2.12 6.36
C ARG B 277 -7.99 1.84 7.86
N GLY B 278 -6.85 1.82 8.54
CA GLY B 278 -6.84 1.58 9.98
C GLY B 278 -5.90 0.47 10.42
N LEU B 279 -6.26 -0.18 11.52
CA LEU B 279 -5.44 -1.27 12.06
C LEU B 279 -5.38 -2.48 11.12
N VAL B 280 -4.37 -3.29 11.36
CA VAL B 280 -4.16 -4.53 10.62
C VAL B 280 -3.34 -5.28 11.67
N LEU B 281 -4.03 -6.14 12.41
CA LEU B 281 -3.42 -6.91 13.47
C LEU B 281 -2.83 -8.21 12.99
N PRO B 282 -1.64 -8.57 13.52
CA PRO B 282 -0.99 -9.82 13.13
C PRO B 282 -1.83 -10.98 13.67
N PRO B 283 -2.13 -11.98 12.83
CA PRO B 283 -2.93 -13.16 13.18
C PRO B 283 -2.68 -13.80 14.54
N ARG B 284 -1.40 -14.04 14.85
CA ARG B 284 -1.00 -14.68 16.10
C ARG B 284 -1.09 -13.85 17.39
N LEU B 285 -1.59 -12.62 17.29
CA LEU B 285 -1.74 -11.75 18.44
C LEU B 285 -3.08 -11.04 18.39
N ALA B 286 -3.79 -11.21 17.29
CA ALA B 286 -5.07 -10.56 17.10
C ALA B 286 -6.20 -11.17 17.92
N PRO B 287 -6.93 -10.35 18.68
CA PRO B 287 -8.04 -10.91 19.48
C PRO B 287 -9.02 -11.65 18.57
N ILE B 288 -9.37 -11.05 17.44
CA ILE B 288 -10.28 -11.69 16.52
C ILE B 288 -9.61 -12.04 15.20
N GLN B 289 -9.31 -13.32 15.02
CA GLN B 289 -8.64 -13.79 13.80
C GLN B 289 -9.58 -13.84 12.62
N VAL B 290 -10.85 -14.07 12.88
CA VAL B 290 -11.85 -14.17 11.82
C VAL B 290 -13.22 -13.74 12.31
N VAL B 291 -13.75 -12.65 11.76
CA VAL B 291 -15.07 -12.21 12.16
C VAL B 291 -16.03 -12.76 11.10
N ILE B 292 -17.23 -13.17 11.54
CA ILE B 292 -18.22 -13.70 10.61
C ILE B 292 -19.41 -12.76 10.64
N VAL B 293 -19.70 -12.16 9.49
CA VAL B 293 -20.84 -11.26 9.37
C VAL B 293 -21.85 -11.94 8.48
N PRO B 294 -22.98 -12.36 9.06
CA PRO B 294 -24.02 -13.03 8.28
C PRO B 294 -24.86 -12.02 7.51
N ILE B 295 -25.21 -12.36 6.27
CA ILE B 295 -26.04 -11.50 5.43
C ILE B 295 -27.34 -12.25 5.18
N TYR B 296 -28.47 -11.66 5.55
CA TYR B 296 -29.76 -12.34 5.36
C TYR B 296 -31.00 -11.47 5.53
N LYS B 297 -32.14 -12.07 5.16
CA LYS B 297 -33.47 -11.48 5.26
C LYS B 297 -34.27 -12.44 6.14
N ASP B 298 -35.41 -11.99 6.67
CA ASP B 298 -36.22 -12.83 7.54
C ASP B 298 -36.30 -14.28 7.07
N GLU B 299 -36.59 -14.44 5.79
CA GLU B 299 -36.74 -15.76 5.18
C GLU B 299 -35.52 -16.69 5.27
N SER B 300 -34.31 -16.14 5.19
CA SER B 300 -33.10 -16.97 5.26
C SER B 300 -32.30 -16.79 6.56
N ARG B 301 -32.84 -16.00 7.48
CA ARG B 301 -32.19 -15.74 8.77
C ARG B 301 -31.81 -17.05 9.47
N GLU B 302 -32.79 -17.93 9.58
CA GLU B 302 -32.59 -19.22 10.23
C GLU B 302 -31.49 -20.06 9.58
N ARG B 303 -31.67 -20.35 8.28
CA ARG B 303 -30.74 -21.18 7.51
C ARG B 303 -29.30 -20.66 7.48
N VAL B 304 -29.13 -19.35 7.57
CA VAL B 304 -27.81 -18.73 7.55
C VAL B 304 -27.17 -18.74 8.95
N LEU B 305 -27.88 -18.21 9.93
CA LEU B 305 -27.37 -18.19 11.30
C LEU B 305 -26.99 -19.61 11.70
N GLU B 306 -27.74 -20.57 11.18
CA GLU B 306 -27.50 -21.97 11.46
C GLU B 306 -26.21 -22.40 10.78
N ALA B 307 -25.99 -21.87 9.57
CA ALA B 307 -24.80 -22.19 8.78
C ALA B 307 -23.62 -21.39 9.27
N ALA B 308 -23.93 -20.21 9.81
CA ALA B 308 -22.92 -19.30 10.35
C ALA B 308 -22.36 -19.84 11.67
N GLN B 309 -23.28 -20.09 12.60
CA GLN B 309 -22.92 -20.62 13.91
C GLN B 309 -22.16 -21.93 13.73
N GLY B 310 -22.58 -22.71 12.75
CA GLY B 310 -21.93 -23.98 12.46
C GLY B 310 -20.49 -23.74 12.04
N LEU B 311 -20.29 -22.65 11.29
CA LEU B 311 -18.96 -22.30 10.85
C LEU B 311 -18.19 -21.87 12.10
N ARG B 312 -18.81 -20.99 12.88
CA ARG B 312 -18.19 -20.52 14.11
C ARG B 312 -17.59 -21.72 14.84
N GLN B 313 -18.46 -22.69 15.14
CA GLN B 313 -18.05 -23.90 15.85
C GLN B 313 -16.96 -24.68 15.14
N ALA B 314 -17.05 -24.76 13.82
CA ALA B 314 -16.04 -25.49 13.06
C ALA B 314 -14.68 -24.80 13.15
N LEU B 315 -14.71 -23.47 13.14
CA LEU B 315 -13.49 -22.67 13.23
C LEU B 315 -12.90 -22.80 14.63
N LEU B 316 -13.76 -22.67 15.64
CA LEU B 316 -13.31 -22.82 17.01
C LEU B 316 -12.59 -24.16 17.13
N ALA B 317 -13.27 -25.20 16.66
CA ALA B 317 -12.70 -26.55 16.69
C ALA B 317 -11.30 -26.57 16.10
N GLN B 318 -11.02 -25.62 15.21
CA GLN B 318 -9.70 -25.53 14.57
C GLN B 318 -8.73 -24.79 15.46
N GLY B 319 -9.24 -24.27 16.57
CA GLY B 319 -8.41 -23.53 17.49
C GLY B 319 -8.24 -22.09 17.09
N LEU B 320 -9.06 -21.65 16.14
CA LEU B 320 -9.00 -20.28 15.64
C LEU B 320 -9.84 -19.37 16.53
N ARG B 321 -9.43 -18.11 16.64
CA ARG B 321 -10.15 -17.15 17.46
C ARG B 321 -11.16 -16.42 16.59
N VAL B 322 -12.34 -17.02 16.45
CA VAL B 322 -13.42 -16.47 15.62
C VAL B 322 -14.47 -15.68 16.39
N HIS B 323 -15.05 -14.67 15.76
CA HIS B 323 -16.10 -13.86 16.38
C HIS B 323 -17.27 -13.67 15.44
N LEU B 324 -18.44 -14.17 15.84
CA LEU B 324 -19.64 -14.05 15.03
C LEU B 324 -20.41 -12.79 15.35
N ASP B 325 -20.25 -11.76 14.52
CA ASP B 325 -20.95 -10.50 14.71
C ASP B 325 -22.41 -10.75 14.35
N ASP B 326 -23.18 -11.25 15.32
CA ASP B 326 -24.58 -11.56 15.12
C ASP B 326 -25.47 -10.36 15.42
N ARG B 327 -24.88 -9.20 15.61
CA ARG B 327 -25.63 -8.00 15.93
C ARG B 327 -26.71 -7.66 14.90
N ASP B 328 -27.96 -7.69 15.38
CA ASP B 328 -29.13 -7.40 14.54
C ASP B 328 -29.55 -5.93 14.62
N GLN B 329 -28.59 -5.02 14.46
CA GLN B 329 -28.90 -3.59 14.51
C GLN B 329 -27.88 -2.71 13.77
N HIS B 330 -27.10 -3.33 12.89
CA HIS B 330 -26.10 -2.61 12.11
C HIS B 330 -26.00 -3.18 10.71
N THR B 331 -25.90 -2.29 9.72
CA THR B 331 -25.76 -2.71 8.33
C THR B 331 -24.48 -3.50 8.18
N PRO B 332 -24.50 -4.56 7.34
CA PRO B 332 -23.31 -5.39 7.13
C PRO B 332 -22.11 -4.53 6.72
N GLY B 333 -22.39 -3.34 6.19
CA GLY B 333 -21.34 -2.43 5.79
C GLY B 333 -20.69 -1.86 7.02
N TYR B 334 -21.52 -1.36 7.93
CA TYR B 334 -21.03 -0.80 9.19
C TYR B 334 -20.11 -1.82 9.83
N LYS B 335 -20.63 -3.03 9.98
CA LYS B 335 -19.86 -4.11 10.56
C LYS B 335 -18.55 -4.25 9.80
N PHE B 336 -18.66 -4.51 8.50
CA PHE B 336 -17.48 -4.66 7.64
C PHE B 336 -16.46 -3.56 7.91
N HIS B 337 -16.93 -2.31 7.99
CA HIS B 337 -16.06 -1.17 8.23
C HIS B 337 -15.34 -1.30 9.58
N GLU B 338 -16.11 -1.52 10.63
CA GLU B 338 -15.53 -1.64 11.96
C GLU B 338 -14.43 -2.69 12.01
N TRP B 339 -14.70 -3.89 11.51
CA TRP B 339 -13.68 -4.91 11.56
C TRP B 339 -12.46 -4.56 10.71
N GLU B 340 -12.67 -3.76 9.66
CA GLU B 340 -11.58 -3.33 8.81
C GLU B 340 -10.77 -2.32 9.61
N LEU B 341 -11.47 -1.41 10.27
CA LEU B 341 -10.86 -0.40 11.12
C LEU B 341 -10.04 -1.04 12.24
N LYS B 342 -10.58 -2.10 12.83
CA LYS B 342 -9.91 -2.82 13.93
C LYS B 342 -8.93 -3.87 13.44
N GLY B 343 -8.66 -3.86 12.14
CA GLY B 343 -7.70 -4.78 11.60
C GLY B 343 -7.88 -6.29 11.69
N VAL B 344 -9.12 -6.80 11.73
CA VAL B 344 -9.33 -8.24 11.78
C VAL B 344 -8.76 -8.87 10.50
N PRO B 345 -7.82 -9.81 10.64
CA PRO B 345 -7.23 -10.45 9.45
C PRO B 345 -8.25 -10.80 8.37
N PHE B 346 -9.14 -11.74 8.66
CA PHE B 346 -10.14 -12.13 7.67
C PHE B 346 -11.55 -11.81 8.09
N ARG B 347 -12.42 -11.81 7.11
CA ARG B 347 -13.82 -11.52 7.31
C ARG B 347 -14.61 -12.47 6.41
N VAL B 348 -15.60 -13.12 6.99
CA VAL B 348 -16.42 -14.05 6.22
C VAL B 348 -17.83 -13.52 6.07
N GLU B 349 -18.20 -13.20 4.84
CA GLU B 349 -19.55 -12.71 4.58
C GLU B 349 -20.31 -13.91 4.02
N LEU B 350 -21.17 -14.46 4.86
CA LEU B 350 -21.99 -15.63 4.52
C LEU B 350 -23.43 -15.16 4.30
N GLY B 351 -23.89 -15.31 3.06
CA GLY B 351 -25.22 -14.88 2.70
C GLY B 351 -26.06 -15.95 2.00
N PRO B 352 -27.36 -15.67 1.76
CA PRO B 352 -28.31 -16.57 1.10
C PRO B 352 -27.79 -17.27 -0.15
N LYS B 353 -27.66 -16.48 -1.23
CA LYS B 353 -27.20 -16.97 -2.52
C LYS B 353 -25.91 -17.80 -2.49
N ASP B 354 -24.87 -17.28 -1.84
CA ASP B 354 -23.59 -17.99 -1.73
C ASP B 354 -23.71 -19.30 -0.96
N LEU B 355 -24.43 -19.24 0.16
CA LEU B 355 -24.66 -20.39 1.01
C LEU B 355 -25.28 -21.53 0.21
N GLU B 356 -26.28 -21.20 -0.59
CA GLU B 356 -26.98 -22.20 -1.39
C GLU B 356 -26.10 -23.13 -2.21
N GLY B 357 -24.92 -22.65 -2.59
CA GLY B 357 -24.00 -23.48 -3.35
C GLY B 357 -22.95 -24.08 -2.45
N GLY B 358 -23.16 -23.90 -1.14
CA GLY B 358 -22.24 -24.41 -0.14
C GLY B 358 -20.96 -23.58 -0.05
N GLN B 359 -21.09 -22.29 -0.34
CA GLN B 359 -19.94 -21.40 -0.33
C GLN B 359 -20.23 -20.09 0.37
N ALA B 360 -19.20 -19.25 0.48
CA ALA B 360 -19.33 -17.94 1.09
C ALA B 360 -18.14 -17.12 0.61
N VAL B 361 -18.12 -15.84 0.96
CA VAL B 361 -17.00 -14.99 0.55
C VAL B 361 -16.04 -14.71 1.70
N LEU B 362 -14.75 -14.91 1.43
CA LEU B 362 -13.72 -14.67 2.42
C LEU B 362 -12.89 -13.44 2.05
N ALA B 363 -13.17 -12.32 2.72
CA ALA B 363 -12.46 -11.09 2.49
C ALA B 363 -11.18 -11.01 3.33
N SER B 364 -10.08 -10.61 2.70
CA SER B 364 -8.80 -10.47 3.38
C SER B 364 -8.55 -9.01 3.71
N ARG B 365 -8.08 -8.73 4.92
CA ARG B 365 -7.83 -7.35 5.34
C ARG B 365 -6.72 -6.71 4.51
N LEU B 366 -5.84 -7.54 3.98
CA LEU B 366 -4.73 -7.09 3.15
C LEU B 366 -5.22 -6.84 1.74
N GLY B 367 -6.52 -7.05 1.52
CA GLY B 367 -7.10 -6.81 0.21
C GLY B 367 -7.46 -8.07 -0.57
N GLY B 368 -8.64 -8.05 -1.19
CA GLY B 368 -9.07 -9.17 -1.98
C GLY B 368 -10.23 -9.98 -1.41
N LYS B 369 -10.94 -10.68 -2.28
CA LYS B 369 -12.06 -11.52 -1.89
C LYS B 369 -12.09 -12.78 -2.74
N GLU B 370 -12.84 -13.77 -2.27
CA GLU B 370 -12.96 -15.01 -3.00
C GLU B 370 -14.07 -15.85 -2.39
N THR B 371 -14.95 -16.35 -3.23
CA THR B 371 -16.04 -17.19 -2.78
C THR B 371 -15.49 -18.60 -2.67
N LEU B 372 -15.53 -19.16 -1.47
CA LEU B 372 -15.03 -20.51 -1.25
C LEU B 372 -16.11 -21.38 -0.64
N PRO B 373 -15.92 -22.71 -0.67
CA PRO B 373 -16.89 -23.65 -0.11
C PRO B 373 -16.80 -23.66 1.42
N LEU B 374 -17.90 -23.30 2.08
CA LEU B 374 -17.97 -23.26 3.54
C LEU B 374 -17.26 -24.45 4.20
N ALA B 375 -17.42 -25.63 3.62
CA ALA B 375 -16.79 -26.82 4.17
C ALA B 375 -15.26 -26.76 4.14
N ALA B 376 -14.70 -25.98 3.21
CA ALA B 376 -13.24 -25.86 3.09
C ALA B 376 -12.64 -24.77 3.98
N LEU B 377 -13.43 -23.75 4.32
CA LEU B 377 -12.97 -22.67 5.18
C LEU B 377 -12.20 -23.17 6.41
N PRO B 378 -12.84 -24.02 7.26
CA PRO B 378 -12.17 -24.55 8.45
C PRO B 378 -10.78 -25.12 8.20
N GLU B 379 -10.63 -25.87 7.11
CA GLU B 379 -9.34 -26.46 6.80
C GLU B 379 -8.40 -25.43 6.17
N ALA B 380 -8.97 -24.46 5.47
CA ALA B 380 -8.19 -23.43 4.80
C ALA B 380 -7.70 -22.30 5.71
N LEU B 381 -8.61 -21.61 6.39
CA LEU B 381 -8.26 -20.51 7.27
C LEU B 381 -6.90 -20.62 7.99
N PRO B 382 -6.69 -21.68 8.79
CA PRO B 382 -5.42 -21.85 9.51
C PRO B 382 -4.19 -21.53 8.64
N GLY B 383 -4.13 -22.19 7.48
CA GLY B 383 -3.03 -21.97 6.56
C GLY B 383 -3.03 -20.57 5.97
N LYS B 384 -4.23 -20.01 5.77
CA LYS B 384 -4.35 -18.66 5.22
C LYS B 384 -3.84 -17.65 6.24
N LEU B 385 -4.26 -17.82 7.49
CA LEU B 385 -3.82 -16.93 8.56
C LEU B 385 -2.30 -16.91 8.56
N ASP B 386 -1.69 -18.08 8.42
CA ASP B 386 -0.24 -18.13 8.42
C ASP B 386 0.34 -17.37 7.22
N ALA B 387 -0.35 -17.43 6.09
CA ALA B 387 0.10 -16.71 4.90
C ALA B 387 0.00 -15.22 5.20
N PHE B 388 -1.16 -14.81 5.72
CA PHE B 388 -1.42 -13.43 6.09
C PHE B 388 -0.28 -12.90 6.97
N HIS B 389 0.13 -13.71 7.95
CA HIS B 389 1.22 -13.35 8.86
C HIS B 389 2.50 -13.20 8.07
N GLU B 390 2.81 -14.23 7.28
CA GLU B 390 4.01 -14.24 6.48
C GLU B 390 4.07 -13.06 5.52
N GLU B 391 2.91 -12.61 5.05
CA GLU B 391 2.89 -11.48 4.14
C GLU B 391 3.21 -10.20 4.90
N LEU B 392 2.56 -10.01 6.05
CA LEU B 392 2.81 -8.84 6.87
C LEU B 392 4.31 -8.70 7.10
N TYR B 393 4.95 -9.81 7.47
CA TYR B 393 6.37 -9.78 7.73
C TYR B 393 7.17 -9.44 6.46
N ARG B 394 6.78 -10.06 5.34
CA ARG B 394 7.46 -9.83 4.09
C ARG B 394 7.48 -8.34 3.74
N ARG B 395 6.32 -7.70 3.82
CA ARG B 395 6.26 -6.28 3.48
C ARG B 395 7.11 -5.45 4.43
N ALA B 396 7.02 -5.76 5.71
CA ALA B 396 7.78 -5.05 6.74
C ALA B 396 9.27 -5.16 6.44
N LEU B 397 9.71 -6.36 6.07
CA LEU B 397 11.11 -6.58 5.73
C LEU B 397 11.41 -5.68 4.54
N ALA B 398 10.57 -5.80 3.52
CA ALA B 398 10.68 -5.00 2.32
C ALA B 398 10.87 -3.54 2.68
N PHE B 399 9.93 -3.00 3.46
CA PHE B 399 10.01 -1.61 3.88
C PHE B 399 11.35 -1.24 4.48
N ARG B 400 11.84 -2.08 5.40
CA ARG B 400 13.12 -1.82 6.05
C ARG B 400 14.25 -1.80 5.04
N GLU B 401 14.25 -2.75 4.12
CA GLU B 401 15.30 -2.82 3.11
C GLU B 401 15.27 -1.52 2.31
N ASP B 402 14.06 -1.05 2.04
CA ASP B 402 13.86 0.17 1.28
C ASP B 402 14.19 1.42 2.07
N HIS B 403 14.29 1.30 3.40
CA HIS B 403 14.59 2.45 4.23
C HIS B 403 15.83 2.30 5.11
N THR B 404 16.82 1.59 4.60
CA THR B 404 18.09 1.37 5.29
C THR B 404 19.18 1.75 4.31
N ARG B 405 20.13 2.56 4.76
CA ARG B 405 21.18 3.04 3.89
C ARG B 405 22.54 3.23 4.56
N LYS B 406 23.59 2.72 3.94
CA LYS B 406 24.95 2.88 4.47
C LYS B 406 25.40 4.30 4.13
N VAL B 407 25.99 4.99 5.10
CA VAL B 407 26.45 6.35 4.84
C VAL B 407 27.91 6.53 5.26
N ASP B 408 28.66 7.26 4.43
CA ASP B 408 30.07 7.52 4.71
C ASP B 408 30.35 9.00 4.92
N THR B 409 29.35 9.83 4.69
CA THR B 409 29.49 11.27 4.88
C THR B 409 28.35 11.77 5.75
N TYR B 410 28.57 12.87 6.44
CA TYR B 410 27.56 13.43 7.31
C TYR B 410 26.40 14.01 6.52
N GLU B 411 26.62 14.26 5.22
CA GLU B 411 25.57 14.81 4.37
C GLU B 411 24.65 13.70 3.90
N ALA B 412 25.22 12.51 3.75
CA ALA B 412 24.45 11.34 3.33
C ALA B 412 23.67 10.85 4.55
N PHE B 413 24.29 10.99 5.72
CA PHE B 413 23.68 10.58 6.97
C PHE B 413 22.41 11.40 7.21
N LYS B 414 22.53 12.72 7.12
CA LYS B 414 21.39 13.60 7.32
C LYS B 414 20.24 13.19 6.40
N GLU B 415 20.59 12.78 5.18
CA GLU B 415 19.58 12.37 4.21
C GLU B 415 18.94 11.07 4.66
N ALA B 416 19.80 10.10 4.99
CA ALA B 416 19.35 8.80 5.44
C ALA B 416 18.41 8.84 6.63
N VAL B 417 18.77 9.60 7.66
CA VAL B 417 17.92 9.65 8.85
C VAL B 417 16.60 10.38 8.63
N GLN B 418 16.36 10.74 7.38
CA GLN B 418 15.13 11.42 7.00
C GLN B 418 14.19 10.33 6.49
N GLU B 419 14.78 9.25 5.99
CA GLU B 419 14.02 8.14 5.44
C GLU B 419 13.92 6.92 6.38
N GLY B 420 14.97 6.67 7.15
CA GLY B 420 14.93 5.53 8.05
C GLY B 420 16.25 5.23 8.75
N PHE B 421 16.72 3.99 8.56
CA PHE B 421 17.96 3.52 9.17
C PHE B 421 19.20 3.98 8.43
N ALA B 422 20.16 4.53 9.18
CA ALA B 422 21.43 4.98 8.61
C ALA B 422 22.55 4.15 9.24
N LEU B 423 23.32 3.47 8.41
CA LEU B 423 24.44 2.65 8.87
C LEU B 423 25.72 3.48 8.76
N ALA B 424 26.09 4.12 9.86
CA ALA B 424 27.27 4.96 9.89
C ALA B 424 28.35 4.49 10.86
N PHE B 425 29.57 4.95 10.63
CA PHE B 425 30.70 4.63 11.48
C PHE B 425 30.72 5.66 12.60
N HIS B 426 30.98 5.23 13.83
CA HIS B 426 31.06 6.18 14.90
C HIS B 426 32.29 5.96 15.77
N CYS B 427 32.92 7.07 16.16
CA CYS B 427 34.12 7.03 16.98
C CYS B 427 33.88 6.38 18.35
N GLY B 428 32.68 6.57 18.90
CA GLY B 428 32.37 6.00 20.20
C GLY B 428 32.37 7.01 21.32
N ASP B 429 32.73 8.25 21.01
CA ASP B 429 32.76 9.32 22.01
C ASP B 429 31.34 9.81 22.27
N LYS B 430 30.95 9.84 23.54
CA LYS B 430 29.61 10.29 23.90
C LYS B 430 29.32 11.68 23.38
N ALA B 431 30.26 12.59 23.58
CA ALA B 431 30.09 13.97 23.13
C ALA B 431 29.88 14.08 21.62
N CYS B 432 30.55 13.23 20.85
CA CYS B 432 30.38 13.25 19.41
C CYS B 432 29.00 12.72 19.04
N GLU B 433 28.57 11.66 19.74
CA GLU B 433 27.27 11.06 19.51
C GLU B 433 26.14 12.01 19.94
N ARG B 434 26.39 12.74 21.02
CA ARG B 434 25.42 13.69 21.56
C ARG B 434 25.27 14.85 20.59
N LEU B 435 26.37 15.20 19.92
CA LEU B 435 26.38 16.29 18.95
C LEU B 435 25.54 15.91 17.73
N ILE B 436 25.66 14.65 17.30
CA ILE B 436 24.90 14.14 16.16
C ILE B 436 23.42 14.25 16.45
N GLN B 437 23.05 13.97 17.69
CA GLN B 437 21.65 14.05 18.06
C GLN B 437 21.23 15.50 18.14
N GLU B 438 22.11 16.35 18.64
CA GLU B 438 21.79 17.76 18.77
C GLU B 438 21.59 18.40 17.41
N GLU B 439 22.39 17.99 16.43
CA GLU B 439 22.31 18.54 15.08
C GLU B 439 21.25 17.91 14.20
N THR B 440 21.18 16.58 14.16
CA THR B 440 20.21 15.86 13.32
C THR B 440 19.03 15.23 14.07
N THR B 441 19.05 15.31 15.39
CA THR B 441 18.03 14.74 16.27
C THR B 441 18.07 13.20 16.31
N ALA B 442 18.80 12.61 15.37
CA ALA B 442 18.92 11.15 15.29
C ALA B 442 19.80 10.63 16.42
N THR B 443 19.53 9.39 16.82
CA THR B 443 20.27 8.74 17.90
C THR B 443 20.79 7.38 17.43
N THR B 444 21.59 6.76 18.27
CA THR B 444 22.09 5.42 17.95
C THR B 444 21.00 4.49 18.43
N ARG B 445 20.71 3.48 17.63
CA ARG B 445 19.67 2.53 18.01
C ARG B 445 20.35 1.35 18.66
N CYS B 446 21.34 0.78 17.98
CA CYS B 446 22.08 -0.35 18.52
C CYS B 446 23.30 -0.64 17.67
N VAL B 447 24.25 -1.34 18.28
CA VAL B 447 25.47 -1.79 17.61
C VAL B 447 25.12 -3.26 17.42
N PRO B 448 24.47 -3.58 16.30
CA PRO B 448 24.04 -4.94 15.96
C PRO B 448 25.01 -6.07 16.29
N PHE B 449 24.47 -7.17 16.80
CA PHE B 449 25.28 -8.33 17.12
C PHE B 449 25.83 -8.85 15.80
N GLU B 450 24.96 -9.24 14.89
CA GLU B 450 25.40 -9.72 13.59
C GLU B 450 25.39 -8.62 12.55
N ALA B 451 26.58 -8.11 12.25
CA ALA B 451 26.75 -7.05 11.26
C ALA B 451 28.11 -7.21 10.61
N GLU B 452 28.18 -6.97 9.31
CA GLU B 452 29.43 -7.08 8.59
C GLU B 452 30.51 -6.29 9.34
N PRO B 453 31.62 -6.94 9.68
CA PRO B 453 32.70 -6.27 10.40
C PRO B 453 33.38 -5.26 9.49
N GLU B 454 33.48 -4.03 9.95
CA GLU B 454 34.10 -2.96 9.17
C GLU B 454 34.85 -1.97 10.05
N GLU B 455 35.82 -1.30 9.43
CA GLU B 455 36.61 -0.29 10.13
C GLU B 455 36.57 0.94 9.23
N GLY B 456 36.56 2.12 9.84
CA GLY B 456 36.50 3.32 9.04
C GLY B 456 36.69 4.56 9.89
N PHE B 457 35.90 5.59 9.60
CA PHE B 457 36.00 6.83 10.35
C PHE B 457 34.63 7.40 10.70
N CYS B 458 34.58 8.07 11.84
CA CYS B 458 33.35 8.64 12.33
C CYS B 458 32.67 9.56 11.32
N VAL B 459 31.45 9.19 10.95
CA VAL B 459 30.68 9.95 9.98
C VAL B 459 30.51 11.40 10.40
N ARG B 460 30.77 11.71 11.66
CA ARG B 460 30.59 13.09 12.13
C ARG B 460 31.85 13.84 12.53
N CYS B 461 32.83 13.16 13.11
CA CYS B 461 34.04 13.86 13.53
C CYS B 461 35.27 13.41 12.74
N GLY B 462 35.13 12.32 12.00
CA GLY B 462 36.23 11.83 11.20
C GLY B 462 37.20 10.88 11.87
N ARG B 463 37.31 10.96 13.20
CA ARG B 463 38.24 10.09 13.93
C ARG B 463 37.94 8.62 13.66
N PRO B 464 38.91 7.73 13.96
CA PRO B 464 38.75 6.28 13.75
C PRO B 464 37.50 5.68 14.41
N SER B 465 36.83 4.79 13.69
CA SER B 465 35.61 4.16 14.18
C SER B 465 35.84 3.17 15.32
N ALA B 466 34.79 2.93 16.09
CA ALA B 466 34.83 1.99 17.20
C ALA B 466 33.91 0.83 16.84
N TYR B 467 33.58 0.01 17.83
CA TYR B 467 32.67 -1.13 17.66
C TYR B 467 33.04 -2.16 16.60
N GLY B 468 34.00 -1.83 15.75
CA GLY B 468 34.43 -2.76 14.71
C GLY B 468 33.36 -3.04 13.66
N LYS B 469 32.35 -2.18 13.60
CA LYS B 469 31.25 -2.35 12.66
C LYS B 469 30.41 -1.06 12.63
N ARG B 470 29.57 -0.93 11.61
CA ARG B 470 28.71 0.25 11.48
C ARG B 470 27.56 0.23 12.49
N VAL B 471 27.28 1.39 13.07
CA VAL B 471 26.23 1.54 14.06
C VAL B 471 24.91 1.93 13.39
N VAL B 472 23.81 1.41 13.92
CA VAL B 472 22.50 1.75 13.38
C VAL B 472 22.04 3.09 13.99
N PHE B 473 21.73 4.04 13.12
CA PHE B 473 21.25 5.35 13.55
C PHE B 473 19.85 5.53 12.96
N ALA B 474 19.08 6.43 13.55
CA ALA B 474 17.73 6.71 13.08
C ALA B 474 17.02 7.67 14.02
N LYS B 475 16.00 8.35 13.51
CA LYS B 475 15.23 9.25 14.36
C LYS B 475 14.30 8.28 15.07
N ALA B 476 14.18 8.39 16.37
CA ALA B 476 13.36 7.42 17.09
C ALA B 476 12.25 7.97 17.97
N TYR B 477 11.32 7.08 18.28
CA TYR B 477 10.21 7.38 19.15
C TYR B 477 10.74 7.27 20.58
N LYS C 5 -8.09 5.40 -68.94
CA LYS C 5 -7.16 6.31 -69.65
C LYS C 5 -5.75 6.18 -69.06
N GLY C 6 -4.78 5.87 -69.92
CA GLY C 6 -3.39 5.73 -69.46
C GLY C 6 -2.81 7.02 -68.91
N LEU C 7 -1.64 6.95 -68.30
CA LEU C 7 -1.00 8.14 -67.73
C LEU C 7 -0.52 9.10 -68.80
N THR C 8 -0.76 10.39 -68.59
CA THR C 8 -0.30 11.40 -69.53
C THR C 8 1.20 11.36 -69.42
N PRO C 9 1.91 11.10 -70.52
CA PRO C 9 3.37 11.05 -70.47
C PRO C 9 4.04 12.32 -69.91
N GLN C 10 5.09 12.11 -69.11
CA GLN C 10 5.82 13.21 -68.49
C GLN C 10 6.27 14.24 -69.52
N SER C 11 6.61 13.78 -70.71
CA SER C 11 7.05 14.69 -71.76
C SER C 11 5.90 15.58 -72.24
N GLN C 12 4.67 15.06 -72.17
CA GLN C 12 3.49 15.80 -72.58
C GLN C 12 3.07 16.87 -71.57
N ASP C 13 2.79 16.47 -70.34
CA ASP C 13 2.42 17.43 -69.29
C ASP C 13 2.77 16.84 -67.92
N PHE C 14 3.96 17.17 -67.44
CA PHE C 14 4.45 16.66 -66.16
C PHE C 14 3.50 16.89 -65.00
N SER C 15 2.97 18.11 -64.90
CA SER C 15 2.05 18.43 -63.84
C SER C 15 0.84 17.51 -63.89
N GLU C 16 0.31 17.31 -65.08
CA GLU C 16 -0.85 16.44 -65.23
C GLU C 16 -0.47 15.00 -64.88
N TRP C 17 0.73 14.59 -65.28
CA TRP C 17 1.23 13.26 -64.99
C TRP C 17 1.20 13.03 -63.47
N TYR C 18 1.84 13.95 -62.76
CA TYR C 18 1.93 13.88 -61.31
C TYR C 18 0.58 13.71 -60.62
N LEU C 19 -0.38 14.57 -60.95
CA LEU C 19 -1.72 14.46 -60.36
C LEU C 19 -2.32 13.09 -60.64
N GLU C 20 -2.21 12.66 -61.88
CA GLU C 20 -2.78 11.39 -62.27
C GLU C 20 -2.15 10.20 -61.57
N VAL C 21 -0.82 10.13 -61.53
CA VAL C 21 -0.17 8.99 -60.91
C VAL C 21 -0.58 8.88 -59.45
N ILE C 22 -0.63 10.02 -58.76
CA ILE C 22 -1.03 10.04 -57.35
C ILE C 22 -2.43 9.45 -57.16
N GLN C 23 -3.30 9.66 -58.13
CA GLN C 23 -4.66 9.15 -58.06
C GLN C 23 -4.69 7.67 -58.42
N LYS C 24 -3.97 7.29 -59.46
CA LYS C 24 -3.97 5.90 -59.92
C LYS C 24 -3.24 4.94 -59.00
N ALA C 25 -2.18 5.40 -58.33
CA ALA C 25 -1.45 4.54 -57.40
C ALA C 25 -2.17 4.55 -56.05
N GLU C 26 -3.26 5.31 -55.99
CA GLU C 26 -4.04 5.42 -54.78
C GLU C 26 -3.17 5.88 -53.62
N LEU C 27 -2.43 6.96 -53.85
CA LEU C 27 -1.57 7.53 -52.82
C LEU C 27 -2.36 8.52 -52.00
N ALA C 28 -3.18 9.31 -52.67
CA ALA C 28 -3.99 10.33 -52.00
C ALA C 28 -5.25 10.64 -52.80
N ASP C 29 -6.10 11.48 -52.20
CA ASP C 29 -7.34 11.89 -52.83
C ASP C 29 -7.66 13.25 -52.23
N TYR C 30 -8.67 13.92 -52.77
CA TYR C 30 -9.03 15.24 -52.29
C TYR C 30 -10.14 15.22 -51.25
N GLY C 31 -9.90 15.91 -50.13
CA GLY C 31 -10.89 15.98 -49.07
C GLY C 31 -12.01 16.94 -49.44
N PRO C 32 -13.13 16.94 -48.72
CA PRO C 32 -14.25 17.83 -49.03
C PRO C 32 -13.91 19.34 -48.99
N VAL C 33 -12.97 19.70 -48.12
CA VAL C 33 -12.53 21.09 -47.98
C VAL C 33 -11.43 21.38 -49.01
N ARG C 34 -11.58 22.48 -49.74
CA ARG C 34 -10.59 22.85 -50.74
C ARG C 34 -9.22 23.08 -50.10
N GLY C 35 -8.17 22.68 -50.81
CA GLY C 35 -6.82 22.84 -50.31
C GLY C 35 -6.37 21.69 -49.42
N THR C 36 -7.25 20.72 -49.22
CA THR C 36 -6.92 19.60 -48.35
C THR C 36 -7.04 18.22 -49.02
N ILE C 37 -6.18 17.30 -48.62
CA ILE C 37 -6.18 15.94 -49.18
C ILE C 37 -6.24 14.87 -48.08
N VAL C 38 -6.56 13.65 -48.47
CA VAL C 38 -6.57 12.56 -47.51
C VAL C 38 -5.50 11.63 -48.06
N VAL C 39 -4.60 11.16 -47.20
CA VAL C 39 -3.55 10.25 -47.63
C VAL C 39 -4.07 8.82 -47.44
N ARG C 40 -4.24 8.11 -48.55
CA ARG C 40 -4.74 6.74 -48.50
C ARG C 40 -3.68 5.79 -47.94
N PRO C 41 -4.10 4.59 -47.55
CA PRO C 41 -3.19 3.58 -46.98
C PRO C 41 -1.83 3.43 -47.65
N TYR C 42 -1.81 3.15 -48.94
CA TYR C 42 -0.55 2.96 -49.65
C TYR C 42 0.34 4.18 -49.51
N GLY C 43 -0.21 5.38 -49.64
CA GLY C 43 0.61 6.56 -49.49
C GLY C 43 1.09 6.68 -48.05
N TYR C 44 0.17 6.48 -47.10
CA TYR C 44 0.51 6.59 -45.69
C TYR C 44 1.66 5.67 -45.31
N ALA C 45 1.66 4.46 -45.87
CA ALA C 45 2.70 3.48 -45.59
C ALA C 45 4.08 4.03 -45.91
N ILE C 46 4.19 4.75 -47.02
CA ILE C 46 5.46 5.35 -47.40
C ILE C 46 5.88 6.32 -46.29
N TRP C 47 4.93 7.12 -45.83
CA TRP C 47 5.20 8.07 -44.77
C TRP C 47 5.60 7.38 -43.47
N GLU C 48 4.97 6.26 -43.14
CA GLU C 48 5.33 5.54 -41.91
C GLU C 48 6.77 5.05 -41.98
N ASN C 49 7.18 4.60 -43.18
CA ASN C 49 8.53 4.12 -43.34
C ASN C 49 9.54 5.27 -43.21
N ILE C 50 9.13 6.47 -43.60
CA ILE C 50 9.99 7.62 -43.47
C ILE C 50 10.12 8.00 -41.99
N GLN C 51 9.01 7.93 -41.25
CA GLN C 51 9.04 8.25 -39.82
C GLN C 51 9.93 7.25 -39.10
N GLN C 52 9.82 5.98 -39.47
CA GLN C 52 10.60 4.94 -38.82
C GLN C 52 12.09 5.14 -38.99
N VAL C 53 12.52 5.41 -40.21
CA VAL C 53 13.92 5.63 -40.50
C VAL C 53 14.43 6.89 -39.78
N LEU C 54 13.64 7.96 -39.82
CA LEU C 54 14.07 9.19 -39.15
C LEU C 54 14.04 9.03 -37.63
N ASP C 55 13.00 8.39 -37.11
CA ASP C 55 12.90 8.20 -35.66
C ASP C 55 14.13 7.48 -35.13
N ARG C 56 14.66 6.53 -35.89
CA ARG C 56 15.84 5.81 -35.46
C ARG C 56 17.03 6.75 -35.47
N MET C 57 17.25 7.41 -36.60
CA MET C 57 18.37 8.33 -36.72
C MET C 57 18.28 9.44 -35.66
N PHE C 58 17.07 9.90 -35.35
CA PHE C 58 16.89 10.94 -34.35
C PHE C 58 17.22 10.38 -32.96
N LYS C 59 16.65 9.23 -32.67
CA LYS C 59 16.84 8.59 -31.39
C LYS C 59 18.30 8.27 -31.09
N GLU C 60 19.02 7.78 -32.11
CA GLU C 60 20.43 7.44 -31.92
C GLU C 60 21.27 8.66 -31.58
N THR C 61 20.75 9.84 -31.90
CA THR C 61 21.47 11.07 -31.63
C THR C 61 20.94 11.83 -30.41
N GLY C 62 20.29 11.10 -29.51
CA GLY C 62 19.78 11.71 -28.28
C GLY C 62 18.50 12.52 -28.34
N HIS C 63 17.75 12.40 -29.41
CA HIS C 63 16.52 13.16 -29.48
C HIS C 63 15.34 12.33 -28.97
N GLN C 64 14.41 12.98 -28.29
CA GLN C 64 13.22 12.32 -27.76
C GLN C 64 11.98 13.04 -28.29
N ASN C 65 10.93 12.27 -28.59
CA ASN C 65 9.68 12.85 -29.09
C ASN C 65 8.82 13.40 -27.95
N ALA C 66 8.02 14.39 -28.28
CA ALA C 66 7.13 15.01 -27.32
C ALA C 66 5.97 15.55 -28.14
N TYR C 67 4.98 16.15 -27.49
CA TYR C 67 3.86 16.71 -28.23
C TYR C 67 3.42 18.04 -27.67
N PHE C 68 3.49 19.08 -28.49
CA PHE C 68 3.06 20.40 -28.07
C PHE C 68 1.70 20.71 -28.69
N PRO C 69 0.92 21.61 -28.05
CA PRO C 69 -0.41 22.05 -28.47
C PRO C 69 -0.61 22.49 -29.92
N LEU C 70 -1.78 22.13 -30.46
CA LEU C 70 -2.14 22.49 -31.82
C LEU C 70 -2.33 23.99 -31.93
N PHE C 71 -3.07 24.56 -30.98
CA PHE C 71 -3.37 25.98 -30.95
C PHE C 71 -2.26 26.86 -30.37
N ILE C 72 -2.06 28.02 -31.00
CA ILE C 72 -1.04 28.97 -30.55
C ILE C 72 -1.69 30.34 -30.41
N PRO C 73 -1.38 31.05 -29.30
CA PRO C 73 -1.95 32.38 -29.05
C PRO C 73 -1.49 33.36 -30.11
N MET C 74 -2.42 34.13 -30.69
CA MET C 74 -2.04 35.10 -31.71
C MET C 74 -0.88 35.96 -31.24
N SER C 75 -0.92 36.36 -29.98
CA SER C 75 0.12 37.18 -29.37
C SER C 75 1.51 36.62 -29.67
N PHE C 76 1.62 35.30 -29.75
CA PHE C 76 2.90 34.65 -30.04
C PHE C 76 3.35 34.93 -31.45
N LEU C 77 2.38 35.14 -32.35
CA LEU C 77 2.70 35.42 -33.75
C LEU C 77 2.44 36.89 -34.03
N PHE C 87 -5.19 39.17 -39.78
CA PHE C 87 -4.52 37.84 -39.60
C PHE C 87 -3.71 37.48 -40.83
N SER C 88 -2.48 37.01 -40.61
CA SER C 88 -1.63 36.58 -41.71
C SER C 88 -2.41 35.59 -42.58
N PRO C 89 -2.27 35.69 -43.90
CA PRO C 89 -2.97 34.79 -44.84
C PRO C 89 -2.63 33.32 -44.63
N GLU C 90 -1.40 33.06 -44.20
CA GLU C 90 -0.89 31.71 -43.95
C GLU C 90 -1.74 30.93 -42.93
N LEU C 91 -2.23 31.65 -41.91
CA LEU C 91 -2.98 31.10 -40.80
C LEU C 91 -4.47 30.79 -40.89
N ALA C 92 -4.84 29.64 -40.31
CA ALA C 92 -6.23 29.21 -40.21
C ALA C 92 -6.51 29.64 -38.77
N VAL C 93 -7.35 30.64 -38.59
CA VAL C 93 -7.64 31.17 -37.25
C VAL C 93 -8.97 30.73 -36.67
N VAL C 94 -8.96 30.44 -35.38
CA VAL C 94 -10.16 30.02 -34.67
C VAL C 94 -10.56 31.19 -33.76
N THR C 95 -11.79 31.67 -33.94
CA THR C 95 -12.31 32.78 -33.16
C THR C 95 -13.48 32.38 -32.27
N HIS C 96 -14.06 31.22 -32.58
CA HIS C 96 -15.20 30.72 -31.85
C HIS C 96 -14.92 29.32 -31.30
N ALA C 97 -15.14 29.14 -30.01
CA ALA C 97 -14.92 27.84 -29.36
C ALA C 97 -15.74 27.75 -28.07
N GLY C 98 -16.10 26.52 -27.69
CA GLY C 98 -16.89 26.33 -26.49
C GLY C 98 -18.22 27.05 -26.58
N GLY C 99 -18.69 27.27 -27.80
CA GLY C 99 -19.97 27.94 -28.00
C GLY C 99 -19.91 29.44 -27.69
N GLU C 100 -18.74 30.03 -27.86
CA GLU C 100 -18.59 31.46 -27.59
C GLU C 100 -17.41 32.03 -28.38
N GLU C 101 -17.38 33.34 -28.53
CA GLU C 101 -16.29 33.95 -29.26
C GLU C 101 -15.13 34.17 -28.29
N LEU C 102 -13.93 33.84 -28.72
CA LEU C 102 -12.76 33.98 -27.88
C LEU C 102 -12.35 35.44 -27.81
N GLU C 103 -11.96 35.90 -26.63
CA GLU C 103 -11.54 37.29 -26.47
C GLU C 103 -10.28 37.45 -27.33
N GLU C 104 -9.40 36.45 -27.28
CA GLU C 104 -8.18 36.44 -28.07
C GLU C 104 -8.23 35.21 -28.98
N PRO C 105 -8.35 35.43 -30.30
CA PRO C 105 -8.41 34.31 -31.23
C PRO C 105 -7.16 33.45 -31.21
N LEU C 106 -7.30 32.20 -31.66
CA LEU C 106 -6.20 31.26 -31.69
C LEU C 106 -5.80 30.86 -33.12
N ALA C 107 -4.51 30.57 -33.28
CA ALA C 107 -3.99 30.18 -34.58
C ALA C 107 -3.64 28.71 -34.62
N VAL C 108 -4.06 28.03 -35.69
CA VAL C 108 -3.69 26.63 -35.85
C VAL C 108 -2.20 26.71 -36.15
N ARG C 109 -1.38 26.03 -35.35
CA ARG C 109 0.06 26.08 -35.52
C ARG C 109 0.58 25.86 -36.94
N PRO C 110 1.37 26.84 -37.43
CA PRO C 110 1.95 26.75 -38.78
C PRO C 110 3.35 26.15 -38.57
N THR C 111 3.88 26.38 -37.36
CA THR C 111 5.19 25.89 -36.92
C THR C 111 5.11 26.06 -35.39
N SER C 112 5.98 25.39 -34.64
CA SER C 112 5.89 25.45 -33.17
C SER C 112 6.98 26.19 -32.35
N GLU C 113 7.88 26.90 -33.02
CA GLU C 113 8.96 27.61 -32.32
C GLU C 113 8.50 28.41 -31.10
N THR C 114 7.40 29.13 -31.22
CA THR C 114 6.93 29.94 -30.10
C THR C 114 6.45 29.10 -28.92
N VAL C 115 5.45 28.26 -29.16
CA VAL C 115 4.89 27.40 -28.12
C VAL C 115 5.97 26.68 -27.34
N ILE C 116 6.87 26.04 -28.06
CA ILE C 116 7.94 25.30 -27.43
C ILE C 116 8.87 26.24 -26.64
N GLY C 117 9.13 27.43 -27.18
CA GLY C 117 9.99 28.38 -26.49
C GLY C 117 9.34 28.88 -25.21
N TYR C 118 8.02 28.99 -25.21
CA TYR C 118 7.27 29.44 -24.04
C TYR C 118 7.47 28.40 -22.93
N MET C 119 7.46 27.14 -23.32
CA MET C 119 7.62 26.05 -22.37
C MET C 119 9.09 25.92 -21.94
N TRP C 120 10.02 26.24 -22.84
CA TRP C 120 11.42 26.16 -22.48
C TRP C 120 11.76 27.25 -21.49
N SER C 121 11.04 28.35 -21.59
CA SER C 121 11.25 29.48 -20.68
C SER C 121 11.07 28.99 -19.25
N LYS C 122 10.04 28.16 -19.03
CA LYS C 122 9.80 27.63 -17.69
C LYS C 122 10.50 26.33 -17.31
N TRP C 123 10.91 25.53 -18.29
CA TRP C 123 11.59 24.29 -17.96
C TRP C 123 13.08 24.49 -17.73
N ILE C 124 13.68 25.37 -18.52
CA ILE C 124 15.12 25.62 -18.43
C ILE C 124 15.52 26.60 -17.33
N ARG C 125 16.36 26.14 -16.41
CA ARG C 125 16.83 26.98 -15.30
C ARG C 125 18.35 27.02 -15.18
N SER C 126 19.00 25.89 -15.44
CA SER C 126 20.45 25.83 -15.36
C SER C 126 21.02 24.96 -16.47
N TRP C 127 22.35 24.91 -16.55
CA TRP C 127 23.05 24.14 -17.55
C TRP C 127 22.74 22.65 -17.49
N ARG C 128 22.23 22.19 -16.35
CA ARG C 128 21.89 20.78 -16.19
C ARG C 128 20.66 20.44 -17.01
N ASP C 129 19.87 21.46 -17.33
CA ASP C 129 18.66 21.28 -18.12
C ASP C 129 18.99 21.31 -19.60
N LEU C 130 20.27 21.27 -19.95
CA LEU C 130 20.68 21.33 -21.33
C LEU C 130 21.65 20.21 -21.68
N PRO C 131 21.72 19.83 -22.97
CA PRO C 131 20.92 20.40 -24.06
C PRO C 131 19.52 19.84 -24.09
N GLN C 132 18.62 20.58 -24.72
CA GLN C 132 17.24 20.15 -24.86
C GLN C 132 17.11 19.58 -26.28
N LEU C 133 16.91 18.26 -26.41
CA LEU C 133 16.83 17.65 -27.74
C LEU C 133 15.48 16.99 -28.05
N LEU C 134 14.51 17.80 -28.49
CA LEU C 134 13.17 17.31 -28.80
C LEU C 134 12.80 17.22 -30.27
N ASN C 135 11.76 16.43 -30.54
CA ASN C 135 11.24 16.28 -31.88
C ASN C 135 9.75 16.00 -31.74
N GLN C 136 8.99 16.47 -32.71
CA GLN C 136 7.55 16.27 -32.71
C GLN C 136 7.04 15.79 -34.06
N TRP C 137 6.23 14.74 -34.04
CA TRP C 137 5.64 14.22 -35.27
C TRP C 137 4.22 14.73 -35.26
N GLY C 138 3.77 15.32 -36.36
CA GLY C 138 2.42 15.83 -36.35
C GLY C 138 2.04 16.62 -37.57
N ASN C 139 1.04 17.48 -37.40
CA ASN C 139 0.56 18.32 -38.48
C ASN C 139 0.62 19.81 -38.14
N VAL C 140 0.67 20.61 -39.18
CA VAL C 140 0.69 22.06 -39.06
C VAL C 140 -0.16 22.55 -40.22
N VAL C 141 -0.53 23.83 -40.18
CA VAL C 141 -1.33 24.37 -41.25
C VAL C 141 -0.77 25.68 -41.78
N ARG C 142 -0.62 25.73 -43.08
CA ARG C 142 -0.15 26.89 -43.80
C ARG C 142 -1.12 26.92 -44.96
N TRP C 143 -2.12 27.78 -44.82
CA TRP C 143 -3.19 27.91 -45.80
C TRP C 143 -2.72 27.92 -47.24
N GLU C 144 -3.40 27.14 -48.06
CA GLU C 144 -3.06 27.02 -49.45
C GLU C 144 -4.34 27.20 -50.27
N MET C 145 -4.23 27.90 -51.39
CA MET C 145 -5.39 28.14 -52.25
C MET C 145 -5.53 27.05 -53.32
N ARG C 146 -4.43 26.74 -54.01
CA ARG C 146 -4.44 25.71 -55.04
C ARG C 146 -3.85 24.41 -54.47
N THR C 147 -4.67 23.36 -54.41
CA THR C 147 -4.22 22.08 -53.86
C THR C 147 -3.54 21.07 -54.80
N ARG C 148 -2.28 20.77 -54.51
CA ARG C 148 -1.45 19.83 -55.27
C ARG C 148 -0.83 18.82 -54.28
N PRO C 149 -1.36 17.57 -54.25
CA PRO C 149 -0.97 16.44 -53.39
C PRO C 149 0.51 16.27 -53.05
N PHE C 150 0.79 16.36 -51.75
CA PHE C 150 2.14 16.24 -51.19
C PHE C 150 3.02 17.45 -51.50
N LEU C 151 2.55 18.34 -52.37
CA LEU C 151 3.32 19.55 -52.73
C LEU C 151 2.71 20.87 -52.24
N ARG C 152 1.40 21.04 -52.41
CA ARG C 152 0.73 22.26 -51.95
C ARG C 152 -0.59 21.94 -51.25
N THR C 153 -0.57 21.85 -49.93
CA THR C 153 -1.78 21.56 -49.15
C THR C 153 -1.85 22.46 -47.93
N SER C 154 -3.05 22.89 -47.56
CA SER C 154 -3.26 23.75 -46.39
C SER C 154 -2.70 23.05 -45.15
N GLU C 155 -3.08 21.79 -45.00
CA GLU C 155 -2.59 20.98 -43.89
C GLU C 155 -1.65 19.92 -44.42
N PHE C 156 -0.65 19.58 -43.63
CA PHE C 156 0.29 18.54 -44.05
C PHE C 156 1.00 17.92 -42.86
N LEU C 157 1.41 16.68 -43.01
CA LEU C 157 2.12 15.98 -41.96
C LEU C 157 3.62 16.21 -42.09
N TRP C 158 4.32 16.20 -40.97
CA TRP C 158 5.77 16.38 -41.00
C TRP C 158 6.32 16.04 -39.65
N GLN C 159 7.60 16.36 -39.50
CA GLN C 159 8.33 16.13 -38.27
C GLN C 159 9.05 17.45 -38.04
N GLU C 160 8.92 18.01 -36.85
CA GLU C 160 9.61 19.24 -36.56
C GLU C 160 10.42 19.05 -35.29
N GLY C 161 11.74 19.20 -35.42
CA GLY C 161 12.65 19.06 -34.30
C GLY C 161 13.06 20.41 -33.75
N HIS C 162 13.19 20.49 -32.43
CA HIS C 162 13.56 21.75 -31.78
C HIS C 162 14.57 21.45 -30.69
N THR C 163 15.64 22.22 -30.64
CA THR C 163 16.67 22.00 -29.63
C THR C 163 17.18 23.28 -29.00
N ALA C 164 17.61 23.18 -27.73
CA ALA C 164 18.14 24.30 -26.98
C ALA C 164 19.52 23.87 -26.50
N HIS C 165 20.49 24.78 -26.61
CA HIS C 165 21.87 24.46 -26.22
C HIS C 165 22.44 25.60 -25.40
N ALA C 166 23.50 25.27 -24.65
CA ALA C 166 24.18 26.25 -23.82
C ALA C 166 25.06 27.13 -24.68
N THR C 167 25.87 26.51 -25.51
CA THR C 167 26.79 27.22 -26.39
C THR C 167 26.31 27.35 -27.84
N ARG C 168 26.86 28.33 -28.55
CA ARG C 168 26.53 28.56 -29.95
C ARG C 168 27.06 27.39 -30.77
N GLU C 169 28.32 27.04 -30.52
CA GLU C 169 28.97 25.94 -31.22
C GLU C 169 28.10 24.70 -31.20
N GLU C 170 27.66 24.31 -30.01
CA GLU C 170 26.84 23.11 -29.89
C GLU C 170 25.60 23.17 -30.79
N ALA C 171 24.96 24.33 -30.85
CA ALA C 171 23.77 24.47 -31.68
C ALA C 171 24.09 24.32 -33.17
N GLU C 172 25.14 25.00 -33.63
CA GLU C 172 25.50 24.93 -35.03
C GLU C 172 25.83 23.49 -35.44
N GLU C 173 26.54 22.75 -34.58
CA GLU C 173 26.88 21.37 -34.86
C GLU C 173 25.57 20.60 -35.02
N GLU C 174 24.62 20.88 -34.13
CA GLU C 174 23.33 20.22 -34.17
C GLU C 174 22.64 20.49 -35.51
N VAL C 175 22.70 21.74 -35.98
CA VAL C 175 22.07 22.09 -37.25
C VAL C 175 22.58 21.24 -38.41
N ARG C 176 23.89 21.09 -38.50
CA ARG C 176 24.46 20.29 -39.58
C ARG C 176 24.21 18.80 -39.40
N ARG C 177 24.20 18.36 -38.14
CA ARG C 177 23.96 16.96 -37.84
C ARG C 177 22.62 16.52 -38.37
N MET C 178 21.60 17.33 -38.17
CA MET C 178 20.26 16.98 -38.63
C MET C 178 20.12 17.08 -40.15
N LEU C 179 20.72 18.11 -40.75
CA LEU C 179 20.67 18.25 -42.20
C LEU C 179 21.35 17.01 -42.79
N SER C 180 22.42 16.57 -42.16
CA SER C 180 23.11 15.40 -42.65
C SER C 180 22.22 14.16 -42.54
N ILE C 181 21.41 14.11 -41.48
CA ILE C 181 20.49 13.00 -41.28
C ILE C 181 19.46 13.04 -42.43
N TYR C 182 19.00 14.24 -42.76
CA TYR C 182 18.03 14.40 -43.85
C TYR C 182 18.69 13.97 -45.16
N ALA C 183 19.94 14.35 -45.35
CA ALA C 183 20.62 14.00 -46.59
C ALA C 183 20.79 12.50 -46.67
N ARG C 184 20.98 11.88 -45.51
CA ARG C 184 21.17 10.44 -45.49
C ARG C 184 19.88 9.72 -45.89
N LEU C 185 18.76 10.21 -45.39
CA LEU C 185 17.46 9.64 -45.72
C LEU C 185 17.28 9.74 -47.23
N ALA C 186 17.56 10.92 -47.78
CA ALA C 186 17.43 11.14 -49.21
C ALA C 186 18.30 10.22 -50.05
N ARG C 187 19.58 10.15 -49.74
CA ARG C 187 20.48 9.33 -50.51
C ARG C 187 20.42 7.82 -50.25
N GLU C 188 20.67 7.41 -49.02
CA GLU C 188 20.69 5.99 -48.68
C GLU C 188 19.33 5.31 -48.67
N TYR C 189 18.27 6.08 -48.44
CA TYR C 189 16.94 5.48 -48.39
C TYR C 189 16.01 5.76 -49.55
N ALA C 190 16.03 6.99 -50.06
CA ALA C 190 15.16 7.36 -51.16
C ALA C 190 15.88 7.36 -52.51
N ALA C 191 17.21 7.27 -52.47
CA ALA C 191 18.03 7.27 -53.69
C ALA C 191 17.83 8.59 -54.44
N ILE C 192 17.62 9.65 -53.67
CA ILE C 192 17.42 10.99 -54.19
C ILE C 192 18.69 11.80 -53.93
N PRO C 193 19.44 12.11 -55.00
CA PRO C 193 20.65 12.89 -54.74
C PRO C 193 20.27 14.31 -54.33
N VAL C 194 21.07 14.94 -53.49
CA VAL C 194 20.77 16.30 -53.06
C VAL C 194 22.04 17.13 -52.92
N ILE C 195 21.85 18.44 -52.77
CA ILE C 195 22.95 19.38 -52.59
C ILE C 195 22.75 20.03 -51.20
N GLU C 196 23.77 19.97 -50.34
CA GLU C 196 23.66 20.56 -49.02
C GLU C 196 24.26 21.97 -49.01
N GLY C 197 23.52 22.94 -48.47
CA GLY C 197 24.06 24.30 -48.42
C GLY C 197 23.18 25.32 -47.72
N LEU C 198 23.62 26.58 -47.78
CA LEU C 198 22.92 27.70 -47.16
C LEU C 198 21.87 28.34 -48.06
N LYS C 199 20.78 28.78 -47.45
CA LYS C 199 19.75 29.49 -48.20
C LYS C 199 20.23 30.94 -48.15
N THR C 200 19.79 31.76 -49.08
CA THR C 200 20.18 33.17 -49.09
C THR C 200 19.27 33.92 -48.11
N GLU C 201 19.70 35.09 -47.67
CA GLU C 201 18.93 35.87 -46.73
C GLU C 201 17.45 35.94 -47.10
N LYS C 202 17.18 36.17 -48.38
CA LYS C 202 15.81 36.28 -48.85
C LYS C 202 15.06 34.96 -48.75
N GLU C 203 15.80 33.87 -48.87
CA GLU C 203 15.21 32.54 -48.84
C GLU C 203 15.25 31.83 -47.49
N LYS C 204 15.91 32.43 -46.50
CA LYS C 204 15.99 31.78 -45.20
C LYS C 204 14.70 31.80 -44.42
N PHE C 205 14.69 31.04 -43.33
CA PHE C 205 13.55 30.90 -42.45
C PHE C 205 13.39 32.12 -41.54
N ALA C 206 12.19 32.69 -41.53
CA ALA C 206 11.87 33.85 -40.71
C ALA C 206 12.24 33.55 -39.27
N GLY C 207 13.12 34.36 -38.70
CA GLY C 207 13.52 34.14 -37.32
C GLY C 207 14.89 33.53 -37.15
N ALA C 208 15.37 32.82 -38.16
CA ALA C 208 16.68 32.16 -38.10
C ALA C 208 17.84 33.09 -38.42
N VAL C 209 19.02 32.79 -37.90
CA VAL C 209 20.15 33.63 -38.28
C VAL C 209 20.46 33.04 -39.66
N TYR C 210 20.50 31.71 -39.75
CA TYR C 210 20.73 31.07 -41.03
C TYR C 210 19.94 29.79 -41.23
N THR C 211 19.71 29.43 -42.50
CA THR C 211 18.96 28.23 -42.87
C THR C 211 19.78 27.33 -43.80
N THR C 212 19.96 26.08 -43.41
CA THR C 212 20.69 25.15 -44.27
C THR C 212 19.61 24.32 -44.96
N THR C 213 19.93 23.72 -46.10
CA THR C 213 18.94 22.94 -46.82
C THR C 213 19.54 21.87 -47.73
N ILE C 214 18.69 20.93 -48.14
CA ILE C 214 19.09 19.89 -49.09
C ILE C 214 18.14 20.06 -50.26
N GLU C 215 18.69 20.40 -51.42
CA GLU C 215 17.89 20.62 -52.61
C GLU C 215 18.06 19.47 -53.59
N ALA C 216 16.93 18.95 -54.07
CA ALA C 216 16.96 17.85 -55.02
C ALA C 216 16.39 18.33 -56.36
N LEU C 217 16.73 17.62 -57.44
CA LEU C 217 16.25 17.98 -58.77
C LEU C 217 15.26 16.94 -59.25
N MET C 218 14.08 17.39 -59.67
CA MET C 218 13.04 16.49 -60.15
C MET C 218 13.20 16.21 -61.64
N LYS C 219 12.53 15.16 -62.12
CA LYS C 219 12.59 14.80 -63.53
C LYS C 219 12.10 15.86 -64.51
N ASP C 220 11.42 16.88 -64.01
CA ASP C 220 10.93 17.94 -64.89
C ASP C 220 11.91 19.10 -64.92
N GLY C 221 13.03 18.94 -64.20
CA GLY C 221 14.03 19.98 -64.20
C GLY C 221 13.93 20.98 -63.08
N LYS C 222 12.79 20.99 -62.40
CA LYS C 222 12.58 21.91 -61.29
C LYS C 222 13.24 21.38 -60.02
N ALA C 223 13.60 22.30 -59.12
CA ALA C 223 14.23 21.93 -57.86
C ALA C 223 13.18 21.77 -56.77
N LEU C 224 13.57 21.10 -55.70
CA LEU C 224 12.67 20.86 -54.58
C LEU C 224 13.47 20.75 -53.30
N GLN C 225 13.06 21.50 -52.28
CA GLN C 225 13.70 21.46 -50.98
C GLN C 225 13.21 20.19 -50.27
N ALA C 226 14.10 19.24 -50.01
CA ALA C 226 13.69 17.98 -49.38
C ALA C 226 13.73 18.03 -47.85
N GLY C 227 14.52 18.95 -47.31
CA GLY C 227 14.63 19.06 -45.86
C GLY C 227 15.33 20.35 -45.48
N THR C 228 15.11 20.81 -44.25
CA THR C 228 15.73 22.05 -43.82
C THR C 228 16.10 22.04 -42.32
N SER C 229 17.20 22.73 -41.98
CA SER C 229 17.68 22.82 -40.59
C SER C 229 18.20 24.25 -40.32
N HIS C 230 17.56 24.96 -39.38
CA HIS C 230 17.94 26.35 -39.08
C HIS C 230 18.66 26.60 -37.76
N TYR C 231 19.61 27.53 -37.79
CA TYR C 231 20.33 27.95 -36.59
C TYR C 231 19.59 29.22 -36.14
N LEU C 232 18.80 29.10 -35.09
CA LEU C 232 18.02 30.23 -34.60
C LEU C 232 18.77 31.11 -33.60
N GLY C 233 20.05 30.83 -33.38
CA GLY C 233 20.83 31.62 -32.45
C GLY C 233 20.05 31.84 -31.17
N GLU C 234 20.01 33.08 -30.70
CA GLU C 234 19.27 33.38 -29.48
C GLU C 234 18.06 34.25 -29.77
N ASN C 235 17.60 34.23 -31.02
CA ASN C 235 16.46 35.02 -31.43
C ASN C 235 15.20 34.62 -30.69
N PHE C 236 14.92 33.33 -30.59
CA PHE C 236 13.74 32.89 -29.88
C PHE C 236 13.97 32.91 -28.38
N ALA C 237 15.20 32.61 -27.98
CA ALA C 237 15.55 32.62 -26.56
C ALA C 237 15.28 34.00 -25.98
N ARG C 238 15.72 35.04 -26.66
CA ARG C 238 15.50 36.40 -26.17
C ARG C 238 14.04 36.78 -26.22
N ALA C 239 13.39 36.39 -27.32
CA ALA C 239 11.99 36.70 -27.52
C ALA C 239 11.10 36.03 -26.47
N PHE C 240 11.50 34.86 -26.00
CA PHE C 240 10.68 34.16 -25.01
C PHE C 240 11.34 34.02 -23.65
N ASP C 241 12.43 34.75 -23.47
CA ASP C 241 13.15 34.75 -22.21
C ASP C 241 13.53 33.34 -21.77
N ILE C 242 14.36 32.70 -22.57
CA ILE C 242 14.82 31.35 -22.33
C ILE C 242 16.30 31.43 -21.94
N LYS C 243 16.57 31.55 -20.65
CA LYS C 243 17.94 31.62 -20.20
C LYS C 243 18.24 30.61 -19.11
N PHE C 244 19.52 30.39 -18.83
CA PHE C 244 19.95 29.43 -17.82
C PHE C 244 21.20 29.90 -17.09
N GLN C 245 21.45 29.35 -15.91
CA GLN C 245 22.67 29.71 -15.20
C GLN C 245 23.71 28.69 -15.65
N ASP C 246 24.79 29.15 -16.26
CA ASP C 246 25.83 28.25 -16.73
C ASP C 246 26.68 27.71 -15.59
N ARG C 247 27.68 26.89 -15.93
CA ARG C 247 28.57 26.30 -14.94
C ARG C 247 29.42 27.36 -14.27
N ASP C 248 29.53 28.52 -14.90
CA ASP C 248 30.32 29.61 -14.33
C ASP C 248 29.42 30.53 -13.51
N LEU C 249 28.29 29.98 -13.08
CA LEU C 249 27.33 30.69 -12.27
C LEU C 249 26.71 31.90 -12.95
N GLN C 250 26.98 32.05 -14.24
CA GLN C 250 26.44 33.18 -14.98
C GLN C 250 25.20 32.83 -15.81
N VAL C 251 24.17 33.66 -15.70
CA VAL C 251 22.93 33.43 -16.43
C VAL C 251 23.11 33.83 -17.88
N LYS C 252 22.70 32.96 -18.79
CA LYS C 252 22.86 33.21 -20.22
C LYS C 252 21.67 32.74 -21.04
N TYR C 253 21.51 33.37 -22.21
CA TYR C 253 20.45 33.02 -23.14
C TYR C 253 20.88 31.74 -23.83
N VAL C 254 19.93 30.93 -24.27
CA VAL C 254 20.29 29.69 -24.94
C VAL C 254 20.31 29.86 -26.45
N HIS C 255 20.98 28.94 -27.12
CA HIS C 255 21.04 28.93 -28.58
C HIS C 255 20.16 27.75 -29.00
N THR C 256 19.17 28.01 -29.83
CA THR C 256 18.27 26.95 -30.27
C THR C 256 18.38 26.67 -31.76
N THR C 257 17.92 25.49 -32.16
CA THR C 257 17.94 25.08 -33.55
C THR C 257 16.52 24.60 -33.85
N SER C 258 16.25 24.38 -35.12
CA SER C 258 14.95 23.94 -35.58
C SER C 258 15.15 23.25 -36.92
N TRP C 259 14.52 22.09 -37.10
CA TRP C 259 14.66 21.35 -38.35
C TRP C 259 13.39 20.58 -38.70
N GLY C 260 13.14 20.41 -40.00
CA GLY C 260 11.94 19.71 -40.40
C GLY C 260 11.96 19.11 -41.80
N LEU C 261 11.12 18.09 -41.97
CA LEU C 261 10.98 17.37 -43.23
C LEU C 261 9.51 16.92 -43.28
N SER C 262 8.77 17.34 -44.30
CA SER C 262 7.35 16.99 -44.41
C SER C 262 7.08 15.92 -45.45
N TRP C 263 5.80 15.58 -45.62
CA TRP C 263 5.45 14.56 -46.60
C TRP C 263 5.71 15.04 -48.01
N ARG C 264 6.26 16.24 -48.14
CA ARG C 264 6.61 16.78 -49.45
C ARG C 264 7.68 15.82 -49.96
N PHE C 265 8.37 15.20 -49.01
CA PHE C 265 9.42 14.25 -49.32
C PHE C 265 8.87 13.12 -50.19
N ILE C 266 7.58 12.81 -50.02
CA ILE C 266 6.98 11.78 -50.84
C ILE C 266 6.85 12.32 -52.26
N GLY C 267 6.53 13.59 -52.38
CA GLY C 267 6.42 14.19 -53.69
C GLY C 267 7.74 14.12 -54.41
N ALA C 268 8.83 14.24 -53.66
CA ALA C 268 10.15 14.17 -54.25
C ALA C 268 10.37 12.76 -54.79
N ILE C 269 9.95 11.78 -54.00
CA ILE C 269 10.11 10.38 -54.38
C ILE C 269 9.36 10.15 -55.68
N ILE C 270 8.16 10.73 -55.79
CA ILE C 270 7.37 10.57 -56.99
C ILE C 270 8.01 11.24 -58.21
N MET C 271 8.38 12.51 -58.08
CA MET C 271 8.97 13.24 -59.20
C MET C 271 10.41 12.94 -59.53
N THR C 272 11.06 12.14 -58.69
CA THR C 272 12.45 11.80 -58.95
C THR C 272 12.62 10.46 -59.66
N HIS C 273 11.81 9.46 -59.31
CA HIS C 273 11.93 8.13 -59.93
C HIS C 273 10.73 7.64 -60.73
N GLY C 274 9.62 8.37 -60.70
CA GLY C 274 8.46 7.94 -61.45
C GLY C 274 8.67 8.00 -62.94
N ASP C 275 7.92 7.20 -63.68
CA ASP C 275 8.01 7.18 -65.14
C ASP C 275 6.62 7.15 -65.74
N ASP C 276 6.54 7.05 -67.06
CA ASP C 276 5.25 7.04 -67.74
C ASP C 276 4.38 5.85 -67.39
N ARG C 277 4.93 4.86 -66.69
CA ARG C 277 4.15 3.69 -66.32
C ARG C 277 3.63 3.79 -64.90
N GLY C 278 3.99 4.88 -64.22
CA GLY C 278 3.56 5.09 -62.86
C GLY C 278 4.70 5.33 -61.89
N LEU C 279 4.47 4.97 -60.62
CA LEU C 279 5.48 5.12 -59.57
C LEU C 279 6.61 4.12 -59.68
N VAL C 280 7.72 4.46 -59.04
CA VAL C 280 8.88 3.58 -58.97
C VAL C 280 9.46 3.86 -57.59
N LEU C 281 9.00 3.11 -56.59
CA LEU C 281 9.42 3.33 -55.21
C LEU C 281 10.80 2.78 -54.82
N PRO C 282 11.60 3.57 -54.09
CA PRO C 282 12.93 3.10 -53.67
C PRO C 282 12.77 1.95 -52.67
N PRO C 283 13.48 0.83 -52.89
CA PRO C 283 13.46 -0.38 -52.06
C PRO C 283 13.43 -0.20 -50.55
N ARG C 284 14.25 0.70 -50.05
CA ARG C 284 14.33 0.93 -48.62
C ARG C 284 13.18 1.75 -48.00
N LEU C 285 12.27 2.25 -48.82
CA LEU C 285 11.15 3.00 -48.29
C LEU C 285 9.82 2.46 -48.81
N ALA C 286 9.90 1.58 -49.79
CA ALA C 286 8.72 0.98 -50.39
C ALA C 286 7.94 0.10 -49.40
N PRO C 287 6.63 0.35 -49.24
CA PRO C 287 5.85 -0.47 -48.31
C PRO C 287 5.83 -1.95 -48.73
N ILE C 288 5.87 -2.19 -50.04
CA ILE C 288 5.93 -3.55 -50.56
C ILE C 288 7.12 -3.64 -51.51
N GLN C 289 8.12 -4.42 -51.13
CA GLN C 289 9.34 -4.59 -51.93
C GLN C 289 9.18 -5.66 -53.00
N VAL C 290 8.53 -6.74 -52.63
CA VAL C 290 8.31 -7.84 -53.54
C VAL C 290 6.86 -8.24 -53.45
N VAL C 291 6.20 -8.35 -54.61
CA VAL C 291 4.80 -8.77 -54.62
C VAL C 291 4.74 -10.09 -55.37
N ILE C 292 4.17 -11.11 -54.73
CA ILE C 292 4.03 -12.42 -55.36
C ILE C 292 2.67 -12.55 -56.01
N VAL C 293 2.64 -12.86 -57.30
CA VAL C 293 1.37 -13.01 -57.98
C VAL C 293 1.19 -14.45 -58.45
N PRO C 294 0.36 -15.21 -57.72
CA PRO C 294 0.07 -16.61 -58.04
C PRO C 294 -0.85 -16.68 -59.25
N ILE C 295 -0.51 -17.54 -60.19
CA ILE C 295 -1.31 -17.73 -61.41
C ILE C 295 -1.67 -19.20 -61.46
N TYR C 296 -2.94 -19.52 -61.70
CA TYR C 296 -3.34 -20.92 -61.72
C TYR C 296 -4.72 -21.15 -62.32
N LYS C 297 -5.08 -22.43 -62.40
CA LYS C 297 -6.38 -22.85 -62.89
C LYS C 297 -7.04 -23.57 -61.71
N ASP C 298 -8.23 -24.11 -61.92
CA ASP C 298 -8.93 -24.78 -60.84
C ASP C 298 -8.19 -25.94 -60.18
N GLU C 299 -7.54 -26.79 -60.99
CA GLU C 299 -6.82 -27.93 -60.44
C GLU C 299 -5.37 -27.58 -60.08
N SER C 300 -4.94 -26.39 -60.48
CA SER C 300 -3.59 -25.93 -60.19
C SER C 300 -3.59 -25.10 -58.91
N ARG C 301 -4.75 -24.53 -58.57
CA ARG C 301 -4.86 -23.67 -57.39
C ARG C 301 -4.11 -24.10 -56.13
N GLU C 302 -4.49 -25.21 -55.50
CA GLU C 302 -3.80 -25.63 -54.28
C GLU C 302 -2.28 -25.58 -54.44
N ARG C 303 -1.75 -26.31 -55.42
CA ARG C 303 -0.31 -26.33 -55.65
C ARG C 303 0.32 -24.94 -55.64
N VAL C 304 -0.14 -24.08 -56.54
CA VAL C 304 0.38 -22.73 -56.64
C VAL C 304 0.30 -21.94 -55.33
N LEU C 305 -0.90 -21.81 -54.77
CA LEU C 305 -1.06 -21.07 -53.52
C LEU C 305 -0.12 -21.53 -52.42
N GLU C 306 0.05 -22.85 -52.31
CA GLU C 306 0.93 -23.44 -51.31
C GLU C 306 2.35 -22.93 -51.55
N ALA C 307 2.78 -23.03 -52.81
CA ALA C 307 4.10 -22.59 -53.22
C ALA C 307 4.23 -21.09 -53.02
N ALA C 308 3.19 -20.37 -53.40
CA ALA C 308 3.17 -18.92 -53.25
C ALA C 308 3.40 -18.55 -51.79
N GLN C 309 2.63 -19.18 -50.90
CA GLN C 309 2.75 -18.91 -49.46
C GLN C 309 4.12 -19.33 -48.95
N GLY C 310 4.64 -20.43 -49.48
CA GLY C 310 5.95 -20.87 -49.06
C GLY C 310 6.98 -19.80 -49.30
N LEU C 311 6.95 -19.23 -50.51
CA LEU C 311 7.87 -18.18 -50.90
C LEU C 311 7.69 -16.91 -50.06
N ARG C 312 6.43 -16.60 -49.72
CA ARG C 312 6.14 -15.41 -48.92
C ARG C 312 6.87 -15.50 -47.57
N GLN C 313 6.75 -16.65 -46.94
CA GLN C 313 7.35 -16.90 -45.63
C GLN C 313 8.86 -16.91 -45.70
N ALA C 314 9.40 -17.38 -46.82
CA ALA C 314 10.85 -17.44 -47.02
C ALA C 314 11.40 -16.03 -47.08
N LEU C 315 10.71 -15.18 -47.84
CA LEU C 315 11.13 -13.79 -48.01
C LEU C 315 10.98 -13.03 -46.72
N LEU C 316 9.90 -13.28 -45.99
CA LEU C 316 9.68 -12.60 -44.72
C LEU C 316 10.85 -12.98 -43.82
N ALA C 317 11.24 -14.24 -43.92
CA ALA C 317 12.35 -14.78 -43.14
C ALA C 317 13.64 -14.04 -43.50
N GLN C 318 13.68 -13.47 -44.70
CA GLN C 318 14.86 -12.72 -45.14
C GLN C 318 14.77 -11.27 -44.67
N GLY C 319 13.65 -10.93 -44.03
CA GLY C 319 13.46 -9.58 -43.55
C GLY C 319 12.92 -8.67 -44.64
N LEU C 320 12.47 -9.27 -45.74
CA LEU C 320 11.93 -8.49 -46.84
C LEU C 320 10.44 -8.20 -46.65
N ARG C 321 9.99 -7.08 -47.20
CA ARG C 321 8.58 -6.71 -47.10
C ARG C 321 7.90 -7.25 -48.36
N VAL C 322 7.33 -8.45 -48.25
CA VAL C 322 6.66 -9.13 -49.35
C VAL C 322 5.13 -9.15 -49.22
N HIS C 323 4.42 -9.11 -50.34
CA HIS C 323 2.96 -9.13 -50.34
C HIS C 323 2.47 -10.15 -51.34
N LEU C 324 1.58 -11.03 -50.88
CA LEU C 324 1.00 -12.06 -51.72
C LEU C 324 -0.35 -11.58 -52.21
N ASP C 325 -0.50 -11.46 -53.53
CA ASP C 325 -1.76 -11.00 -54.11
C ASP C 325 -2.67 -12.17 -54.48
N ASP C 326 -3.35 -12.71 -53.46
CA ASP C 326 -4.28 -13.83 -53.59
C ASP C 326 -5.58 -13.48 -54.27
N ARG C 327 -5.97 -12.21 -54.19
CA ARG C 327 -7.22 -11.75 -54.77
C ARG C 327 -7.67 -12.58 -55.97
N ASP C 328 -8.77 -13.29 -55.82
CA ASP C 328 -9.30 -14.13 -56.89
C ASP C 328 -10.16 -13.28 -57.82
N GLN C 329 -10.59 -12.13 -57.31
CA GLN C 329 -11.42 -11.20 -58.05
C GLN C 329 -10.67 -10.47 -59.15
N HIS C 330 -9.39 -10.80 -59.34
CA HIS C 330 -8.60 -10.12 -60.35
C HIS C 330 -7.72 -11.03 -61.19
N THR C 331 -7.48 -10.63 -62.42
CA THR C 331 -6.63 -11.41 -63.33
C THR C 331 -5.17 -11.04 -63.08
N PRO C 332 -4.24 -11.92 -63.47
CA PRO C 332 -2.82 -11.63 -63.27
C PRO C 332 -2.48 -10.27 -63.89
N GLY C 333 -2.97 -10.08 -65.11
CA GLY C 333 -2.74 -8.83 -65.82
C GLY C 333 -3.15 -7.63 -65.00
N TYR C 334 -4.37 -7.68 -64.45
CA TYR C 334 -4.85 -6.56 -63.65
C TYR C 334 -3.85 -6.33 -62.52
N LYS C 335 -3.44 -7.41 -61.87
CA LYS C 335 -2.50 -7.30 -60.76
C LYS C 335 -1.15 -6.74 -61.18
N PHE C 336 -0.61 -7.24 -62.29
CA PHE C 336 0.69 -6.79 -62.76
C PHE C 336 0.65 -5.31 -63.08
N HIS C 337 -0.48 -4.83 -63.56
CA HIS C 337 -0.59 -3.43 -63.90
C HIS C 337 -0.68 -2.55 -62.65
N GLU C 338 -1.35 -3.05 -61.61
CA GLU C 338 -1.50 -2.29 -60.38
C GLU C 338 -0.18 -2.09 -59.63
N TRP C 339 0.52 -3.20 -59.40
CA TRP C 339 1.78 -3.14 -58.69
C TRP C 339 2.81 -2.35 -59.46
N GLU C 340 2.70 -2.38 -60.79
CA GLU C 340 3.61 -1.61 -61.62
C GLU C 340 3.29 -0.15 -61.36
N LEU C 341 2.00 0.16 -61.43
CA LEU C 341 1.52 1.52 -61.19
C LEU C 341 2.00 2.03 -59.85
N LYS C 342 1.86 1.19 -58.82
CA LYS C 342 2.26 1.54 -57.47
C LYS C 342 3.78 1.45 -57.29
N GLY C 343 4.45 1.05 -58.36
CA GLY C 343 5.90 0.96 -58.36
C GLY C 343 6.60 0.00 -57.42
N VAL C 344 6.10 -1.22 -57.27
CA VAL C 344 6.75 -2.22 -56.42
C VAL C 344 8.03 -2.62 -57.13
N PRO C 345 9.17 -2.56 -56.44
CA PRO C 345 10.45 -2.92 -57.05
C PRO C 345 10.45 -4.22 -57.84
N PHE C 346 9.95 -5.27 -57.21
CA PHE C 346 9.94 -6.56 -57.88
C PHE C 346 8.60 -7.29 -57.84
N ARG C 347 8.38 -8.06 -58.90
CA ARG C 347 7.17 -8.84 -59.05
C ARG C 347 7.58 -10.28 -59.31
N VAL C 348 6.89 -11.22 -58.67
CA VAL C 348 7.18 -12.64 -58.86
C VAL C 348 5.93 -13.29 -59.42
N GLU C 349 6.04 -13.82 -60.64
CA GLU C 349 4.92 -14.45 -61.30
C GLU C 349 5.09 -15.94 -61.05
N LEU C 350 4.21 -16.50 -60.23
CA LEU C 350 4.28 -17.92 -59.89
C LEU C 350 3.18 -18.74 -60.57
N GLY C 351 3.50 -19.33 -61.72
CA GLY C 351 2.53 -20.13 -62.45
C GLY C 351 2.71 -21.62 -62.29
N PRO C 352 1.78 -22.43 -62.82
CA PRO C 352 1.80 -23.89 -62.76
C PRO C 352 3.01 -24.50 -63.48
N LYS C 353 3.11 -24.16 -64.76
CA LYS C 353 4.19 -24.66 -65.63
C LYS C 353 5.54 -24.50 -64.95
N ASP C 354 5.88 -23.28 -64.57
CA ASP C 354 7.14 -22.99 -63.91
C ASP C 354 7.26 -23.70 -62.56
N LEU C 355 6.16 -23.83 -61.85
CA LEU C 355 6.19 -24.51 -60.56
C LEU C 355 6.58 -25.97 -60.75
N GLU C 356 6.07 -26.58 -61.82
CA GLU C 356 6.37 -27.98 -62.11
C GLU C 356 7.87 -28.17 -62.10
N GLY C 357 8.59 -27.11 -62.48
CA GLY C 357 10.04 -27.18 -62.52
C GLY C 357 10.73 -26.39 -61.43
N GLY C 358 10.01 -26.19 -60.33
CA GLY C 358 10.56 -25.45 -59.18
C GLY C 358 11.00 -24.03 -59.46
N GLN C 359 10.35 -23.37 -60.41
CA GLN C 359 10.71 -22.01 -60.78
C GLN C 359 9.56 -21.04 -60.84
N ALA C 360 9.92 -19.78 -61.08
CA ALA C 360 8.97 -18.67 -61.19
C ALA C 360 9.62 -17.56 -61.98
N VAL C 361 8.85 -16.56 -62.37
CA VAL C 361 9.40 -15.44 -63.12
C VAL C 361 9.58 -14.23 -62.21
N LEU C 362 10.75 -13.61 -62.29
CA LEU C 362 11.05 -12.44 -61.46
C LEU C 362 11.16 -11.27 -62.43
N ALA C 363 10.28 -10.28 -62.28
CA ALA C 363 10.31 -9.12 -63.15
C ALA C 363 10.70 -7.88 -62.36
N SER C 364 11.51 -7.02 -62.98
CA SER C 364 11.98 -5.78 -62.36
C SER C 364 11.14 -4.59 -62.82
N ARG C 365 10.78 -3.73 -61.88
CA ARG C 365 9.99 -2.55 -62.19
C ARG C 365 10.74 -1.66 -63.17
N LEU C 366 12.06 -1.79 -63.15
CA LEU C 366 12.93 -1.02 -64.02
C LEU C 366 12.92 -1.60 -65.43
N GLY C 367 12.33 -2.78 -65.58
CA GLY C 367 12.28 -3.43 -66.87
C GLY C 367 13.21 -4.63 -66.88
N GLY C 368 12.78 -5.70 -67.52
CA GLY C 368 13.58 -6.90 -67.56
C GLY C 368 13.03 -7.93 -66.60
N LYS C 369 13.08 -9.19 -67.01
CA LYS C 369 12.57 -10.27 -66.18
C LYS C 369 13.24 -11.57 -66.61
N GLU C 370 13.13 -12.58 -65.77
CA GLU C 370 13.71 -13.86 -66.08
C GLU C 370 13.16 -14.94 -65.15
N THR C 371 13.24 -16.18 -65.63
CA THR C 371 12.77 -17.32 -64.87
C THR C 371 13.89 -17.80 -63.96
N LEU C 372 13.62 -17.80 -62.66
CA LEU C 372 14.61 -18.25 -61.69
C LEU C 372 14.05 -19.37 -60.82
N PRO C 373 14.94 -20.15 -60.20
CA PRO C 373 14.46 -21.23 -59.34
C PRO C 373 13.90 -20.63 -58.06
N LEU C 374 12.79 -21.17 -57.60
CA LEU C 374 12.14 -20.67 -56.40
C LEU C 374 13.00 -20.75 -55.14
N ALA C 375 13.92 -21.71 -55.10
CA ALA C 375 14.77 -21.86 -53.93
C ALA C 375 15.90 -20.82 -53.87
N ALA C 376 16.20 -20.20 -55.02
CA ALA C 376 17.26 -19.21 -55.10
C ALA C 376 16.77 -17.79 -54.79
N LEU C 377 15.48 -17.57 -55.00
CA LEU C 377 14.87 -16.26 -54.79
C LEU C 377 15.11 -15.60 -53.43
N PRO C 378 14.89 -16.32 -52.33
CA PRO C 378 15.09 -15.78 -50.99
C PRO C 378 16.50 -15.27 -50.72
N GLU C 379 17.50 -15.93 -51.30
CA GLU C 379 18.88 -15.51 -51.09
C GLU C 379 19.26 -14.39 -52.06
N ALA C 380 18.69 -14.42 -53.25
CA ALA C 380 19.00 -13.45 -54.27
C ALA C 380 18.35 -12.08 -54.16
N LEU C 381 17.09 -12.05 -53.75
CA LEU C 381 16.37 -10.78 -53.68
C LEU C 381 17.00 -9.64 -52.87
N PRO C 382 17.46 -9.91 -51.64
CA PRO C 382 18.05 -8.80 -50.87
C PRO C 382 19.07 -8.02 -51.70
N GLY C 383 19.98 -8.75 -52.33
CA GLY C 383 21.00 -8.11 -53.15
C GLY C 383 20.40 -7.38 -54.34
N LYS C 384 19.42 -7.99 -54.98
CA LYS C 384 18.79 -7.37 -56.13
C LYS C 384 18.10 -6.07 -55.75
N LEU C 385 17.54 -6.03 -54.55
CA LEU C 385 16.88 -4.83 -54.07
C LEU C 385 17.94 -3.74 -54.00
N ASP C 386 19.08 -4.10 -53.42
CA ASP C 386 20.21 -3.18 -53.28
C ASP C 386 20.68 -2.67 -54.62
N ALA C 387 20.72 -3.55 -55.62
CA ALA C 387 21.16 -3.16 -56.94
C ALA C 387 20.11 -2.23 -57.55
N PHE C 388 18.84 -2.50 -57.23
CA PHE C 388 17.74 -1.70 -57.72
C PHE C 388 17.95 -0.29 -57.17
N HIS C 389 18.21 -0.23 -55.86
CA HIS C 389 18.47 1.03 -55.16
C HIS C 389 19.61 1.78 -55.83
N GLU C 390 20.77 1.14 -55.85
CA GLU C 390 21.97 1.69 -56.46
C GLU C 390 21.73 2.28 -57.85
N GLU C 391 20.94 1.58 -58.67
CA GLU C 391 20.64 2.06 -60.01
C GLU C 391 19.76 3.31 -59.99
N LEU C 392 18.75 3.30 -59.13
CA LEU C 392 17.86 4.47 -59.03
C LEU C 392 18.69 5.70 -58.74
N TYR C 393 19.69 5.54 -57.86
CA TYR C 393 20.58 6.62 -57.46
C TYR C 393 21.51 7.02 -58.62
N ARG C 394 22.10 6.03 -59.30
CA ARG C 394 23.00 6.31 -60.41
C ARG C 394 22.30 7.15 -61.47
N ARG C 395 21.11 6.72 -61.88
CA ARG C 395 20.35 7.43 -62.89
C ARG C 395 20.04 8.87 -62.49
N ALA C 396 19.69 9.06 -61.23
CA ALA C 396 19.37 10.37 -60.71
C ALA C 396 20.59 11.25 -60.68
N LEU C 397 21.76 10.66 -60.44
CA LEU C 397 23.00 11.42 -60.42
C LEU C 397 23.30 11.83 -61.85
N ALA C 398 23.09 10.89 -62.77
CA ALA C 398 23.33 11.13 -64.17
C ALA C 398 22.45 12.27 -64.65
N PHE C 399 21.15 12.12 -64.41
CA PHE C 399 20.19 13.13 -64.81
C PHE C 399 20.60 14.50 -64.29
N ARG C 400 21.02 14.56 -63.03
CA ARG C 400 21.41 15.83 -62.46
C ARG C 400 22.62 16.45 -63.15
N GLU C 401 23.63 15.62 -63.42
CA GLU C 401 24.84 16.07 -64.09
C GLU C 401 24.45 16.67 -65.42
N ASP C 402 23.60 15.96 -66.16
CA ASP C 402 23.14 16.40 -67.46
C ASP C 402 22.21 17.59 -67.40
N HIS C 403 21.67 17.90 -66.22
CA HIS C 403 20.77 19.03 -66.11
C HIS C 403 21.27 20.11 -65.15
N THR C 404 22.57 20.30 -65.15
CA THR C 404 23.20 21.32 -64.33
C THR C 404 24.11 22.04 -65.31
N ARG C 405 24.11 23.37 -65.24
CA ARG C 405 24.93 24.15 -66.17
C ARG C 405 25.49 25.43 -65.55
N LYS C 406 26.79 25.65 -65.75
CA LYS C 406 27.44 26.86 -65.24
C LYS C 406 27.11 27.97 -66.24
N VAL C 407 26.64 29.11 -65.76
CA VAL C 407 26.32 30.19 -66.67
C VAL C 407 27.03 31.48 -66.29
N ASP C 408 27.44 32.23 -67.31
CA ASP C 408 28.13 33.49 -67.10
C ASP C 408 27.31 34.66 -67.65
N THR C 409 26.31 34.36 -68.49
CA THR C 409 25.48 35.42 -69.05
C THR C 409 24.03 35.19 -68.66
N TYR C 410 23.30 36.27 -68.43
CA TYR C 410 21.90 36.15 -68.04
C TYR C 410 21.10 35.45 -69.13
N GLU C 411 21.59 35.48 -70.36
CA GLU C 411 20.91 34.82 -71.47
C GLU C 411 21.06 33.32 -71.26
N ALA C 412 22.29 32.89 -70.97
CA ALA C 412 22.60 31.49 -70.73
C ALA C 412 21.77 31.04 -69.53
N PHE C 413 21.82 31.84 -68.48
CA PHE C 413 21.09 31.58 -67.25
C PHE C 413 19.63 31.31 -67.60
N LYS C 414 19.02 32.17 -68.39
CA LYS C 414 17.62 31.98 -68.79
C LYS C 414 17.43 30.61 -69.44
N GLU C 415 18.42 30.17 -70.21
CA GLU C 415 18.35 28.88 -70.89
C GLU C 415 18.46 27.75 -69.86
N ALA C 416 19.54 27.78 -69.09
CA ALA C 416 19.77 26.77 -68.07
C ALA C 416 18.56 26.52 -67.15
N VAL C 417 17.99 27.58 -66.57
CA VAL C 417 16.84 27.41 -65.68
C VAL C 417 15.60 26.85 -66.39
N GLN C 418 15.71 26.64 -67.70
CA GLN C 418 14.60 26.07 -68.45
C GLN C 418 14.81 24.56 -68.45
N GLU C 419 16.03 24.15 -68.14
CA GLU C 419 16.42 22.75 -68.12
C GLU C 419 16.73 22.13 -66.75
N GLY C 420 17.28 22.90 -65.83
CA GLY C 420 17.60 22.35 -64.52
C GLY C 420 18.30 23.34 -63.62
N PHE C 421 19.43 22.94 -63.05
CA PHE C 421 20.20 23.81 -62.16
C PHE C 421 21.06 24.79 -62.95
N ALA C 422 21.23 25.99 -62.42
CA ALA C 422 22.04 27.00 -63.07
C ALA C 422 23.02 27.52 -62.05
N LEU C 423 24.30 27.23 -62.27
CA LEU C 423 25.36 27.67 -61.37
C LEU C 423 25.84 29.06 -61.80
N ALA C 424 25.22 30.08 -61.20
CA ALA C 424 25.55 31.47 -61.53
C ALA C 424 26.10 32.28 -60.36
N PHE C 425 26.89 33.30 -60.68
CA PHE C 425 27.44 34.19 -59.67
C PHE C 425 26.33 35.16 -59.33
N HIS C 426 26.34 35.70 -58.12
CA HIS C 426 25.32 36.65 -57.72
C HIS C 426 25.89 37.68 -56.75
N CYS C 427 25.53 38.94 -56.97
CA CYS C 427 26.00 40.05 -56.14
C CYS C 427 25.84 39.85 -54.62
N GLY C 428 24.62 39.51 -54.19
CA GLY C 428 24.33 39.29 -52.77
C GLY C 428 23.12 40.12 -52.39
N ASP C 429 22.78 41.06 -53.25
CA ASP C 429 21.65 41.96 -53.02
C ASP C 429 20.30 41.25 -53.12
N LYS C 430 19.44 41.50 -52.15
CA LYS C 430 18.11 40.90 -52.14
C LYS C 430 17.24 41.49 -53.24
N ALA C 431 17.51 42.74 -53.57
CA ALA C 431 16.75 43.44 -54.60
C ALA C 431 17.01 42.79 -55.96
N CYS C 432 18.28 42.53 -56.25
CA CYS C 432 18.66 41.92 -57.52
C CYS C 432 18.16 40.49 -57.63
N GLU C 433 18.22 39.76 -56.52
CA GLU C 433 17.79 38.38 -56.51
C GLU C 433 16.29 38.36 -56.76
N ARG C 434 15.60 39.33 -56.18
CA ARG C 434 14.15 39.44 -56.32
C ARG C 434 13.81 39.71 -57.79
N LEU C 435 14.66 40.49 -58.46
CA LEU C 435 14.43 40.83 -59.87
C LEU C 435 14.54 39.57 -60.72
N ILE C 436 15.63 38.82 -60.55
CA ILE C 436 15.83 37.59 -61.30
C ILE C 436 14.56 36.73 -61.24
N GLN C 437 14.04 36.54 -60.03
CA GLN C 437 12.84 35.73 -59.87
C GLN C 437 11.62 36.38 -60.53
N GLU C 438 11.54 37.70 -60.50
CA GLU C 438 10.40 38.38 -61.12
C GLU C 438 10.45 38.18 -62.63
N GLU C 439 11.66 38.23 -63.19
CA GLU C 439 11.86 38.06 -64.63
C GLU C 439 11.84 36.61 -65.09
N THR C 440 12.74 35.80 -64.54
CA THR C 440 12.88 34.38 -64.91
C THR C 440 12.15 33.36 -64.06
N THR C 441 11.49 33.81 -63.00
CA THR C 441 10.76 32.94 -62.08
C THR C 441 11.68 31.95 -61.35
N ALA C 442 12.97 32.02 -61.64
CA ALA C 442 13.94 31.15 -61.00
C ALA C 442 14.23 31.70 -59.61
N THR C 443 14.68 30.83 -58.72
CA THR C 443 15.03 31.24 -57.36
C THR C 443 16.39 30.65 -57.00
N THR C 444 16.95 31.13 -55.90
CA THR C 444 18.21 30.59 -55.46
C THR C 444 17.83 29.38 -54.62
N ARG C 445 18.51 28.26 -54.85
CA ARG C 445 18.23 27.04 -54.12
C ARG C 445 19.12 26.98 -52.90
N CYS C 446 20.42 27.19 -53.10
CA CYS C 446 21.36 27.19 -51.99
C CYS C 446 22.76 27.59 -52.44
N VAL C 447 23.58 27.94 -51.47
CA VAL C 447 24.97 28.30 -51.71
C VAL C 447 25.67 27.06 -51.15
N PRO C 448 25.84 26.03 -51.99
CA PRO C 448 26.48 24.77 -51.60
C PRO C 448 27.70 24.85 -50.71
N PHE C 449 27.74 23.98 -49.71
CA PHE C 449 28.85 23.92 -48.76
C PHE C 449 30.12 23.60 -49.51
N GLU C 450 30.12 22.47 -50.20
CA GLU C 450 31.28 22.07 -50.96
C GLU C 450 31.01 22.40 -52.43
N ALA C 451 31.64 23.49 -52.88
CA ALA C 451 31.51 23.96 -54.25
C ALA C 451 32.80 24.68 -54.62
N GLU C 452 33.29 24.44 -55.83
CA GLU C 452 34.51 25.06 -56.32
C GLU C 452 34.50 26.55 -55.98
N PRO C 453 35.53 27.02 -55.26
CA PRO C 453 35.61 28.44 -54.88
C PRO C 453 35.85 29.29 -56.12
N GLU C 454 34.96 30.24 -56.36
CA GLU C 454 35.06 31.11 -57.52
C GLU C 454 34.67 32.54 -57.21
N GLU C 455 35.27 33.47 -57.97
CA GLU C 455 34.99 34.89 -57.82
C GLU C 455 34.54 35.35 -59.20
N GLY C 456 33.59 36.27 -59.26
CA GLY C 456 33.11 36.73 -60.55
C GLY C 456 32.18 37.93 -60.50
N PHE C 457 31.20 37.95 -61.40
CA PHE C 457 30.26 39.06 -61.45
C PHE C 457 28.80 38.60 -61.59
N CYS C 458 27.94 39.16 -60.76
CA CYS C 458 26.53 38.81 -60.75
C CYS C 458 25.95 38.65 -62.15
N VAL C 459 25.47 37.44 -62.42
CA VAL C 459 24.89 37.10 -63.71
C VAL C 459 23.75 38.01 -64.14
N ARG C 460 23.29 38.88 -63.25
CA ARG C 460 22.18 39.75 -63.58
C ARG C 460 22.46 41.25 -63.53
N CYS C 461 23.29 41.68 -62.59
CA CYS C 461 23.57 43.11 -62.49
C CYS C 461 25.07 43.39 -62.62
N GLY C 462 25.81 42.42 -63.12
CA GLY C 462 27.25 42.58 -63.32
C GLY C 462 28.13 42.92 -62.14
N ARG C 463 27.56 43.34 -61.01
CA ARG C 463 28.38 43.68 -59.86
C ARG C 463 29.17 42.48 -59.37
N PRO C 464 30.24 42.72 -58.59
CA PRO C 464 31.05 41.62 -58.08
C PRO C 464 30.18 40.53 -57.43
N SER C 465 30.66 39.29 -57.51
CA SER C 465 29.93 38.16 -56.96
C SER C 465 30.20 37.99 -55.47
N ALA C 466 29.16 37.58 -54.74
CA ALA C 466 29.27 37.34 -53.30
C ALA C 466 29.40 35.83 -53.07
N TYR C 467 29.48 35.43 -51.82
CA TYR C 467 29.57 34.02 -51.44
C TYR C 467 30.89 33.33 -51.81
N GLY C 468 31.68 33.95 -52.68
CA GLY C 468 32.95 33.36 -53.06
C GLY C 468 32.83 32.03 -53.78
N LYS C 469 31.68 31.79 -54.38
CA LYS C 469 31.40 30.56 -55.12
C LYS C 469 30.08 30.76 -55.85
N ARG C 470 29.84 29.99 -56.92
CA ARG C 470 28.59 30.12 -57.65
C ARG C 470 27.40 29.62 -56.82
N VAL C 471 26.25 30.24 -57.03
CA VAL C 471 25.02 29.89 -56.34
C VAL C 471 24.11 29.05 -57.22
N VAL C 472 23.52 27.99 -56.66
CA VAL C 472 22.62 27.12 -57.42
C VAL C 472 21.24 27.76 -57.62
N PHE C 473 20.86 27.97 -58.87
CA PHE C 473 19.56 28.55 -59.20
C PHE C 473 18.74 27.50 -59.93
N ALA C 474 17.43 27.72 -59.95
CA ALA C 474 16.53 26.81 -60.64
C ALA C 474 15.11 27.26 -60.40
N LYS C 475 14.19 26.71 -61.20
CA LYS C 475 12.78 27.00 -61.01
C LYS C 475 12.47 25.93 -59.96
N ALA C 476 11.79 26.31 -58.89
CA ALA C 476 11.52 25.33 -57.83
C ALA C 476 10.06 25.07 -57.52
N TYR C 477 9.83 24.01 -56.76
CA TYR C 477 8.49 23.64 -56.32
C TYR C 477 8.30 24.29 -54.95
N LYS D 5 9.13 18.40 0.29
CA LYS D 5 7.80 17.84 0.61
C LYS D 5 7.34 16.86 -0.46
N GLY D 6 6.69 15.79 -0.04
CA GLY D 6 6.22 14.79 -0.98
C GLY D 6 4.90 15.12 -1.62
N LEU D 7 4.38 14.15 -2.39
CA LEU D 7 3.11 14.31 -3.08
C LEU D 7 1.96 14.38 -2.10
N THR D 8 0.88 15.06 -2.49
CA THR D 8 -0.31 15.12 -1.65
C THR D 8 -0.83 13.69 -1.64
N PRO D 9 -0.83 13.03 -0.47
CA PRO D 9 -1.33 11.65 -0.44
C PRO D 9 -2.68 11.43 -1.13
N GLN D 10 -2.77 10.32 -1.85
CA GLN D 10 -3.97 9.95 -2.58
C GLN D 10 -5.19 10.04 -1.66
N SER D 11 -5.04 9.51 -0.46
CA SER D 11 -6.14 9.50 0.51
C SER D 11 -6.48 10.88 1.07
N GLN D 12 -5.64 11.85 0.76
CA GLN D 12 -5.83 13.22 1.22
C GLN D 12 -6.66 13.99 0.20
N ASP D 13 -6.20 13.98 -1.05
CA ASP D 13 -6.91 14.65 -2.14
C ASP D 13 -6.41 13.99 -3.40
N PHE D 14 -7.18 13.03 -3.89
CA PHE D 14 -6.79 12.27 -5.07
C PHE D 14 -6.57 13.10 -6.32
N SER D 15 -7.41 14.11 -6.51
CA SER D 15 -7.31 14.97 -7.68
C SER D 15 -6.02 15.78 -7.66
N GLU D 16 -5.67 16.30 -6.49
CA GLU D 16 -4.45 17.07 -6.38
C GLU D 16 -3.24 16.14 -6.53
N TRP D 17 -3.36 14.92 -6.02
CA TRP D 17 -2.29 13.94 -6.12
C TRP D 17 -2.01 13.75 -7.62
N TYR D 18 -3.08 13.43 -8.35
CA TYR D 18 -3.00 13.20 -9.78
C TYR D 18 -2.25 14.33 -10.48
N LEU D 19 -2.72 15.56 -10.28
CA LEU D 19 -2.08 16.70 -10.92
C LEU D 19 -0.61 16.81 -10.55
N GLU D 20 -0.31 16.66 -9.28
CA GLU D 20 1.07 16.76 -8.82
C GLU D 20 1.98 15.67 -9.35
N VAL D 21 1.49 14.42 -9.40
CA VAL D 21 2.33 13.32 -9.88
C VAL D 21 2.64 13.54 -11.36
N ILE D 22 1.64 14.02 -12.09
CA ILE D 22 1.80 14.30 -13.52
C ILE D 22 2.92 15.31 -13.73
N GLN D 23 2.91 16.35 -12.92
CA GLN D 23 3.90 17.40 -12.96
C GLN D 23 5.28 16.90 -12.54
N LYS D 24 5.35 16.30 -11.36
CA LYS D 24 6.62 15.80 -10.83
C LYS D 24 7.25 14.67 -11.61
N ALA D 25 6.43 13.80 -12.21
CA ALA D 25 6.97 12.67 -12.97
C ALA D 25 7.34 13.12 -14.38
N GLU D 26 7.13 14.40 -14.66
CA GLU D 26 7.45 15.00 -15.95
C GLU D 26 6.74 14.32 -17.12
N LEU D 27 5.45 14.07 -16.92
CA LEU D 27 4.61 13.43 -17.93
C LEU D 27 4.01 14.49 -18.85
N ALA D 28 3.51 15.56 -18.25
CA ALA D 28 2.89 16.63 -19.01
C ALA D 28 3.05 17.98 -18.30
N ASP D 29 2.53 19.03 -18.92
CA ASP D 29 2.59 20.37 -18.35
C ASP D 29 1.49 21.20 -19.03
N TYR D 30 1.38 22.45 -18.66
CA TYR D 30 0.35 23.30 -19.23
C TYR D 30 0.82 24.21 -20.36
N GLY D 31 0.08 24.17 -21.47
CA GLY D 31 0.43 25.00 -22.60
C GLY D 31 -0.06 26.43 -22.39
N PRO D 32 0.40 27.37 -23.23
CA PRO D 32 -0.01 28.78 -23.11
C PRO D 32 -1.53 28.97 -23.23
N VAL D 33 -2.18 28.15 -24.05
CA VAL D 33 -3.63 28.26 -24.21
C VAL D 33 -4.32 27.41 -23.14
N ARG D 34 -5.34 27.98 -22.50
CA ARG D 34 -6.07 27.27 -21.47
C ARG D 34 -6.81 26.03 -22.01
N GLY D 35 -6.72 24.93 -21.29
CA GLY D 35 -7.39 23.71 -21.71
C GLY D 35 -6.46 22.85 -22.52
N THR D 36 -5.27 23.39 -22.77
CA THR D 36 -4.26 22.73 -23.58
C THR D 36 -3.06 22.26 -22.74
N ILE D 37 -2.55 21.06 -23.04
CA ILE D 37 -1.39 20.51 -22.33
C ILE D 37 -0.30 20.08 -23.29
N VAL D 38 0.92 19.98 -22.77
CA VAL D 38 2.04 19.53 -23.59
C VAL D 38 2.57 18.25 -22.94
N VAL D 39 2.63 17.18 -23.73
CA VAL D 39 3.10 15.91 -23.24
C VAL D 39 4.61 15.87 -23.37
N ARG D 40 5.27 15.80 -22.22
CA ARG D 40 6.72 15.76 -22.19
C ARG D 40 7.23 14.40 -22.66
N PRO D 41 8.54 14.33 -22.95
CA PRO D 41 9.18 13.10 -23.42
C PRO D 41 8.77 11.81 -22.71
N TYR D 42 8.97 11.77 -21.39
CA TYR D 42 8.64 10.58 -20.61
C TYR D 42 7.18 10.20 -20.85
N GLY D 43 6.30 11.17 -20.73
CA GLY D 43 4.90 10.91 -20.97
C GLY D 43 4.69 10.37 -22.37
N TYR D 44 5.13 11.11 -23.37
CA TYR D 44 4.96 10.69 -24.76
C TYR D 44 5.47 9.28 -25.01
N ALA D 45 6.55 8.89 -24.32
CA ALA D 45 7.11 7.56 -24.48
C ALA D 45 6.07 6.48 -24.15
N ILE D 46 5.23 6.74 -23.16
CA ILE D 46 4.21 5.78 -22.78
C ILE D 46 3.20 5.71 -23.94
N TRP D 47 2.80 6.88 -24.44
CA TRP D 47 1.85 6.90 -25.54
C TRP D 47 2.41 6.13 -26.74
N GLU D 48 3.68 6.33 -27.06
CA GLU D 48 4.31 5.61 -28.18
C GLU D 48 4.21 4.09 -28.03
N ASN D 49 4.40 3.60 -26.81
CA ASN D 49 4.32 2.17 -26.54
C ASN D 49 2.91 1.68 -26.79
N ILE D 50 1.94 2.42 -26.27
CA ILE D 50 0.55 2.08 -26.47
C ILE D 50 0.34 2.01 -27.99
N GLN D 51 0.82 3.02 -28.70
CA GLN D 51 0.71 3.10 -30.15
C GLN D 51 1.25 1.83 -30.82
N GLN D 52 2.46 1.42 -30.44
CA GLN D 52 3.09 0.24 -31.02
C GLN D 52 2.32 -1.06 -30.79
N VAL D 53 1.79 -1.21 -29.59
CA VAL D 53 1.04 -2.40 -29.23
C VAL D 53 -0.28 -2.43 -30.02
N LEU D 54 -1.02 -1.34 -29.98
CA LEU D 54 -2.29 -1.29 -30.70
C LEU D 54 -2.09 -1.47 -32.19
N ASP D 55 -1.13 -0.76 -32.75
CA ASP D 55 -0.87 -0.85 -34.18
C ASP D 55 -0.62 -2.30 -34.59
N ARG D 56 0.28 -2.95 -33.86
CA ARG D 56 0.61 -4.33 -34.13
C ARG D 56 -0.68 -5.16 -34.15
N MET D 57 -1.56 -4.87 -33.20
CA MET D 57 -2.82 -5.59 -33.11
C MET D 57 -3.79 -5.24 -34.24
N PHE D 58 -3.80 -3.98 -34.66
CA PHE D 58 -4.69 -3.54 -35.73
C PHE D 58 -4.27 -4.14 -37.05
N LYS D 59 -2.97 -4.23 -37.26
CA LYS D 59 -2.42 -4.77 -38.49
C LYS D 59 -2.71 -6.26 -38.63
N GLU D 60 -2.46 -7.01 -37.57
CA GLU D 60 -2.69 -8.46 -37.61
C GLU D 60 -4.14 -8.76 -37.93
N THR D 61 -5.03 -7.81 -37.67
CA THR D 61 -6.46 -7.99 -37.92
C THR D 61 -6.92 -7.31 -39.22
N GLY D 62 -5.97 -7.11 -40.12
CA GLY D 62 -6.29 -6.55 -41.41
C GLY D 62 -6.53 -5.06 -41.57
N HIS D 63 -6.26 -4.27 -40.53
CA HIS D 63 -6.48 -2.84 -40.63
C HIS D 63 -5.25 -2.11 -41.14
N GLN D 64 -5.45 -0.99 -41.81
CA GLN D 64 -4.35 -0.19 -42.32
C GLN D 64 -4.52 1.26 -41.92
N ASN D 65 -3.41 1.94 -41.66
CA ASN D 65 -3.47 3.35 -41.29
C ASN D 65 -3.55 4.28 -42.50
N ALA D 66 -4.27 5.38 -42.33
CA ALA D 66 -4.40 6.38 -43.39
C ALA D 66 -4.46 7.69 -42.63
N TYR D 67 -4.73 8.78 -43.33
CA TYR D 67 -4.81 10.06 -42.66
C TYR D 67 -5.82 10.97 -43.35
N PHE D 68 -6.86 11.34 -42.62
CA PHE D 68 -7.88 12.22 -43.15
C PHE D 68 -7.69 13.64 -42.60
N PRO D 69 -8.26 14.65 -43.27
CA PRO D 69 -8.21 16.09 -42.94
C PRO D 69 -8.54 16.51 -41.52
N LEU D 70 -7.79 17.49 -41.02
CA LEU D 70 -7.98 18.04 -39.69
C LEU D 70 -9.30 18.82 -39.65
N PHE D 71 -9.52 19.62 -40.71
CA PHE D 71 -10.71 20.46 -40.86
C PHE D 71 -11.91 19.76 -41.50
N ILE D 72 -13.08 19.99 -40.92
CA ILE D 72 -14.31 19.40 -41.43
C ILE D 72 -15.32 20.51 -41.71
N PRO D 73 -16.12 20.37 -42.78
CA PRO D 73 -17.12 21.38 -43.13
C PRO D 73 -18.23 21.38 -42.08
N MET D 74 -18.55 22.54 -41.51
CA MET D 74 -19.60 22.62 -40.51
C MET D 74 -20.86 21.87 -40.94
N SER D 75 -21.27 22.04 -42.19
CA SER D 75 -22.46 21.38 -42.68
C SER D 75 -22.47 19.88 -42.38
N PHE D 76 -21.28 19.30 -42.24
CA PHE D 76 -21.15 17.87 -41.93
C PHE D 76 -21.60 17.51 -40.51
N LEU D 77 -21.56 18.48 -39.60
CA LEU D 77 -21.92 18.25 -38.20
C LEU D 77 -23.30 18.75 -37.78
N PHE D 87 -22.58 27.57 -32.59
CA PHE D 87 -22.12 26.39 -33.39
C PHE D 87 -22.29 25.09 -32.59
N SER D 88 -21.52 24.97 -31.52
CA SER D 88 -21.54 23.83 -30.62
C SER D 88 -20.38 24.00 -29.65
N PRO D 89 -20.62 23.69 -28.37
CA PRO D 89 -19.60 23.83 -27.34
C PRO D 89 -18.37 23.00 -27.65
N GLU D 90 -18.60 21.77 -28.10
CA GLU D 90 -17.51 20.85 -28.39
C GLU D 90 -16.53 21.39 -29.42
N LEU D 91 -17.06 22.08 -30.44
CA LEU D 91 -16.26 22.60 -31.53
C LEU D 91 -15.41 23.85 -31.35
N ALA D 92 -14.24 23.81 -31.96
CA ALA D 92 -13.30 24.93 -32.00
C ALA D 92 -13.43 25.25 -33.48
N VAL D 93 -14.07 26.37 -33.80
CA VAL D 93 -14.31 26.76 -35.19
C VAL D 93 -13.35 27.76 -35.80
N VAL D 94 -12.82 27.43 -36.97
CA VAL D 94 -11.94 28.33 -37.68
C VAL D 94 -12.85 29.15 -38.60
N THR D 95 -12.77 30.47 -38.45
CA THR D 95 -13.62 31.36 -39.20
C THR D 95 -12.85 32.21 -40.19
N HIS D 96 -11.57 32.37 -39.94
CA HIS D 96 -10.73 33.17 -40.81
C HIS D 96 -9.55 32.38 -41.29
N ALA D 97 -9.40 32.33 -42.61
CA ALA D 97 -8.28 31.63 -43.23
C ALA D 97 -7.91 32.27 -44.57
N GLY D 98 -6.63 32.27 -44.90
CA GLY D 98 -6.18 32.83 -46.16
C GLY D 98 -6.42 34.32 -46.37
N GLY D 99 -6.47 35.07 -45.27
CA GLY D 99 -6.69 36.49 -45.37
C GLY D 99 -8.14 36.89 -45.57
N GLU D 100 -9.05 35.93 -45.37
CA GLU D 100 -10.46 36.20 -45.54
C GLU D 100 -11.34 35.43 -44.55
N GLU D 101 -12.52 35.97 -44.29
CA GLU D 101 -13.46 35.32 -43.40
C GLU D 101 -14.22 34.30 -44.27
N LEU D 102 -14.14 33.04 -43.89
CA LEU D 102 -14.78 31.95 -44.62
C LEU D 102 -16.29 32.05 -44.64
N GLU D 103 -16.89 31.80 -45.81
CA GLU D 103 -18.34 31.85 -45.93
C GLU D 103 -18.89 30.56 -45.32
N GLU D 104 -18.03 29.55 -45.31
CA GLU D 104 -18.37 28.26 -44.75
C GLU D 104 -17.28 27.95 -43.72
N PRO D 105 -17.54 28.27 -42.45
CA PRO D 105 -16.58 28.04 -41.36
C PRO D 105 -16.23 26.56 -41.24
N LEU D 106 -14.99 26.31 -40.86
CA LEU D 106 -14.51 24.95 -40.71
C LEU D 106 -14.43 24.55 -39.26
N ALA D 107 -14.73 23.30 -38.97
CA ALA D 107 -14.66 22.80 -37.61
C ALA D 107 -13.39 21.98 -37.44
N VAL D 108 -12.69 22.14 -36.32
CA VAL D 108 -11.51 21.32 -36.10
C VAL D 108 -12.14 20.01 -35.66
N ARG D 109 -11.80 18.94 -36.36
CA ARG D 109 -12.37 17.63 -36.08
C ARG D 109 -12.44 17.15 -34.61
N PRO D 110 -13.66 16.80 -34.14
CA PRO D 110 -13.89 16.29 -32.78
C PRO D 110 -13.81 14.76 -32.90
N THR D 111 -14.14 14.29 -34.11
CA THR D 111 -14.12 12.88 -34.50
C THR D 111 -14.25 12.89 -36.03
N SER D 112 -13.75 11.85 -36.70
CA SER D 112 -13.75 11.82 -38.16
C SER D 112 -14.78 11.02 -38.95
N GLU D 113 -15.88 10.60 -38.33
CA GLU D 113 -16.87 9.80 -39.07
C GLU D 113 -17.37 10.42 -40.39
N THR D 114 -17.71 11.71 -40.34
CA THR D 114 -18.25 12.41 -41.52
C THR D 114 -17.29 12.44 -42.73
N VAL D 115 -16.12 13.04 -42.55
CA VAL D 115 -15.13 13.11 -43.62
C VAL D 115 -14.85 11.74 -44.24
N ILE D 116 -14.61 10.74 -43.39
CA ILE D 116 -14.33 9.41 -43.88
C ILE D 116 -15.56 8.86 -44.61
N GLY D 117 -16.73 9.16 -44.08
CA GLY D 117 -17.96 8.70 -44.72
C GLY D 117 -18.04 9.32 -46.11
N TYR D 118 -17.81 10.62 -46.16
CA TYR D 118 -17.82 11.38 -47.40
C TYR D 118 -16.89 10.72 -48.41
N MET D 119 -15.68 10.41 -47.98
CA MET D 119 -14.71 9.78 -48.86
C MET D 119 -15.17 8.39 -49.28
N TRP D 120 -15.72 7.64 -48.34
CA TRP D 120 -16.20 6.29 -48.66
C TRP D 120 -17.31 6.40 -49.71
N SER D 121 -18.04 7.50 -49.64
CA SER D 121 -19.14 7.76 -50.58
C SER D 121 -18.66 7.65 -52.02
N LYS D 122 -17.43 8.08 -52.29
CA LYS D 122 -16.90 7.98 -53.65
C LYS D 122 -16.02 6.75 -53.89
N TRP D 123 -15.25 6.32 -52.88
CA TRP D 123 -14.39 5.16 -53.01
C TRP D 123 -15.15 3.85 -53.15
N ILE D 124 -16.25 3.72 -52.42
CA ILE D 124 -17.02 2.49 -52.44
C ILE D 124 -18.05 2.42 -53.57
N ARG D 125 -17.93 1.40 -54.41
CA ARG D 125 -18.84 1.19 -55.53
C ARG D 125 -19.42 -0.21 -55.56
N SER D 126 -18.63 -1.20 -55.16
CA SER D 126 -19.12 -2.58 -55.18
C SER D 126 -18.62 -3.44 -54.03
N TRP D 127 -19.03 -4.71 -54.06
CA TRP D 127 -18.63 -5.66 -53.05
C TRP D 127 -17.11 -5.76 -53.10
N ARG D 128 -16.55 -5.43 -54.27
CA ARG D 128 -15.11 -5.48 -54.47
C ARG D 128 -14.38 -4.56 -53.52
N ASP D 129 -15.01 -3.45 -53.18
CA ASP D 129 -14.40 -2.47 -52.30
C ASP D 129 -14.59 -2.73 -50.81
N LEU D 130 -15.14 -3.89 -50.45
CA LEU D 130 -15.38 -4.21 -49.05
C LEU D 130 -14.63 -5.46 -48.59
N PRO D 131 -14.29 -5.54 -47.29
CA PRO D 131 -14.55 -4.49 -46.30
C PRO D 131 -13.49 -3.40 -46.32
N GLN D 132 -13.83 -2.27 -45.73
CA GLN D 132 -12.93 -1.13 -45.64
C GLN D 132 -12.48 -1.10 -44.17
N LEU D 133 -11.23 -1.47 -43.90
CA LEU D 133 -10.72 -1.49 -42.53
C LEU D 133 -9.65 -0.42 -42.30
N LEU D 134 -10.07 0.76 -41.85
CA LEU D 134 -9.13 1.85 -41.64
C LEU D 134 -8.89 2.26 -40.19
N ASN D 135 -7.76 2.94 -40.00
CA ASN D 135 -7.39 3.46 -38.70
C ASN D 135 -6.61 4.74 -38.86
N GLN D 136 -6.66 5.59 -37.86
CA GLN D 136 -5.94 6.84 -37.91
C GLN D 136 -5.44 7.24 -36.56
N TRP D 137 -4.15 7.55 -36.51
CA TRP D 137 -3.51 8.01 -35.30
C TRP D 137 -3.44 9.51 -35.50
N GLY D 138 -3.94 10.27 -34.54
CA GLY D 138 -3.90 11.70 -34.69
C GLY D 138 -4.52 12.42 -33.52
N ASN D 139 -4.83 13.68 -33.74
CA ASN D 139 -5.39 14.52 -32.72
C ASN D 139 -6.77 15.01 -33.13
N VAL D 140 -7.54 15.41 -32.13
CA VAL D 140 -8.87 15.94 -32.35
C VAL D 140 -9.08 17.00 -31.28
N VAL D 141 -10.15 17.76 -31.41
CA VAL D 141 -10.43 18.80 -30.44
C VAL D 141 -11.89 18.81 -29.99
N ARG D 142 -12.06 18.71 -28.69
CA ARG D 142 -13.37 18.77 -28.07
C ARG D 142 -13.13 19.73 -26.93
N TRP D 143 -13.47 20.98 -27.19
CA TRP D 143 -13.27 22.05 -26.24
C TRP D 143 -13.57 21.63 -24.82
N GLU D 144 -12.69 22.04 -23.92
CA GLU D 144 -12.83 21.72 -22.51
C GLU D 144 -12.38 22.95 -21.74
N MET D 145 -13.14 23.32 -20.72
CA MET D 145 -12.84 24.50 -19.91
C MET D 145 -11.71 24.32 -18.87
N ARG D 146 -11.89 23.38 -17.94
CA ARG D 146 -10.88 23.10 -16.92
C ARG D 146 -9.87 22.06 -17.42
N THR D 147 -8.58 22.37 -17.25
CA THR D 147 -7.50 21.50 -17.69
C THR D 147 -7.11 20.42 -16.69
N ARG D 148 -7.25 19.16 -17.09
CA ARG D 148 -6.87 18.02 -16.24
C ARG D 148 -6.15 17.03 -17.17
N PRO D 149 -4.82 17.12 -17.22
CA PRO D 149 -3.97 16.25 -18.06
C PRO D 149 -4.46 14.83 -18.27
N PHE D 150 -4.53 14.44 -19.54
CA PHE D 150 -4.96 13.12 -19.97
C PHE D 150 -6.43 12.81 -19.70
N LEU D 151 -7.13 13.71 -19.00
CA LEU D 151 -8.53 13.47 -18.69
C LEU D 151 -9.48 14.53 -19.23
N ARG D 152 -9.11 15.79 -19.05
CA ARG D 152 -9.93 16.90 -19.54
C ARG D 152 -9.02 17.89 -20.24
N THR D 153 -9.03 17.86 -21.57
CA THR D 153 -8.22 18.75 -22.39
C THR D 153 -8.98 19.05 -23.67
N SER D 154 -8.72 20.22 -24.25
CA SER D 154 -9.40 20.62 -25.48
C SER D 154 -8.89 19.77 -26.66
N GLU D 155 -7.58 19.61 -26.73
CA GLU D 155 -6.97 18.82 -27.78
C GLU D 155 -6.34 17.59 -27.16
N PHE D 156 -6.53 16.44 -27.79
CA PHE D 156 -5.90 15.23 -27.27
C PHE D 156 -5.53 14.27 -28.39
N LEU D 157 -4.54 13.43 -28.12
CA LEU D 157 -4.11 12.43 -29.10
C LEU D 157 -4.91 11.14 -28.87
N TRP D 158 -5.04 10.36 -29.93
CA TRP D 158 -5.77 9.12 -29.86
C TRP D 158 -5.62 8.36 -31.16
N GLN D 159 -6.48 7.37 -31.33
CA GLN D 159 -6.52 6.55 -32.51
C GLN D 159 -8.00 6.29 -32.77
N GLU D 160 -8.44 6.55 -33.99
CA GLU D 160 -9.84 6.30 -34.30
C GLU D 160 -9.88 5.37 -35.47
N GLY D 161 -10.53 4.22 -35.28
CA GLY D 161 -10.64 3.24 -36.34
C GLY D 161 -11.99 3.34 -37.00
N HIS D 162 -12.00 3.20 -38.31
CA HIS D 162 -13.24 3.27 -39.06
C HIS D 162 -13.32 2.13 -40.04
N THR D 163 -14.46 1.47 -40.10
CA THR D 163 -14.61 0.36 -41.01
C THR D 163 -15.98 0.36 -41.69
N ALA D 164 -16.03 -0.22 -42.88
CA ALA D 164 -17.27 -0.32 -43.65
C ALA D 164 -17.41 -1.78 -44.09
N HIS D 165 -18.61 -2.33 -43.92
CA HIS D 165 -18.84 -3.73 -44.26
C HIS D 165 -20.07 -3.92 -45.11
N ALA D 166 -20.13 -5.07 -45.77
CA ALA D 166 -21.24 -5.42 -46.64
C ALA D 166 -22.44 -5.85 -45.82
N THR D 167 -22.21 -6.72 -44.84
CA THR D 167 -23.28 -7.22 -44.00
C THR D 167 -23.24 -6.65 -42.58
N ARG D 168 -24.36 -6.80 -41.89
CA ARG D 168 -24.49 -6.33 -40.52
C ARG D 168 -23.67 -7.21 -39.58
N GLU D 169 -23.61 -8.50 -39.89
CA GLU D 169 -22.87 -9.46 -39.09
C GLU D 169 -21.38 -9.12 -39.07
N GLU D 170 -20.81 -8.99 -40.26
CA GLU D 170 -19.39 -8.67 -40.36
C GLU D 170 -19.05 -7.43 -39.54
N ALA D 171 -19.96 -6.47 -39.53
CA ALA D 171 -19.74 -5.23 -38.78
C ALA D 171 -19.79 -5.45 -37.27
N GLU D 172 -20.79 -6.17 -36.79
CA GLU D 172 -20.90 -6.40 -35.36
C GLU D 172 -19.71 -7.23 -34.84
N GLU D 173 -19.20 -8.12 -35.69
CA GLU D 173 -18.04 -8.94 -35.31
C GLU D 173 -16.84 -8.01 -35.15
N GLU D 174 -16.69 -7.08 -36.08
CA GLU D 174 -15.59 -6.13 -36.03
C GLU D 174 -15.64 -5.36 -34.70
N VAL D 175 -16.84 -4.89 -34.35
CA VAL D 175 -17.03 -4.12 -33.13
C VAL D 175 -16.44 -4.80 -31.88
N ARG D 176 -16.80 -6.07 -31.69
CA ARG D 176 -16.31 -6.81 -30.54
C ARG D 176 -14.85 -7.17 -30.68
N ARG D 177 -14.42 -7.44 -31.90
CA ARG D 177 -13.02 -7.80 -32.13
C ARG D 177 -12.14 -6.66 -31.64
N MET D 178 -12.54 -5.43 -31.97
CA MET D 178 -11.76 -4.29 -31.54
C MET D 178 -11.88 -4.04 -30.05
N LEU D 179 -13.06 -4.21 -29.47
CA LEU D 179 -13.17 -3.98 -28.03
C LEU D 179 -12.24 -4.98 -27.34
N SER D 180 -12.22 -6.21 -27.86
CA SER D 180 -11.38 -7.25 -27.29
C SER D 180 -9.92 -6.85 -27.32
N ILE D 181 -9.51 -6.20 -28.40
CA ILE D 181 -8.13 -5.75 -28.52
C ILE D 181 -7.85 -4.72 -27.42
N TYR D 182 -8.81 -3.81 -27.24
CA TYR D 182 -8.69 -2.78 -26.22
C TYR D 182 -8.60 -3.47 -24.87
N ALA D 183 -9.49 -4.44 -24.65
CA ALA D 183 -9.50 -5.17 -23.39
C ALA D 183 -8.15 -5.84 -23.19
N ARG D 184 -7.64 -6.47 -24.23
CA ARG D 184 -6.38 -7.15 -24.13
C ARG D 184 -5.25 -6.20 -23.78
N LEU D 185 -5.32 -4.98 -24.31
CA LEU D 185 -4.29 -3.98 -24.02
C LEU D 185 -4.36 -3.68 -22.52
N ALA D 186 -5.58 -3.40 -22.06
CA ALA D 186 -5.79 -3.07 -20.67
C ALA D 186 -5.25 -4.16 -19.76
N ARG D 187 -5.75 -5.37 -19.94
CA ARG D 187 -5.36 -6.50 -19.13
C ARG D 187 -3.91 -6.96 -19.25
N GLU D 188 -3.55 -7.47 -20.41
CA GLU D 188 -2.21 -7.99 -20.66
C GLU D 188 -1.06 -7.00 -20.75
N TYR D 189 -1.35 -5.72 -20.98
CA TYR D 189 -0.24 -4.77 -21.09
C TYR D 189 -0.18 -3.69 -20.02
N ALA D 190 -1.33 -3.18 -19.60
CA ALA D 190 -1.34 -2.13 -18.58
C ALA D 190 -1.69 -2.72 -17.21
N ALA D 191 -1.98 -4.02 -17.19
CA ALA D 191 -2.35 -4.71 -15.95
C ALA D 191 -3.53 -4.00 -15.28
N ILE D 192 -4.44 -3.52 -16.12
CA ILE D 192 -5.63 -2.82 -15.65
C ILE D 192 -6.88 -3.67 -15.92
N PRO D 193 -7.56 -4.13 -14.85
CA PRO D 193 -8.76 -4.94 -15.08
C PRO D 193 -9.90 -4.06 -15.60
N VAL D 194 -10.74 -4.62 -16.45
CA VAL D 194 -11.86 -3.87 -17.01
C VAL D 194 -13.09 -4.76 -17.17
N ILE D 195 -14.22 -4.12 -17.44
CA ILE D 195 -15.49 -4.80 -17.63
C ILE D 195 -15.97 -4.51 -19.04
N GLU D 196 -16.28 -5.55 -19.79
CA GLU D 196 -16.77 -5.37 -21.17
C GLU D 196 -18.30 -5.39 -21.18
N GLY D 197 -18.92 -4.50 -21.93
CA GLY D 197 -20.36 -4.48 -21.99
C GLY D 197 -20.92 -3.33 -22.78
N LEU D 198 -22.25 -3.26 -22.88
CA LEU D 198 -22.93 -2.21 -23.61
C LEU D 198 -23.22 -0.99 -22.78
N LYS D 199 -23.22 0.17 -23.43
CA LYS D 199 -23.54 1.41 -22.76
C LYS D 199 -25.06 1.45 -22.85
N THR D 200 -25.70 2.24 -22.00
CA THR D 200 -27.15 2.35 -22.05
C THR D 200 -27.47 3.32 -23.17
N GLU D 201 -28.71 3.31 -23.65
CA GLU D 201 -29.11 4.19 -24.73
C GLU D 201 -28.67 5.63 -24.45
N LYS D 202 -28.87 6.07 -23.22
CA LYS D 202 -28.51 7.41 -22.80
C LYS D 202 -27.01 7.67 -22.91
N GLU D 203 -26.22 6.63 -22.70
CA GLU D 203 -24.78 6.77 -22.71
C GLU D 203 -24.04 6.35 -23.98
N LYS D 204 -24.77 5.99 -25.03
CA LYS D 204 -24.11 5.57 -26.26
C LYS D 204 -23.61 6.74 -27.09
N PHE D 205 -22.76 6.42 -28.06
CA PHE D 205 -22.17 7.38 -28.97
C PHE D 205 -23.27 7.94 -29.86
N ALA D 206 -23.21 9.24 -30.16
CA ALA D 206 -24.22 9.84 -31.03
C ALA D 206 -24.10 9.24 -32.41
N GLY D 207 -25.22 8.83 -32.99
CA GLY D 207 -25.15 8.27 -34.34
C GLY D 207 -24.90 6.78 -34.36
N ALA D 208 -24.51 6.19 -33.23
CA ALA D 208 -24.28 4.75 -33.18
C ALA D 208 -25.59 4.07 -32.84
N VAL D 209 -25.79 2.82 -33.27
CA VAL D 209 -27.02 2.12 -32.90
C VAL D 209 -26.75 1.66 -31.47
N TYR D 210 -25.53 1.18 -31.24
CA TYR D 210 -25.11 0.75 -29.92
C TYR D 210 -23.60 0.89 -29.73
N THR D 211 -23.19 1.13 -28.48
CA THR D 211 -21.77 1.31 -28.13
C THR D 211 -21.27 0.28 -27.12
N THR D 212 -20.15 -0.39 -27.42
CA THR D 212 -19.61 -1.32 -26.44
C THR D 212 -18.50 -0.55 -25.72
N THR D 213 -18.04 -1.05 -24.58
CA THR D 213 -17.02 -0.35 -23.83
C THR D 213 -16.26 -1.20 -22.80
N ILE D 214 -15.15 -0.66 -22.33
CA ILE D 214 -14.37 -1.30 -21.29
C ILE D 214 -14.20 -0.29 -20.16
N GLU D 215 -14.86 -0.57 -19.04
CA GLU D 215 -14.84 0.29 -17.88
C GLU D 215 -13.83 -0.19 -16.83
N ALA D 216 -13.00 0.74 -16.37
CA ALA D 216 -11.98 0.45 -15.38
C ALA D 216 -12.28 1.20 -14.08
N LEU D 217 -11.74 0.72 -12.96
CA LEU D 217 -11.98 1.39 -11.70
C LEU D 217 -10.67 1.96 -11.19
N MET D 218 -10.65 3.25 -10.90
CA MET D 218 -9.45 3.92 -10.41
C MET D 218 -9.35 3.81 -8.89
N LYS D 219 -8.13 3.92 -8.37
CA LYS D 219 -7.88 3.82 -6.93
C LYS D 219 -8.70 4.77 -6.05
N ASP D 220 -9.37 5.74 -6.65
CA ASP D 220 -10.18 6.67 -5.88
C ASP D 220 -11.66 6.25 -5.90
N GLY D 221 -11.92 5.04 -6.38
CA GLY D 221 -13.28 4.56 -6.46
C GLY D 221 -14.09 5.06 -7.65
N LYS D 222 -13.48 5.84 -8.53
CA LYS D 222 -14.21 6.32 -9.70
C LYS D 222 -13.93 5.46 -10.94
N ALA D 223 -14.93 5.36 -11.81
CA ALA D 223 -14.80 4.57 -13.03
C ALA D 223 -14.19 5.36 -14.19
N LEU D 224 -13.63 4.66 -15.15
CA LEU D 224 -13.01 5.29 -16.31
C LEU D 224 -13.09 4.42 -17.55
N GLN D 225 -13.66 4.97 -18.62
CA GLN D 225 -13.80 4.27 -19.89
C GLN D 225 -12.41 4.16 -20.50
N ALA D 226 -11.92 2.95 -20.69
CA ALA D 226 -10.59 2.76 -21.25
C ALA D 226 -10.58 2.71 -22.77
N GLY D 227 -11.72 2.34 -23.34
CA GLY D 227 -11.82 2.26 -24.79
C GLY D 227 -13.25 2.05 -25.20
N THR D 228 -13.57 2.36 -26.45
CA THR D 228 -14.93 2.21 -26.93
C THR D 228 -15.02 1.74 -28.39
N SER D 229 -16.06 0.97 -28.71
CA SER D 229 -16.26 0.42 -30.07
C SER D 229 -17.75 0.48 -30.40
N HIS D 230 -18.09 1.20 -31.47
CA HIS D 230 -19.48 1.39 -31.86
C HIS D 230 -19.93 0.69 -33.12
N TYR D 231 -21.19 0.28 -33.13
CA TYR D 231 -21.79 -0.31 -34.31
C TYR D 231 -22.61 0.86 -34.83
N LEU D 232 -22.25 1.34 -36.01
CA LEU D 232 -22.94 2.46 -36.61
C LEU D 232 -24.08 2.03 -37.53
N GLY D 233 -24.21 0.72 -37.72
CA GLY D 233 -25.23 0.21 -38.60
C GLY D 233 -25.12 0.96 -39.91
N GLU D 234 -26.24 1.34 -40.49
CA GLU D 234 -26.17 2.10 -41.73
C GLU D 234 -26.55 3.57 -41.54
N ASN D 235 -26.39 4.06 -40.31
CA ASN D 235 -26.72 5.44 -40.00
C ASN D 235 -25.89 6.46 -40.78
N PHE D 236 -24.59 6.30 -40.82
CA PHE D 236 -23.75 7.24 -41.56
C PHE D 236 -23.78 6.93 -43.05
N ALA D 237 -23.95 5.66 -43.39
CA ALA D 237 -24.02 5.26 -44.79
C ALA D 237 -25.19 6.03 -45.43
N ARG D 238 -26.34 6.00 -44.76
CA ARG D 238 -27.50 6.70 -45.27
C ARG D 238 -27.26 8.20 -45.33
N ALA D 239 -26.81 8.74 -44.22
CA ALA D 239 -26.53 10.16 -44.09
C ALA D 239 -25.51 10.68 -45.09
N PHE D 240 -24.63 9.82 -45.57
CA PHE D 240 -23.60 10.23 -46.51
C PHE D 240 -23.62 9.47 -47.82
N ASP D 241 -24.74 8.79 -48.08
CA ASP D 241 -24.91 8.06 -49.32
C ASP D 241 -23.73 7.13 -49.62
N ILE D 242 -23.52 6.16 -48.74
CA ILE D 242 -22.45 5.19 -48.89
C ILE D 242 -23.12 3.85 -49.23
N LYS D 243 -23.24 3.58 -50.52
CA LYS D 243 -23.86 2.34 -51.00
C LYS D 243 -22.88 1.59 -51.86
N PHE D 244 -23.14 0.30 -52.05
CA PHE D 244 -22.30 -0.54 -52.88
C PHE D 244 -23.18 -1.49 -53.66
N GLN D 245 -22.75 -1.85 -54.87
CA GLN D 245 -23.51 -2.77 -55.70
C GLN D 245 -23.03 -4.16 -55.26
N ASP D 246 -23.95 -4.96 -54.75
CA ASP D 246 -23.64 -6.31 -54.27
C ASP D 246 -23.39 -7.29 -55.40
N ARG D 247 -23.20 -8.55 -55.05
CA ARG D 247 -22.95 -9.61 -56.04
C ARG D 247 -24.22 -9.93 -56.81
N ASP D 248 -25.35 -9.51 -56.25
CA ASP D 248 -26.66 -9.73 -56.85
C ASP D 248 -27.06 -8.49 -57.66
N LEU D 249 -26.07 -7.70 -58.07
CA LEU D 249 -26.31 -6.49 -58.84
C LEU D 249 -27.25 -5.54 -58.13
N GLN D 250 -27.41 -5.72 -56.82
CA GLN D 250 -28.31 -4.87 -56.06
C GLN D 250 -27.57 -3.91 -55.13
N VAL D 251 -27.82 -2.63 -55.33
CA VAL D 251 -27.21 -1.58 -54.55
C VAL D 251 -27.76 -1.61 -53.14
N LYS D 252 -26.90 -1.37 -52.16
CA LYS D 252 -27.34 -1.35 -50.78
C LYS D 252 -26.41 -0.55 -49.88
N TYR D 253 -26.90 -0.21 -48.69
CA TYR D 253 -26.09 0.56 -47.75
C TYR D 253 -25.10 -0.32 -47.01
N VAL D 254 -23.91 0.22 -46.78
CA VAL D 254 -22.88 -0.48 -46.05
C VAL D 254 -23.16 -0.36 -44.57
N HIS D 255 -22.48 -1.19 -43.77
CA HIS D 255 -22.62 -1.18 -42.32
C HIS D 255 -21.25 -0.77 -41.78
N THR D 256 -21.22 0.34 -41.05
CA THR D 256 -19.95 0.82 -40.55
C THR D 256 -19.79 0.73 -39.05
N THR D 257 -18.55 0.60 -38.61
CA THR D 257 -18.24 0.54 -37.19
C THR D 257 -17.19 1.62 -36.97
N SER D 258 -16.97 1.96 -35.71
CA SER D 258 -16.03 2.99 -35.33
C SER D 258 -15.52 2.62 -33.94
N TRP D 259 -14.25 2.88 -33.69
CA TRP D 259 -13.66 2.55 -32.39
C TRP D 259 -12.47 3.42 -32.06
N GLY D 260 -12.36 3.79 -30.79
CA GLY D 260 -11.25 4.65 -30.40
C GLY D 260 -10.68 4.45 -29.00
N LEU D 261 -9.48 4.98 -28.81
CA LEU D 261 -8.79 4.91 -27.53
C LEU D 261 -7.84 6.11 -27.46
N SER D 262 -8.09 7.01 -26.52
CA SER D 262 -7.29 8.22 -26.35
C SER D 262 -6.15 8.05 -25.34
N TRP D 263 -5.40 9.12 -25.10
CA TRP D 263 -4.31 9.05 -24.14
C TRP D 263 -4.92 9.08 -22.73
N ARG D 264 -6.25 9.03 -22.69
CA ARG D 264 -6.98 8.98 -21.45
C ARG D 264 -6.57 7.67 -20.79
N PHE D 265 -6.03 6.77 -21.61
CA PHE D 265 -5.58 5.46 -21.17
C PHE D 265 -4.37 5.63 -20.27
N ILE D 266 -3.60 6.69 -20.49
CA ILE D 266 -2.43 6.97 -19.67
C ILE D 266 -2.92 7.37 -18.28
N GLY D 267 -4.02 8.12 -18.26
CA GLY D 267 -4.60 8.54 -17.01
C GLY D 267 -5.03 7.32 -16.22
N ALA D 268 -5.47 6.29 -16.94
CA ALA D 268 -5.90 5.05 -16.32
C ALA D 268 -4.69 4.41 -15.65
N ILE D 269 -3.60 4.33 -16.38
CA ILE D 269 -2.36 3.76 -15.88
C ILE D 269 -1.91 4.47 -14.61
N ILE D 270 -2.05 5.78 -14.58
CA ILE D 270 -1.66 6.56 -13.41
C ILE D 270 -2.57 6.32 -12.20
N MET D 271 -3.88 6.43 -12.41
CA MET D 271 -4.84 6.27 -11.32
C MET D 271 -5.14 4.83 -10.93
N THR D 272 -4.51 3.87 -11.59
CA THR D 272 -4.74 2.48 -11.26
C THR D 272 -3.59 1.88 -10.45
N HIS D 273 -2.35 2.19 -10.82
CA HIS D 273 -1.20 1.63 -10.11
C HIS D 273 -0.35 2.62 -9.33
N GLY D 274 -0.61 3.91 -9.50
CA GLY D 274 0.18 4.91 -8.78
C GLY D 274 -0.07 4.94 -7.28
N ASP D 275 0.95 5.35 -6.53
CA ASP D 275 0.84 5.43 -5.07
C ASP D 275 1.40 6.75 -4.52
N ASP D 276 1.40 6.88 -3.20
CA ASP D 276 1.89 8.09 -2.56
C ASP D 276 3.33 8.48 -2.92
N ARG D 277 4.09 7.53 -3.44
CA ARG D 277 5.48 7.81 -3.81
C ARG D 277 5.64 8.15 -5.30
N GLY D 278 4.52 8.22 -6.02
CA GLY D 278 4.55 8.53 -7.44
C GLY D 278 3.94 7.47 -8.34
N LEU D 279 4.42 7.42 -9.58
CA LEU D 279 3.92 6.45 -10.53
C LEU D 279 4.48 5.04 -10.30
N VAL D 280 3.85 4.09 -10.98
CA VAL D 280 4.23 2.68 -10.98
C VAL D 280 3.72 2.27 -12.35
N LEU D 281 4.62 2.11 -13.31
CA LEU D 281 4.21 1.76 -14.66
C LEU D 281 4.23 0.28 -14.91
N PRO D 282 3.26 -0.23 -15.71
CA PRO D 282 3.23 -1.66 -16.00
C PRO D 282 4.40 -2.01 -16.94
N PRO D 283 5.17 -3.05 -16.59
CA PRO D 283 6.32 -3.54 -17.35
C PRO D 283 6.21 -3.59 -18.87
N ARG D 284 5.08 -4.06 -19.38
CA ARG D 284 4.89 -4.17 -20.82
C ARG D 284 4.57 -2.87 -21.56
N LEU D 285 4.58 -1.74 -20.85
CA LEU D 285 4.30 -0.44 -21.45
C LEU D 285 5.26 0.61 -20.89
N ALA D 286 6.08 0.23 -19.93
CA ALA D 286 7.01 1.17 -19.34
C ALA D 286 8.16 1.47 -20.30
N PRO D 287 8.42 2.76 -20.57
CA PRO D 287 9.52 3.08 -21.48
C PRO D 287 10.85 2.52 -20.96
N ILE D 288 11.07 2.67 -19.65
CA ILE D 288 12.27 2.14 -19.01
C ILE D 288 11.84 1.08 -18.02
N GLN D 289 12.18 -0.18 -18.30
CA GLN D 289 11.81 -1.29 -17.44
C GLN D 289 12.80 -1.42 -16.30
N VAL D 290 14.09 -1.31 -16.65
CA VAL D 290 15.17 -1.40 -15.69
C VAL D 290 16.09 -0.17 -15.80
N VAL D 291 16.34 0.50 -14.69
CA VAL D 291 17.25 1.65 -14.71
C VAL D 291 18.47 1.34 -13.85
N ILE D 292 19.63 1.42 -14.48
CA ILE D 292 20.90 1.16 -13.80
C ILE D 292 21.50 2.46 -13.26
N VAL D 293 21.71 2.51 -11.97
CA VAL D 293 22.30 3.70 -11.35
C VAL D 293 23.66 3.33 -10.78
N PRO D 294 24.74 3.79 -11.42
CA PRO D 294 26.12 3.53 -10.99
C PRO D 294 26.54 4.47 -9.89
N ILE D 295 27.19 3.92 -8.87
CA ILE D 295 27.67 4.70 -7.73
C ILE D 295 29.18 4.54 -7.70
N TYR D 296 29.92 5.64 -7.58
CA TYR D 296 31.37 5.54 -7.56
C TYR D 296 32.10 6.77 -7.05
N LYS D 297 33.43 6.69 -7.06
CA LYS D 297 34.28 7.80 -6.64
C LYS D 297 35.18 8.13 -7.83
N ASP D 298 35.90 9.24 -7.73
CA ASP D 298 36.80 9.67 -8.82
C ASP D 298 37.69 8.55 -9.34
N GLU D 299 37.94 7.55 -8.50
CA GLU D 299 38.79 6.41 -8.84
C GLU D 299 37.95 5.20 -9.25
N SER D 300 36.76 5.09 -8.67
CA SER D 300 35.87 3.97 -8.95
C SER D 300 35.17 4.11 -10.31
N ARG D 301 34.96 5.34 -10.75
CA ARG D 301 34.29 5.63 -12.02
C ARG D 301 34.57 4.63 -13.15
N GLU D 302 35.84 4.32 -13.38
CA GLU D 302 36.23 3.40 -14.45
C GLU D 302 35.64 2.00 -14.33
N ARG D 303 35.99 1.29 -13.25
CA ARG D 303 35.52 -0.07 -13.01
C ARG D 303 33.99 -0.16 -13.01
N VAL D 304 33.34 0.78 -12.32
CA VAL D 304 31.89 0.81 -12.21
C VAL D 304 31.18 0.98 -13.54
N LEU D 305 31.43 2.10 -14.21
CA LEU D 305 30.80 2.37 -15.50
C LEU D 305 30.98 1.21 -16.48
N GLU D 306 32.16 0.60 -16.46
CA GLU D 306 32.44 -0.53 -17.34
C GLU D 306 31.44 -1.64 -17.01
N ALA D 307 31.34 -1.98 -15.73
CA ALA D 307 30.41 -3.01 -15.29
C ALA D 307 28.98 -2.60 -15.65
N ALA D 308 28.66 -1.34 -15.35
CA ALA D 308 27.34 -0.81 -15.62
C ALA D 308 26.97 -0.96 -17.08
N GLN D 309 27.85 -0.48 -17.97
CA GLN D 309 27.57 -0.58 -19.40
C GLN D 309 27.45 -2.03 -19.83
N GLY D 310 28.29 -2.88 -19.24
CA GLY D 310 28.24 -4.29 -19.56
C GLY D 310 26.86 -4.82 -19.27
N LEU D 311 26.35 -4.51 -18.09
CA LEU D 311 25.02 -4.94 -17.71
C LEU D 311 24.02 -4.36 -18.69
N ARG D 312 24.17 -3.09 -19.04
CA ARG D 312 23.25 -2.46 -19.98
C ARG D 312 23.11 -3.30 -21.25
N GLN D 313 24.25 -3.70 -21.81
CA GLN D 313 24.27 -4.49 -23.02
C GLN D 313 23.66 -5.86 -22.74
N ALA D 314 24.03 -6.43 -21.61
CA ALA D 314 23.53 -7.73 -21.22
C ALA D 314 22.01 -7.74 -21.19
N LEU D 315 21.42 -6.68 -20.66
CA LEU D 315 19.97 -6.57 -20.53
C LEU D 315 19.27 -6.27 -21.87
N LEU D 316 19.94 -5.51 -22.73
CA LEU D 316 19.37 -5.17 -24.04
C LEU D 316 19.30 -6.45 -24.86
N ALA D 317 20.32 -7.28 -24.71
CA ALA D 317 20.41 -8.53 -25.42
C ALA D 317 19.24 -9.42 -25.05
N GLN D 318 18.66 -9.17 -23.88
CA GLN D 318 17.51 -9.93 -23.41
C GLN D 318 16.21 -9.35 -23.94
N GLY D 319 16.30 -8.24 -24.66
CA GLY D 319 15.11 -7.60 -25.20
C GLY D 319 14.39 -6.74 -24.17
N LEU D 320 15.11 -6.35 -23.13
CA LEU D 320 14.52 -5.51 -22.09
C LEU D 320 14.86 -4.06 -22.37
N ARG D 321 13.94 -3.16 -22.00
CA ARG D 321 14.18 -1.73 -22.21
C ARG D 321 14.93 -1.19 -21.02
N VAL D 322 16.25 -1.23 -21.07
CA VAL D 322 17.08 -0.75 -19.97
C VAL D 322 17.70 0.62 -20.25
N HIS D 323 17.83 1.41 -19.18
CA HIS D 323 18.41 2.75 -19.25
C HIS D 323 19.49 2.87 -18.19
N LEU D 324 20.67 3.33 -18.60
CA LEU D 324 21.78 3.52 -17.67
C LEU D 324 21.83 5.00 -17.37
N ASP D 325 21.60 5.36 -16.11
CA ASP D 325 21.63 6.77 -15.73
C ASP D 325 23.05 7.22 -15.46
N ASP D 326 23.77 7.51 -16.54
CA ASP D 326 25.16 7.95 -16.47
C ASP D 326 25.33 9.36 -15.91
N ARG D 327 24.25 10.14 -15.89
CA ARG D 327 24.29 11.52 -15.39
C ARG D 327 25.11 11.65 -14.11
N ASP D 328 26.29 12.25 -14.22
CA ASP D 328 27.18 12.44 -13.08
C ASP D 328 27.00 13.80 -12.40
N GLN D 329 26.05 14.59 -12.92
CA GLN D 329 25.78 15.90 -12.36
C GLN D 329 24.68 15.85 -11.30
N HIS D 330 24.15 14.65 -11.06
CA HIS D 330 23.10 14.44 -10.06
C HIS D 330 23.53 13.37 -9.07
N THR D 331 23.06 13.49 -7.83
CA THR D 331 23.38 12.52 -6.78
C THR D 331 22.55 11.25 -6.95
N PRO D 332 23.08 10.09 -6.53
CA PRO D 332 22.36 8.82 -6.64
C PRO D 332 20.95 8.88 -6.04
N GLY D 333 20.85 9.44 -4.84
CA GLY D 333 19.57 9.56 -4.18
C GLY D 333 18.62 10.36 -5.05
N TYR D 334 19.13 11.43 -5.66
CA TYR D 334 18.32 12.25 -6.55
C TYR D 334 17.73 11.34 -7.63
N LYS D 335 18.59 10.55 -8.25
CA LYS D 335 18.20 9.64 -9.30
C LYS D 335 17.20 8.59 -8.81
N PHE D 336 17.54 7.93 -7.71
CA PHE D 336 16.66 6.92 -7.14
C PHE D 336 15.29 7.52 -6.89
N HIS D 337 15.25 8.80 -6.57
CA HIS D 337 14.00 9.47 -6.32
C HIS D 337 13.25 9.71 -7.62
N GLU D 338 13.96 10.16 -8.64
CA GLU D 338 13.34 10.42 -9.92
C GLU D 338 12.73 9.15 -10.54
N TRP D 339 13.49 8.07 -10.59
CA TRP D 339 12.96 6.85 -11.19
C TRP D 339 11.88 6.23 -10.31
N GLU D 340 11.90 6.51 -9.02
CA GLU D 340 10.86 5.98 -8.16
C GLU D 340 9.61 6.75 -8.54
N LEU D 341 9.79 8.08 -8.61
CA LEU D 341 8.73 9.01 -8.96
C LEU D 341 8.15 8.70 -10.32
N LYS D 342 9.03 8.30 -11.25
CA LYS D 342 8.60 7.98 -12.62
C LYS D 342 8.12 6.55 -12.81
N GLY D 343 7.98 5.81 -11.72
CA GLY D 343 7.49 4.43 -11.79
C GLY D 343 8.27 3.34 -12.52
N VAL D 344 9.60 3.45 -12.60
CA VAL D 344 10.38 2.39 -13.26
C VAL D 344 10.23 1.12 -12.42
N PRO D 345 9.82 0.00 -13.05
CA PRO D 345 9.64 -1.28 -12.34
C PRO D 345 10.84 -1.68 -11.48
N PHE D 346 12.03 -1.72 -12.08
CA PHE D 346 13.22 -2.12 -11.32
C PHE D 346 14.39 -1.14 -11.42
N ARG D 347 15.12 -1.04 -10.30
CA ARG D 347 16.29 -0.19 -10.19
C ARG D 347 17.46 -1.05 -9.77
N VAL D 348 18.56 -0.98 -10.50
CA VAL D 348 19.75 -1.73 -10.13
C VAL D 348 20.80 -0.76 -9.64
N GLU D 349 21.18 -0.88 -8.37
CA GLU D 349 22.19 -0.02 -7.76
C GLU D 349 23.51 -0.74 -7.90
N LEU D 350 24.42 -0.13 -8.66
CA LEU D 350 25.73 -0.73 -8.91
C LEU D 350 26.87 0.04 -8.26
N GLY D 351 27.25 -0.39 -7.07
CA GLY D 351 28.33 0.28 -6.36
C GLY D 351 29.63 -0.50 -6.35
N PRO D 352 30.73 0.15 -5.97
CA PRO D 352 32.09 -0.39 -5.88
C PRO D 352 32.22 -1.64 -5.03
N LYS D 353 31.76 -1.52 -3.77
CA LYS D 353 31.82 -2.62 -2.82
C LYS D 353 31.22 -3.91 -3.40
N ASP D 354 29.94 -3.85 -3.77
CA ASP D 354 29.26 -5.02 -4.33
C ASP D 354 30.00 -5.54 -5.55
N LEU D 355 30.37 -4.61 -6.43
CA LEU D 355 31.07 -4.96 -7.66
C LEU D 355 32.27 -5.88 -7.41
N GLU D 356 33.02 -5.60 -6.34
CA GLU D 356 34.19 -6.40 -5.97
C GLU D 356 33.84 -7.87 -5.80
N GLY D 357 32.64 -8.12 -5.29
CA GLY D 357 32.17 -9.48 -5.09
C GLY D 357 31.28 -9.88 -6.23
N GLY D 358 31.37 -9.12 -7.32
CA GLY D 358 30.56 -9.40 -8.50
C GLY D 358 29.08 -9.38 -8.26
N GLN D 359 28.58 -8.37 -7.54
CA GLN D 359 27.16 -8.26 -7.26
C GLN D 359 26.60 -6.86 -7.46
N ALA D 360 25.29 -6.73 -7.24
CA ALA D 360 24.60 -5.45 -7.37
C ALA D 360 23.27 -5.53 -6.64
N VAL D 361 22.67 -4.38 -6.38
CA VAL D 361 21.39 -4.36 -5.66
C VAL D 361 20.19 -4.13 -6.58
N LEU D 362 19.25 -5.09 -6.56
CA LEU D 362 18.05 -4.99 -7.37
C LEU D 362 16.89 -4.50 -6.53
N ALA D 363 16.53 -3.23 -6.73
CA ALA D 363 15.41 -2.64 -5.99
C ALA D 363 14.11 -2.69 -6.79
N SER D 364 13.03 -3.12 -6.15
CA SER D 364 11.73 -3.20 -6.80
C SER D 364 10.85 -2.01 -6.44
N ARG D 365 10.17 -1.46 -7.44
CA ARG D 365 9.28 -0.31 -7.24
C ARG D 365 8.11 -0.67 -6.35
N LEU D 366 7.77 -1.95 -6.30
CA LEU D 366 6.66 -2.41 -5.48
C LEU D 366 7.12 -2.59 -4.03
N GLY D 367 8.44 -2.54 -3.84
CA GLY D 367 8.98 -2.67 -2.50
C GLY D 367 10.01 -3.78 -2.34
N GLY D 368 11.09 -3.46 -1.62
CA GLY D 368 12.13 -4.44 -1.39
C GLY D 368 13.37 -4.28 -2.23
N LYS D 369 14.46 -4.88 -1.75
CA LYS D 369 15.74 -4.85 -2.43
C LYS D 369 16.44 -6.15 -2.11
N GLU D 370 17.38 -6.56 -2.96
CA GLU D 370 18.14 -7.77 -2.70
C GLU D 370 19.42 -7.68 -3.47
N THR D 371 20.50 -8.19 -2.88
CA THR D 371 21.80 -8.18 -3.51
C THR D 371 21.93 -9.45 -4.33
N LEU D 372 22.17 -9.29 -5.62
CA LEU D 372 22.28 -10.44 -6.50
C LEU D 372 23.56 -10.39 -7.32
N PRO D 373 23.95 -11.54 -7.86
CA PRO D 373 25.17 -11.56 -8.68
C PRO D 373 24.84 -10.90 -10.01
N LEU D 374 25.76 -10.06 -10.48
CA LEU D 374 25.57 -9.37 -11.76
C LEU D 374 25.36 -10.29 -12.95
N ALA D 375 25.83 -11.53 -12.84
CA ALA D 375 25.69 -12.48 -13.94
C ALA D 375 24.31 -13.09 -14.00
N ALA D 376 23.60 -13.07 -12.87
CA ALA D 376 22.26 -13.65 -12.82
C ALA D 376 21.15 -12.70 -13.25
N LEU D 377 21.41 -11.40 -13.16
CA LEU D 377 20.43 -10.39 -13.50
C LEU D 377 19.78 -10.52 -14.89
N PRO D 378 20.59 -10.65 -15.94
CA PRO D 378 20.07 -10.77 -17.30
C PRO D 378 19.07 -11.91 -17.47
N GLU D 379 19.32 -13.02 -16.79
CA GLU D 379 18.45 -14.20 -16.89
C GLU D 379 17.23 -14.14 -15.98
N ALA D 380 17.36 -13.44 -14.86
CA ALA D 380 16.27 -13.35 -13.89
C ALA D 380 15.22 -12.30 -14.19
N LEU D 381 15.68 -11.10 -14.55
CA LEU D 381 14.81 -9.97 -14.81
C LEU D 381 13.59 -10.20 -15.69
N PRO D 382 13.78 -10.82 -16.87
CA PRO D 382 12.61 -11.04 -17.73
C PRO D 382 11.43 -11.60 -16.94
N GLY D 383 11.71 -12.60 -16.12
CA GLY D 383 10.67 -13.22 -15.32
C GLY D 383 10.15 -12.34 -14.21
N LYS D 384 11.04 -11.60 -13.57
CA LYS D 384 10.66 -10.72 -12.47
C LYS D 384 9.73 -9.63 -12.99
N LEU D 385 9.95 -9.21 -14.24
CA LEU D 385 9.09 -8.21 -14.85
C LEU D 385 7.69 -8.79 -14.96
N ASP D 386 7.60 -10.03 -15.45
CA ASP D 386 6.32 -10.73 -15.62
C ASP D 386 5.64 -10.93 -14.26
N ALA D 387 6.45 -11.03 -13.21
CA ALA D 387 5.94 -11.21 -11.87
C ALA D 387 5.36 -9.88 -11.42
N PHE D 388 6.12 -8.81 -11.66
CA PHE D 388 5.72 -7.44 -11.33
C PHE D 388 4.34 -7.22 -11.96
N HIS D 389 4.25 -7.49 -13.25
CA HIS D 389 3.02 -7.34 -14.00
C HIS D 389 1.86 -8.02 -13.29
N GLU D 390 1.99 -9.32 -13.10
CA GLU D 390 1.00 -10.14 -12.45
C GLU D 390 0.59 -9.58 -11.08
N GLU D 391 1.54 -9.03 -10.34
CA GLU D 391 1.24 -8.48 -9.02
C GLU D 391 0.35 -7.25 -9.14
N LEU D 392 0.70 -6.35 -10.05
CA LEU D 392 -0.07 -5.16 -10.28
C LEU D 392 -1.49 -5.56 -10.62
N TYR D 393 -1.62 -6.54 -11.51
CA TYR D 393 -2.94 -6.98 -11.90
C TYR D 393 -3.67 -7.55 -10.70
N ARG D 394 -3.01 -8.44 -9.98
CA ARG D 394 -3.60 -9.06 -8.80
C ARG D 394 -4.20 -8.00 -7.87
N ARG D 395 -3.36 -7.04 -7.46
CA ARG D 395 -3.79 -5.98 -6.57
C ARG D 395 -4.93 -5.20 -7.17
N ALA D 396 -4.85 -4.91 -8.46
CA ALA D 396 -5.89 -4.16 -9.15
C ALA D 396 -7.22 -4.91 -9.07
N LEU D 397 -7.17 -6.22 -9.25
CA LEU D 397 -8.37 -7.04 -9.17
C LEU D 397 -8.93 -6.97 -7.74
N ALA D 398 -8.05 -7.20 -6.77
CA ALA D 398 -8.41 -7.16 -5.37
C ALA D 398 -9.12 -5.85 -5.02
N PHE D 399 -8.54 -4.72 -5.45
CA PHE D 399 -9.15 -3.43 -5.19
C PHE D 399 -10.55 -3.39 -5.80
N ARG D 400 -10.70 -3.90 -7.03
CA ARG D 400 -12.03 -3.88 -7.65
C ARG D 400 -12.98 -4.70 -6.81
N GLU D 401 -12.53 -5.87 -6.39
CA GLU D 401 -13.34 -6.75 -5.56
C GLU D 401 -13.77 -6.00 -4.30
N ASP D 402 -12.81 -5.43 -3.58
CA ASP D 402 -13.09 -4.71 -2.35
C ASP D 402 -13.88 -3.43 -2.61
N HIS D 403 -14.16 -3.11 -3.87
CA HIS D 403 -14.89 -1.89 -4.19
C HIS D 403 -16.09 -2.03 -5.13
N THR D 404 -16.63 -3.24 -5.20
CA THR D 404 -17.79 -3.53 -6.03
C THR D 404 -18.84 -4.08 -5.07
N ARG D 405 -20.07 -3.57 -5.17
CA ARG D 405 -21.12 -4.00 -4.27
C ARG D 405 -22.51 -4.06 -4.90
N LYS D 406 -23.19 -5.19 -4.74
CA LYS D 406 -24.54 -5.36 -5.26
C LYS D 406 -25.45 -4.58 -4.32
N VAL D 407 -26.39 -3.82 -4.87
CA VAL D 407 -27.29 -3.07 -4.02
C VAL D 407 -28.73 -3.29 -4.47
N ASP D 408 -29.66 -3.26 -3.52
CA ASP D 408 -31.07 -3.44 -3.82
C ASP D 408 -31.95 -2.29 -3.34
N THR D 409 -31.36 -1.35 -2.62
CA THR D 409 -32.10 -0.18 -2.14
C THR D 409 -31.33 1.04 -2.60
N TYR D 410 -32.03 2.15 -2.84
CA TYR D 410 -31.38 3.37 -3.29
C TYR D 410 -30.44 3.93 -2.23
N GLU D 411 -30.69 3.56 -0.97
CA GLU D 411 -29.86 4.01 0.15
C GLU D 411 -28.51 3.30 0.05
N ALA D 412 -28.55 1.99 -0.18
CA ALA D 412 -27.33 1.19 -0.31
C ALA D 412 -26.58 1.65 -1.55
N PHE D 413 -27.33 1.92 -2.61
CA PHE D 413 -26.75 2.40 -3.86
C PHE D 413 -25.93 3.65 -3.57
N LYS D 414 -26.55 4.63 -2.92
CA LYS D 414 -25.86 5.87 -2.60
C LYS D 414 -24.56 5.63 -1.85
N GLU D 415 -24.54 4.58 -1.04
CA GLU D 415 -23.34 4.26 -0.26
C GLU D 415 -22.31 3.64 -1.19
N ALA D 416 -22.75 2.68 -1.99
CA ALA D 416 -21.88 1.99 -2.94
C ALA D 416 -21.14 2.92 -3.91
N VAL D 417 -21.86 3.82 -4.57
CA VAL D 417 -21.23 4.73 -5.52
C VAL D 417 -20.27 5.71 -4.84
N GLN D 418 -20.10 5.58 -3.54
CA GLN D 418 -19.21 6.45 -2.77
C GLN D 418 -17.90 5.70 -2.57
N GLU D 419 -17.96 4.38 -2.79
CA GLU D 419 -16.80 3.52 -2.64
C GLU D 419 -16.32 3.02 -3.98
N GLY D 420 -17.25 2.81 -4.91
CA GLY D 420 -16.88 2.33 -6.23
C GLY D 420 -18.07 1.85 -7.05
N PHE D 421 -17.94 0.67 -7.63
CA PHE D 421 -18.98 0.09 -8.47
C PHE D 421 -20.21 -0.29 -7.67
N ALA D 422 -21.36 -0.07 -8.27
CA ALA D 422 -22.63 -0.40 -7.67
C ALA D 422 -23.42 -1.25 -8.68
N LEU D 423 -23.65 -2.52 -8.35
CA LEU D 423 -24.41 -3.43 -9.21
C LEU D 423 -25.90 -3.32 -8.85
N ALA D 424 -26.63 -2.55 -9.65
CA ALA D 424 -28.04 -2.34 -9.37
C ALA D 424 -28.93 -2.65 -10.57
N PHE D 425 -30.21 -2.88 -10.27
CA PHE D 425 -31.21 -3.17 -11.29
C PHE D 425 -31.70 -1.84 -11.80
N HIS D 426 -32.07 -1.78 -13.07
CA HIS D 426 -32.59 -0.54 -13.61
C HIS D 426 -33.74 -0.79 -14.59
N CYS D 427 -34.72 0.10 -14.54
CA CYS D 427 -35.91 0.00 -15.37
C CYS D 427 -35.60 0.16 -16.86
N GLY D 428 -34.52 0.87 -17.17
CA GLY D 428 -34.17 1.08 -18.55
C GLY D 428 -34.63 2.41 -19.11
N ASP D 429 -35.41 3.16 -18.34
CA ASP D 429 -35.92 4.47 -18.76
C ASP D 429 -34.84 5.53 -18.62
N LYS D 430 -34.63 6.32 -19.67
CA LYS D 430 -33.61 7.37 -19.65
C LYS D 430 -33.92 8.43 -18.61
N ALA D 431 -35.20 8.72 -18.45
CA ALA D 431 -35.60 9.72 -17.48
C ALA D 431 -35.13 9.33 -16.09
N CYS D 432 -35.37 8.07 -15.72
CA CYS D 432 -34.99 7.57 -14.41
C CYS D 432 -33.48 7.58 -14.24
N GLU D 433 -32.79 7.08 -15.25
CA GLU D 433 -31.32 7.02 -15.23
C GLU D 433 -30.72 8.41 -15.04
N ARG D 434 -31.31 9.38 -15.73
CA ARG D 434 -30.90 10.77 -15.68
C ARG D 434 -31.11 11.29 -14.26
N LEU D 435 -32.24 10.90 -13.66
CA LEU D 435 -32.59 11.30 -12.31
C LEU D 435 -31.54 10.84 -11.30
N ILE D 436 -31.16 9.57 -11.41
CA ILE D 436 -30.17 8.97 -10.53
C ILE D 436 -28.89 9.78 -10.58
N GLN D 437 -28.51 10.22 -11.78
CA GLN D 437 -27.30 11.00 -11.93
C GLN D 437 -27.45 12.39 -11.34
N GLU D 438 -28.59 13.04 -11.59
CA GLU D 438 -28.82 14.36 -11.04
C GLU D 438 -28.76 14.31 -9.52
N GLU D 439 -29.27 13.20 -8.96
CA GLU D 439 -29.31 13.00 -7.52
C GLU D 439 -28.03 12.50 -6.89
N THR D 440 -27.40 11.51 -7.48
CA THR D 440 -26.18 10.92 -6.93
C THR D 440 -24.92 11.22 -7.72
N THR D 441 -25.09 11.80 -8.91
CA THR D 441 -24.00 12.14 -9.82
C THR D 441 -23.38 10.86 -10.41
N ALA D 442 -23.95 9.72 -10.03
CA ALA D 442 -23.50 8.42 -10.52
C ALA D 442 -24.08 8.17 -11.90
N THR D 443 -23.35 7.43 -12.73
CA THR D 443 -23.79 7.12 -14.08
C THR D 443 -23.71 5.64 -14.35
N THR D 444 -24.37 5.21 -15.41
CA THR D 444 -24.29 3.81 -15.78
C THR D 444 -22.98 3.68 -16.54
N ARG D 445 -22.19 2.68 -16.19
CA ARG D 445 -20.92 2.47 -16.85
C ARG D 445 -21.11 1.50 -18.01
N CYS D 446 -21.90 0.46 -17.78
CA CYS D 446 -22.18 -0.51 -18.82
C CYS D 446 -23.05 -1.65 -18.32
N VAL D 447 -23.61 -2.40 -19.26
CA VAL D 447 -24.42 -3.56 -18.98
C VAL D 447 -23.45 -4.64 -19.43
N PRO D 448 -22.72 -5.23 -18.48
CA PRO D 448 -21.72 -6.27 -18.74
C PRO D 448 -22.16 -7.44 -19.60
N PHE D 449 -21.30 -7.83 -20.52
CA PHE D 449 -21.56 -8.94 -21.41
C PHE D 449 -21.77 -10.21 -20.60
N GLU D 450 -20.82 -10.51 -19.74
CA GLU D 450 -20.93 -11.70 -18.90
C GLU D 450 -21.21 -11.32 -17.47
N ALA D 451 -22.47 -11.51 -17.07
CA ALA D 451 -22.92 -11.19 -15.73
C ALA D 451 -24.10 -12.10 -15.42
N GLU D 452 -24.16 -12.53 -14.18
CA GLU D 452 -25.23 -13.41 -13.71
C GLU D 452 -26.60 -12.84 -14.08
N PRO D 453 -27.40 -13.63 -14.80
CA PRO D 453 -28.75 -13.23 -15.23
C PRO D 453 -29.69 -13.01 -14.06
N GLU D 454 -30.12 -11.76 -13.87
CA GLU D 454 -31.02 -11.44 -12.76
C GLU D 454 -32.19 -10.58 -13.21
N GLU D 455 -33.30 -10.74 -12.51
CA GLU D 455 -34.52 -10.00 -12.79
C GLU D 455 -34.92 -9.38 -11.46
N GLY D 456 -35.30 -8.11 -11.47
CA GLY D 456 -35.68 -7.46 -10.23
C GLY D 456 -36.50 -6.19 -10.40
N PHE D 457 -36.19 -5.19 -9.61
CA PHE D 457 -36.89 -3.91 -9.68
C PHE D 457 -35.91 -2.76 -9.57
N CYS D 458 -36.06 -1.78 -10.46
CA CYS D 458 -35.18 -0.62 -10.50
C CYS D 458 -34.82 -0.09 -9.13
N VAL D 459 -33.52 0.06 -8.88
CA VAL D 459 -33.03 0.54 -7.60
C VAL D 459 -33.55 1.93 -7.25
N ARG D 460 -34.08 2.63 -8.25
CA ARG D 460 -34.55 3.99 -8.02
C ARG D 460 -36.05 4.20 -8.09
N CYS D 461 -36.71 3.68 -9.11
CA CYS D 461 -38.15 3.89 -9.24
C CYS D 461 -39.00 2.67 -8.89
N GLY D 462 -38.36 1.54 -8.61
CA GLY D 462 -39.10 0.35 -8.24
C GLY D 462 -39.73 -0.46 -9.36
N ARG D 463 -39.82 0.13 -10.56
CA ARG D 463 -40.40 -0.58 -11.70
C ARG D 463 -39.56 -1.80 -12.08
N PRO D 464 -40.14 -2.73 -12.86
CA PRO D 464 -39.43 -3.94 -13.30
C PRO D 464 -38.10 -3.65 -13.97
N SER D 465 -37.08 -4.46 -13.67
CA SER D 465 -35.75 -4.26 -14.24
C SER D 465 -35.61 -4.68 -15.71
N ALA D 466 -34.67 -4.04 -16.40
CA ALA D 466 -34.40 -4.35 -17.80
C ALA D 466 -33.03 -5.00 -17.94
N TYR D 467 -32.65 -5.25 -19.19
CA TYR D 467 -31.35 -5.85 -19.52
C TYR D 467 -31.18 -7.29 -19.04
N GLY D 468 -32.11 -7.78 -18.22
CA GLY D 468 -32.01 -9.15 -17.73
C GLY D 468 -30.84 -9.42 -16.79
N LYS D 469 -30.23 -8.35 -16.28
CA LYS D 469 -29.10 -8.45 -15.38
C LYS D 469 -28.88 -7.11 -14.69
N ARG D 470 -28.02 -7.08 -13.69
CA ARG D 470 -27.73 -5.84 -12.98
C ARG D 470 -26.78 -4.98 -13.79
N VAL D 471 -27.07 -3.68 -13.83
CA VAL D 471 -26.22 -2.74 -14.56
C VAL D 471 -25.12 -2.22 -13.64
N VAL D 472 -23.95 -1.94 -14.18
CA VAL D 472 -22.84 -1.42 -13.39
C VAL D 472 -22.96 0.09 -13.28
N PHE D 473 -22.99 0.61 -12.05
CA PHE D 473 -23.08 2.04 -11.82
C PHE D 473 -21.84 2.51 -11.07
N ALA D 474 -21.62 3.82 -11.07
CA ALA D 474 -20.48 4.43 -10.38
C ALA D 474 -20.30 5.90 -10.72
N LYS D 475 -19.49 6.59 -9.94
CA LYS D 475 -19.17 7.98 -10.20
C LYS D 475 -18.01 7.84 -11.18
N ALA D 476 -18.11 8.46 -12.35
CA ALA D 476 -17.05 8.32 -13.33
C ALA D 476 -16.34 9.58 -13.73
N TYR D 477 -15.16 9.38 -14.32
CA TYR D 477 -14.33 10.47 -14.83
C TYR D 477 -14.88 10.86 -16.20
#